data_7BT9
#
_entry.id   7BT9
#
_cell.length_a   168.849
_cell.length_b   168.849
_cell.length_c   193.639
_cell.angle_alpha   90.000
_cell.angle_beta   90.000
_cell.angle_gamma   90.000
#
_symmetry.space_group_name_H-M   'P 41 21 2'
#
loop_
_entity.id
_entity.type
_entity.pdbx_description
1 polymer lectin
2 non-polymer alpha-D-mannopyranose
#
_entity_poly.entity_id   1
_entity_poly.type   'polypeptide(L)'
_entity_poly.pdbx_seq_one_letter_code
;MAQNDNYIYSTEVGGVGGTPFTFMQESGTITSIKFNWSDQYKLLHHIEVKFINNANIYATGDPKGNHEVILEIDDDETII
GSVIGYKKGNDGRCTGVKLTTSKGKSIMAGYFEESLITTYTGKLAGIKGGAGSDIDRLGLIFLKK
;
_entity_poly.pdbx_strand_id   B,G,A,D,E,F,C,H,I,J,K,L,M,N
#
# COMPACT_ATOMS: atom_id res chain seq x y z
N ASP A 5 -38.83 -25.42 22.60
CA ASP A 5 -38.17 -24.13 22.29
C ASP A 5 -38.31 -23.93 20.79
N ASN A 6 -38.79 -22.76 20.36
CA ASN A 6 -38.91 -22.29 18.94
C ASN A 6 -37.71 -21.38 18.58
N TYR A 7 -36.62 -21.41 19.35
CA TYR A 7 -35.56 -20.39 19.27
C TYR A 7 -34.20 -21.04 19.05
N ILE A 8 -33.27 -20.42 18.30
CA ILE A 8 -31.82 -20.77 18.23
C ILE A 8 -31.05 -19.80 19.13
N TYR A 9 -30.28 -20.29 20.12
CA TYR A 9 -29.42 -19.44 20.99
C TYR A 9 -28.01 -19.52 20.44
N SER A 10 -27.53 -18.50 19.74
CA SER A 10 -26.09 -18.41 19.39
C SER A 10 -25.23 -18.33 20.67
N THR A 11 -24.04 -18.92 20.67
CA THR A 11 -23.04 -18.86 21.78
C THR A 11 -22.93 -17.43 22.28
N GLU A 12 -23.15 -17.24 23.59
CA GLU A 12 -22.75 -15.99 24.28
C GLU A 12 -21.23 -15.90 24.23
N VAL A 13 -20.65 -14.81 23.72
CA VAL A 13 -19.17 -14.62 23.71
C VAL A 13 -18.82 -13.48 24.65
N GLY A 14 -17.60 -13.48 25.15
CA GLY A 14 -17.12 -12.47 26.12
C GLY A 14 -16.82 -13.07 27.47
N GLY A 15 -17.01 -12.29 28.52
CA GLY A 15 -16.63 -12.70 29.89
C GLY A 15 -17.85 -13.08 30.73
N VAL A 16 -17.55 -13.40 32.00
CA VAL A 16 -18.55 -13.77 33.05
C VAL A 16 -19.08 -12.52 33.79
N GLY A 17 -18.49 -11.33 33.53
CA GLY A 17 -18.76 -10.07 34.26
C GLY A 17 -20.16 -9.53 34.04
N GLY A 18 -20.47 -8.46 34.76
CA GLY A 18 -21.65 -7.62 34.49
C GLY A 18 -22.96 -8.21 34.95
N THR A 19 -23.99 -7.40 34.91
CA THR A 19 -25.38 -7.75 35.29
C THR A 19 -26.02 -8.55 34.17
N PRO A 20 -26.59 -9.77 34.39
CA PRO A 20 -27.40 -10.44 33.36
C PRO A 20 -28.54 -9.59 32.77
N PHE A 21 -28.73 -9.74 31.46
CA PHE A 21 -29.93 -9.31 30.70
C PHE A 21 -30.37 -10.47 29.82
N THR A 22 -31.68 -10.58 29.58
CA THR A 22 -32.32 -11.42 28.54
C THR A 22 -33.60 -10.72 28.08
N PHE A 23 -33.61 -10.30 26.82
CA PHE A 23 -34.62 -9.44 26.17
C PHE A 23 -35.20 -10.23 25.01
N MET A 24 -36.48 -10.58 25.04
CA MET A 24 -37.11 -11.43 24.01
C MET A 24 -38.55 -11.33 24.34
N GLN A 25 -39.42 -11.51 23.38
CA GLN A 25 -40.88 -11.43 23.63
C GLN A 25 -41.48 -12.59 22.85
N GLU A 26 -42.32 -13.41 23.47
CA GLU A 26 -42.93 -14.50 22.71
C GLU A 26 -43.74 -13.88 21.57
N SER A 27 -43.55 -14.41 20.37
CA SER A 27 -44.20 -13.95 19.12
C SER A 27 -43.79 -12.51 18.83
N GLY A 28 -42.54 -12.15 19.09
CA GLY A 28 -42.08 -10.79 18.84
C GLY A 28 -40.70 -10.81 18.24
N THR A 29 -40.40 -9.86 17.37
CA THR A 29 -39.03 -9.81 16.78
C THR A 29 -38.42 -8.45 17.03
N ILE A 30 -37.10 -8.35 16.92
CA ILE A 30 -36.38 -7.08 17.12
C ILE A 30 -36.64 -6.21 15.91
N THR A 31 -37.11 -4.99 16.12
CA THR A 31 -37.44 -4.09 15.01
C THR A 31 -36.36 -3.03 14.94
N SER A 32 -35.49 -3.03 15.93
CA SER A 32 -34.41 -2.02 16.07
C SER A 32 -33.40 -2.47 17.13
N ILE A 33 -32.12 -2.20 16.94
CA ILE A 33 -31.05 -2.53 17.91
C ILE A 33 -29.93 -1.51 17.74
N LYS A 34 -29.47 -0.98 18.87
CA LYS A 34 -28.48 0.11 18.97
C LYS A 34 -27.23 -0.42 19.68
N PHE A 35 -26.06 -0.14 19.14
CA PHE A 35 -24.75 -0.48 19.72
C PHE A 35 -24.01 0.83 19.95
N ASN A 36 -23.54 1.03 21.18
CA ASN A 36 -22.75 2.20 21.59
C ASN A 36 -21.37 1.67 21.96
N TRP A 37 -20.34 2.28 21.38
CA TRP A 37 -18.93 1.93 21.68
C TRP A 37 -18.07 3.19 21.83
N SER A 38 -16.82 2.97 22.24
CA SER A 38 -15.79 4.00 22.55
C SER A 38 -14.53 3.72 21.73
N ASP A 39 -13.86 4.76 21.29
CA ASP A 39 -12.47 4.67 20.75
C ASP A 39 -11.49 4.51 21.92
N GLN A 40 -11.83 5.01 23.11
CA GLN A 40 -10.91 4.96 24.29
C GLN A 40 -10.58 3.50 24.63
N TYR A 41 -11.62 2.70 24.89
CA TYR A 41 -11.50 1.30 25.39
C TYR A 41 -11.59 0.33 24.21
N LYS A 42 -12.09 0.75 23.06
CA LYS A 42 -12.28 -0.21 21.95
C LYS A 42 -13.27 -1.33 22.38
N LEU A 43 -14.33 -0.97 23.11
CA LEU A 43 -15.32 -1.95 23.62
C LEU A 43 -16.72 -1.48 23.26
N LEU A 44 -17.67 -2.40 23.09
CA LEU A 44 -19.10 -2.08 23.27
C LEU A 44 -19.35 -1.85 24.76
N HIS A 45 -20.18 -0.85 25.04
CA HIS A 45 -20.54 -0.40 26.40
C HIS A 45 -22.03 -0.58 26.64
N HIS A 46 -22.87 -0.20 25.66
CA HIS A 46 -24.34 -0.10 25.87
C HIS A 46 -25.05 -0.75 24.69
N ILE A 47 -26.21 -1.36 24.92
CA ILE A 47 -27.07 -1.93 23.84
C ILE A 47 -28.49 -1.55 24.12
N GLU A 48 -29.26 -1.19 23.10
CA GLU A 48 -30.72 -1.03 23.28
C GLU A 48 -31.47 -1.79 22.19
N VAL A 49 -32.64 -2.28 22.54
CA VAL A 49 -33.53 -3.09 21.65
C VAL A 49 -34.94 -2.55 21.79
N LYS A 50 -35.65 -2.37 20.67
CA LYS A 50 -37.13 -2.18 20.61
C LYS A 50 -37.66 -3.44 19.93
N PHE A 51 -38.87 -3.88 20.28
CA PHE A 51 -39.56 -5.03 19.63
C PHE A 51 -40.71 -4.51 18.79
N ILE A 52 -41.06 -5.25 17.75
CA ILE A 52 -42.25 -5.01 16.89
C ILE A 52 -43.47 -4.69 17.77
N ASN A 53 -44.22 -3.63 17.47
CA ASN A 53 -45.54 -3.29 18.09
C ASN A 53 -45.31 -2.83 19.54
N ASN A 54 -44.16 -2.25 19.85
CA ASN A 54 -43.74 -1.89 21.24
C ASN A 54 -42.73 -0.74 21.17
N ALA A 55 -43.14 0.43 21.66
CA ALA A 55 -42.32 1.67 21.66
C ALA A 55 -41.22 1.57 22.73
N ASN A 56 -41.39 0.71 23.73
CA ASN A 56 -40.46 0.50 24.87
C ASN A 56 -39.07 0.01 24.40
N ILE A 57 -38.07 0.70 24.94
CA ILE A 57 -36.60 0.46 24.88
C ILE A 57 -36.08 -0.38 26.07
N TYR A 58 -35.56 -1.56 25.71
CA TYR A 58 -34.89 -2.53 26.62
C TYR A 58 -33.40 -2.29 26.53
N ALA A 59 -32.80 -1.76 27.56
CA ALA A 59 -31.39 -1.29 27.52
C ALA A 59 -30.54 -2.07 28.53
N THR A 60 -29.25 -2.09 28.25
CA THR A 60 -28.26 -2.74 29.13
C THR A 60 -26.93 -2.00 28.96
N GLY A 61 -26.13 -1.90 30.00
CA GLY A 61 -24.82 -1.25 29.87
C GLY A 61 -24.84 0.24 30.14
N ASP A 62 -23.65 0.79 30.29
CA ASP A 62 -23.41 2.23 30.55
C ASP A 62 -23.18 2.93 29.21
N PRO A 63 -24.09 3.81 28.75
CA PRO A 63 -23.95 4.48 27.46
C PRO A 63 -22.86 5.56 27.53
N LYS A 64 -21.61 5.16 27.57
CA LYS A 64 -20.48 6.11 27.73
C LYS A 64 -19.58 6.15 26.48
N GLY A 65 -19.92 5.40 25.44
CA GLY A 65 -19.16 5.43 24.19
C GLY A 65 -19.40 6.72 23.41
N ASN A 66 -18.45 7.08 22.57
CA ASN A 66 -18.48 8.33 21.77
C ASN A 66 -19.24 8.01 20.48
N HIS A 67 -19.48 6.74 20.15
CA HIS A 67 -20.27 6.35 18.96
C HIS A 67 -21.49 5.48 19.31
N GLU A 68 -22.53 5.51 18.49
CA GLU A 68 -23.63 4.50 18.48
C GLU A 68 -24.05 4.26 17.02
N VAL A 69 -24.52 3.06 16.66
CA VAL A 69 -25.19 2.78 15.37
C VAL A 69 -26.52 2.15 15.69
N ILE A 70 -27.55 2.48 14.94
CA ILE A 70 -28.88 1.86 15.06
C ILE A 70 -29.12 1.09 13.78
N LEU A 71 -29.57 -0.15 13.88
CA LEU A 71 -30.12 -0.86 12.69
C LEU A 71 -31.63 -1.06 12.88
N GLU A 72 -32.44 -0.48 12.01
CA GLU A 72 -33.90 -0.78 12.00
C GLU A 72 -34.13 -1.95 11.07
N ILE A 73 -34.94 -2.92 11.49
CA ILE A 73 -35.30 -4.16 10.75
C ILE A 73 -36.77 -4.06 10.35
N ASP A 74 -37.09 -4.15 9.05
CA ASP A 74 -38.47 -4.23 8.47
C ASP A 74 -39.07 -5.55 8.96
N ASP A 75 -40.37 -5.77 8.82
CA ASP A 75 -41.02 -6.92 9.51
C ASP A 75 -40.54 -8.26 8.91
N ASP A 76 -40.17 -8.30 7.62
CA ASP A 76 -39.90 -9.52 6.82
C ASP A 76 -38.39 -9.67 6.55
N GLU A 77 -37.57 -8.77 7.09
CA GLU A 77 -36.10 -8.71 6.91
C GLU A 77 -35.38 -9.55 7.99
N THR A 78 -34.44 -10.41 7.58
CA THR A 78 -33.72 -11.35 8.49
C THR A 78 -32.23 -11.00 8.48
N ILE A 79 -31.46 -11.60 9.39
CA ILE A 79 -29.97 -11.52 9.41
C ILE A 79 -29.36 -12.74 8.70
N ILE A 80 -28.61 -12.47 7.62
CA ILE A 80 -27.86 -13.43 6.76
C ILE A 80 -26.37 -13.40 7.09
N GLY A 81 -25.88 -12.37 7.78
CA GLY A 81 -24.47 -12.17 8.14
C GLY A 81 -24.36 -11.53 9.52
N SER A 82 -23.65 -12.15 10.45
CA SER A 82 -23.55 -11.68 11.84
C SER A 82 -22.21 -12.14 12.43
N VAL A 83 -21.37 -11.17 12.78
CA VAL A 83 -19.99 -11.34 13.34
C VAL A 83 -19.85 -10.47 14.59
N ILE A 84 -19.48 -11.09 15.73
CA ILE A 84 -19.25 -10.34 17.01
C ILE A 84 -17.75 -10.46 17.33
N GLY A 85 -17.06 -9.33 17.41
CA GLY A 85 -15.68 -9.30 17.91
C GLY A 85 -15.70 -9.27 19.42
N TYR A 86 -14.76 -9.95 20.08
CA TYR A 86 -14.80 -10.10 21.55
C TYR A 86 -13.40 -10.48 22.04
N LYS A 87 -13.12 -10.23 23.31
CA LYS A 87 -11.90 -10.71 24.00
C LYS A 87 -12.32 -11.91 24.83
N LYS A 88 -11.61 -13.03 24.66
CA LYS A 88 -12.01 -14.33 25.24
C LYS A 88 -11.50 -14.35 26.67
N GLY A 89 -11.97 -15.33 27.44
CA GLY A 89 -11.59 -15.63 28.83
C GLY A 89 -12.64 -15.10 29.80
N ASN A 90 -12.51 -15.44 31.09
CA ASN A 90 -13.45 -15.02 32.18
C ASN A 90 -13.51 -13.49 32.31
N ASP A 91 -12.39 -12.79 32.16
CA ASP A 91 -12.36 -11.32 32.31
C ASP A 91 -12.64 -10.69 30.92
N GLY A 92 -13.31 -11.44 30.05
CA GLY A 92 -13.48 -11.09 28.63
C GLY A 92 -14.53 -10.02 28.42
N ARG A 93 -14.62 -9.50 27.19
CA ARG A 93 -15.55 -8.40 26.82
C ARG A 93 -15.96 -8.49 25.35
N CYS A 94 -17.07 -7.85 24.99
CA CYS A 94 -17.52 -7.77 23.59
C CYS A 94 -16.97 -6.49 22.98
N THR A 95 -16.40 -6.56 21.79
CA THR A 95 -15.72 -5.36 21.24
C THR A 95 -16.35 -4.83 19.94
N GLY A 96 -17.02 -5.68 19.17
CA GLY A 96 -17.55 -5.21 17.86
C GLY A 96 -18.76 -6.02 17.40
N VAL A 97 -19.56 -5.48 16.50
CA VAL A 97 -20.63 -6.23 15.79
C VAL A 97 -20.74 -5.72 14.34
N LYS A 98 -20.52 -6.60 13.35
CA LYS A 98 -21.00 -6.43 11.94
C LYS A 98 -22.30 -7.25 11.80
N LEU A 99 -23.44 -6.65 11.41
CA LEU A 99 -24.69 -7.34 10.94
C LEU A 99 -25.03 -6.91 9.50
N THR A 100 -25.54 -7.84 8.69
CA THR A 100 -25.98 -7.60 7.31
C THR A 100 -27.34 -8.28 7.19
N THR A 101 -28.20 -7.72 6.37
CA THR A 101 -29.60 -8.17 6.35
C THR A 101 -29.92 -8.71 4.97
N SER A 102 -31.08 -9.36 4.89
CA SER A 102 -31.67 -9.95 3.68
C SER A 102 -32.02 -8.84 2.66
N LYS A 103 -32.06 -7.57 3.06
CA LYS A 103 -32.28 -6.40 2.15
C LYS A 103 -30.96 -5.67 1.83
N GLY A 104 -29.81 -6.22 2.21
CA GLY A 104 -28.52 -5.59 1.91
C GLY A 104 -28.19 -4.41 2.83
N LYS A 105 -28.94 -4.26 3.93
CA LYS A 105 -28.58 -3.28 4.99
C LYS A 105 -27.52 -3.91 5.87
N SER A 106 -26.72 -3.04 6.47
CA SER A 106 -25.57 -3.43 7.30
C SER A 106 -25.23 -2.32 8.31
N ILE A 107 -24.74 -2.75 9.46
CA ILE A 107 -24.08 -1.84 10.44
C ILE A 107 -22.78 -2.50 10.88
N MET A 108 -21.85 -1.65 11.30
CA MET A 108 -20.51 -1.96 11.83
C MET A 108 -20.35 -1.10 13.08
N ALA A 109 -20.13 -1.71 14.24
CA ALA A 109 -19.85 -1.06 15.54
C ALA A 109 -18.53 -1.58 16.13
N GLY A 110 -17.68 -0.65 16.62
CA GLY A 110 -16.44 -0.89 17.38
C GLY A 110 -15.37 -1.70 16.62
N TYR A 111 -14.69 -2.63 17.31
CA TYR A 111 -13.40 -3.21 16.91
C TYR A 111 -13.44 -4.74 16.96
N PHE A 112 -12.50 -5.32 16.20
CA PHE A 112 -12.37 -6.76 15.83
C PHE A 112 -10.89 -7.13 15.85
N GLU A 113 -10.23 -6.94 16.99
CA GLU A 113 -8.75 -7.09 17.06
C GLU A 113 -8.36 -8.45 17.66
N GLU A 114 -9.23 -9.20 18.35
CA GLU A 114 -8.83 -10.50 18.98
C GLU A 114 -9.62 -11.70 18.44
N SER A 115 -10.86 -11.91 18.89
CA SER A 115 -11.66 -13.13 18.62
C SER A 115 -12.94 -12.72 17.89
N LEU A 116 -13.47 -13.57 17.00
CA LEU A 116 -14.75 -13.37 16.25
C LEU A 116 -15.56 -14.65 16.42
N ILE A 117 -16.88 -14.53 16.39
CA ILE A 117 -17.82 -15.63 16.03
C ILE A 117 -18.61 -15.17 14.80
N THR A 118 -18.71 -16.01 13.77
CA THR A 118 -19.75 -15.87 12.72
C THR A 118 -20.95 -16.70 13.14
N THR A 119 -22.04 -16.05 13.53
CA THR A 119 -23.15 -16.71 14.23
C THR A 119 -24.07 -17.39 13.23
N TYR A 120 -25.11 -17.93 13.82
CA TYR A 120 -26.27 -18.46 13.09
C TYR A 120 -26.99 -17.26 12.48
N THR A 121 -27.85 -17.63 11.60
CA THR A 121 -28.59 -16.59 10.85
C THR A 121 -30.10 -16.80 10.99
N GLY A 122 -30.85 -15.77 10.62
CA GLY A 122 -32.31 -15.82 10.50
C GLY A 122 -32.96 -14.59 11.10
N LYS A 123 -34.21 -14.69 11.52
CA LYS A 123 -34.99 -13.55 12.05
C LYS A 123 -34.56 -13.31 13.51
N LEU A 124 -33.90 -12.17 13.77
CA LEU A 124 -33.40 -11.78 15.12
C LEU A 124 -34.57 -11.58 16.10
N ALA A 125 -34.63 -12.38 17.17
CA ALA A 125 -35.76 -12.48 18.13
C ALA A 125 -35.40 -11.75 19.43
N GLY A 126 -34.17 -11.90 19.89
CA GLY A 126 -33.74 -11.26 21.14
C GLY A 126 -32.24 -11.30 21.37
N ILE A 127 -31.82 -10.81 22.55
CA ILE A 127 -30.40 -10.83 23.01
C ILE A 127 -30.33 -11.20 24.51
N LYS A 128 -29.14 -11.66 24.92
CA LYS A 128 -28.82 -12.38 26.17
C LYS A 128 -27.37 -12.03 26.50
N GLY A 129 -27.07 -11.75 27.75
CA GLY A 129 -25.65 -11.61 28.12
C GLY A 129 -25.51 -10.98 29.47
N GLY A 130 -24.40 -10.27 29.67
CA GLY A 130 -24.14 -9.46 30.86
C GLY A 130 -23.37 -8.21 30.53
N ALA A 131 -23.69 -7.11 31.22
CA ALA A 131 -23.20 -5.74 30.97
C ALA A 131 -23.19 -4.95 32.28
N GLY A 132 -22.15 -4.15 32.46
CA GLY A 132 -22.06 -3.09 33.49
C GLY A 132 -21.54 -1.82 32.86
N SER A 133 -20.33 -1.40 33.18
CA SER A 133 -19.61 -0.32 32.45
C SER A 133 -19.54 -0.65 30.96
N ASP A 134 -19.34 -1.93 30.65
CA ASP A 134 -19.15 -2.50 29.30
C ASP A 134 -20.22 -3.58 29.02
N ILE A 135 -20.21 -4.08 27.79
CA ILE A 135 -20.88 -5.35 27.43
C ILE A 135 -19.86 -6.44 27.69
N ASP A 136 -20.02 -7.19 28.77
CA ASP A 136 -19.06 -8.31 29.07
C ASP A 136 -19.32 -9.42 28.05
N ARG A 137 -20.60 -9.63 27.70
CA ARG A 137 -21.10 -10.90 27.13
C ARG A 137 -22.33 -10.65 26.28
N LEU A 138 -22.39 -11.25 25.10
CA LEU A 138 -23.53 -11.12 24.14
C LEU A 138 -23.70 -12.44 23.35
N GLY A 139 -24.89 -12.99 23.35
CA GLY A 139 -25.34 -14.01 22.41
C GLY A 139 -26.61 -13.54 21.76
N LEU A 140 -26.72 -13.74 20.46
CA LEU A 140 -27.94 -13.41 19.71
C LEU A 140 -28.92 -14.59 19.82
N ILE A 141 -30.15 -14.35 19.49
CA ILE A 141 -31.25 -15.37 19.52
C ILE A 141 -32.13 -15.16 18.27
N PHE A 142 -32.40 -16.22 17.53
CA PHE A 142 -33.18 -16.15 16.26
C PHE A 142 -34.40 -17.06 16.37
N LEU A 143 -35.33 -16.91 15.43
CA LEU A 143 -36.45 -17.86 15.26
C LEU A 143 -36.01 -19.05 14.41
N LYS A 144 -36.70 -20.21 14.50
CA LYS A 144 -36.38 -21.49 13.80
C LYS A 144 -36.85 -21.40 12.34
N TYR B 7 -19.77 -41.26 4.76
CA TYR B 7 -18.74 -40.25 5.18
C TYR B 7 -17.64 -40.16 4.10
N ILE B 8 -17.24 -38.93 3.65
CA ILE B 8 -16.03 -38.56 2.84
C ILE B 8 -14.89 -38.09 3.76
N TYR B 9 -13.70 -38.73 3.75
CA TYR B 9 -12.59 -38.41 4.67
C TYR B 9 -11.57 -37.57 3.90
N SER B 10 -11.51 -36.24 4.11
CA SER B 10 -10.43 -35.34 3.58
C SER B 10 -9.07 -35.73 4.17
N THR B 11 -8.01 -35.54 3.42
CA THR B 11 -6.61 -35.80 3.79
C THR B 11 -6.31 -35.07 5.11
N GLU B 12 -5.87 -35.83 6.10
CA GLU B 12 -5.19 -35.30 7.29
C GLU B 12 -3.83 -34.74 6.85
N VAL B 13 -3.63 -33.45 7.07
CA VAL B 13 -2.40 -32.69 6.73
C VAL B 13 -1.80 -32.14 8.02
N GLY B 14 -0.45 -32.09 8.03
CA GLY B 14 0.41 -31.83 9.20
C GLY B 14 1.33 -33.01 9.51
N GLY B 15 1.75 -33.12 10.77
CA GLY B 15 2.73 -34.14 11.21
C GLY B 15 2.10 -35.40 11.78
N VAL B 16 2.95 -36.28 12.29
CA VAL B 16 2.55 -37.56 12.95
C VAL B 16 2.41 -37.40 14.48
N GLY B 17 2.90 -36.31 15.05
CA GLY B 17 2.84 -36.08 16.50
C GLY B 17 1.43 -36.07 17.11
N GLY B 18 1.45 -35.99 18.45
CA GLY B 18 0.26 -35.78 19.29
C GLY B 18 -0.73 -36.94 19.31
N THR B 19 -1.75 -36.76 20.13
CA THR B 19 -2.73 -37.79 20.48
C THR B 19 -3.80 -37.83 19.39
N PRO B 20 -3.99 -39.00 18.77
CA PRO B 20 -5.12 -39.22 17.86
C PRO B 20 -6.47 -38.80 18.43
N PHE B 21 -7.34 -38.16 17.63
CA PHE B 21 -8.73 -37.76 18.00
C PHE B 21 -9.60 -38.05 16.79
N THR B 22 -10.85 -38.43 17.04
CA THR B 22 -11.90 -38.58 16.02
C THR B 22 -13.19 -38.13 16.66
N PHE B 23 -13.75 -36.99 16.22
CA PHE B 23 -15.07 -36.42 16.61
C PHE B 23 -16.12 -36.70 15.51
N MET B 24 -17.04 -37.66 15.70
CA MET B 24 -18.12 -37.97 14.70
C MET B 24 -19.31 -38.65 15.40
N THR B 29 -23.98 -34.19 12.56
CA THR B 29 -23.49 -32.99 11.84
C THR B 29 -22.94 -31.91 12.79
N ILE B 30 -21.81 -31.28 12.44
CA ILE B 30 -21.13 -30.27 13.32
C ILE B 30 -21.97 -29.00 13.32
N THR B 31 -22.45 -28.51 14.45
CA THR B 31 -23.29 -27.30 14.47
C THR B 31 -22.43 -26.10 14.86
N SER B 32 -21.17 -26.35 15.19
CA SER B 32 -20.25 -25.36 15.83
C SER B 32 -18.84 -25.94 15.79
N ILE B 33 -17.87 -25.09 15.47
CA ILE B 33 -16.43 -25.44 15.47
C ILE B 33 -15.65 -24.17 15.83
N LYS B 34 -14.71 -24.27 16.76
CA LYS B 34 -13.95 -23.11 17.23
C LYS B 34 -12.48 -23.42 16.98
N PHE B 35 -11.71 -22.45 16.53
CA PHE B 35 -10.25 -22.61 16.30
C PHE B 35 -9.54 -21.63 17.23
N ASN B 36 -8.46 -22.05 17.86
CA ASN B 36 -7.64 -21.23 18.79
C ASN B 36 -6.23 -21.27 18.22
N TRP B 37 -5.60 -20.12 18.04
CA TRP B 37 -4.24 -20.05 17.44
C TRP B 37 -3.48 -18.91 18.10
N SER B 38 -2.20 -18.81 17.82
CA SER B 38 -1.30 -17.82 18.45
C SER B 38 -0.50 -17.12 17.37
N ASP B 39 -0.17 -15.86 17.63
CA ASP B 39 0.79 -15.08 16.80
C ASP B 39 2.22 -15.54 17.16
N GLN B 40 2.47 -15.98 18.42
CA GLN B 40 3.82 -16.45 18.88
C GLN B 40 4.28 -17.59 17.98
N TYR B 41 3.51 -18.67 17.87
CA TYR B 41 3.93 -19.87 17.08
C TYR B 41 3.33 -19.87 15.68
N LYS B 42 2.32 -19.08 15.38
CA LYS B 42 1.71 -19.07 14.01
C LYS B 42 1.12 -20.46 13.73
N LEU B 43 0.49 -21.07 14.74
CA LEU B 43 -0.04 -22.46 14.75
C LEU B 43 -1.48 -22.49 15.27
N LEU B 44 -2.28 -23.49 14.85
CA LEU B 44 -3.50 -23.89 15.59
C LEU B 44 -3.04 -24.70 16.81
N HIS B 45 -3.60 -24.42 17.96
CA HIS B 45 -3.28 -25.12 19.23
C HIS B 45 -4.48 -25.96 19.66
N HIS B 46 -5.72 -25.51 19.42
CA HIS B 46 -6.91 -26.09 20.08
C HIS B 46 -8.10 -25.98 19.14
N ILE B 47 -8.95 -27.00 19.15
CA ILE B 47 -10.21 -27.04 18.35
C ILE B 47 -11.33 -27.57 19.27
N GLU B 48 -12.50 -26.93 19.24
CA GLU B 48 -13.68 -27.47 19.97
C GLU B 48 -14.80 -27.67 18.97
N VAL B 49 -15.67 -28.64 19.21
CA VAL B 49 -16.73 -28.96 18.22
C VAL B 49 -17.96 -29.29 19.01
N LYS B 50 -19.12 -28.78 18.58
CA LYS B 50 -20.47 -29.21 19.04
C LYS B 50 -21.20 -29.88 17.87
N PHE B 51 -21.90 -30.97 18.15
CA PHE B 51 -22.84 -31.62 17.19
C PHE B 51 -24.26 -31.15 17.48
N ILE B 52 -25.08 -31.21 16.45
CA ILE B 52 -26.57 -31.04 16.46
C ILE B 52 -27.17 -31.97 17.55
N ASN B 53 -28.18 -31.51 18.30
CA ASN B 53 -28.92 -32.39 19.27
C ASN B 53 -27.92 -32.97 20.30
N ASN B 54 -26.96 -32.19 20.78
CA ASN B 54 -25.95 -32.62 21.79
C ASN B 54 -25.21 -31.39 22.35
N ALA B 55 -25.34 -31.17 23.65
CA ALA B 55 -24.82 -30.00 24.41
C ALA B 55 -23.34 -30.21 24.79
N ASN B 56 -22.85 -31.45 24.67
CA ASN B 56 -21.44 -31.83 24.94
C ASN B 56 -20.50 -31.07 23.98
N ILE B 57 -19.45 -30.45 24.52
CA ILE B 57 -18.34 -29.76 23.80
C ILE B 57 -17.15 -30.71 23.71
N TYR B 58 -16.81 -31.24 22.53
CA TYR B 58 -15.60 -32.08 22.27
C TYR B 58 -14.39 -31.20 21.91
N ALA B 59 -13.28 -31.36 22.65
CA ALA B 59 -12.09 -30.48 22.61
C ALA B 59 -10.84 -31.32 22.39
N THR B 60 -9.89 -30.72 21.70
CA THR B 60 -8.58 -31.32 21.46
C THR B 60 -7.54 -30.21 21.46
N GLY B 61 -6.29 -30.55 21.82
CA GLY B 61 -5.19 -29.57 21.85
C GLY B 61 -5.30 -28.62 23.01
N ASP B 62 -4.23 -27.89 23.29
CA ASP B 62 -4.04 -27.05 24.49
C ASP B 62 -4.43 -25.64 24.10
N PRO B 63 -5.49 -25.06 24.69
CA PRO B 63 -5.94 -23.73 24.32
C PRO B 63 -4.99 -22.63 24.81
N LYS B 64 -3.76 -22.59 24.32
CA LYS B 64 -2.67 -21.65 24.76
C LYS B 64 -2.70 -20.35 23.92
N GLY B 65 -3.54 -20.27 22.90
CA GLY B 65 -3.44 -19.18 21.90
C GLY B 65 -4.13 -17.90 22.33
N ASN B 66 -3.71 -16.78 21.76
CA ASN B 66 -4.21 -15.41 22.08
C ASN B 66 -5.44 -15.06 21.21
N HIS B 67 -5.73 -15.83 20.13
CA HIS B 67 -6.93 -15.62 19.27
C HIS B 67 -7.80 -16.87 19.24
N GLU B 68 -9.13 -16.70 19.10
CA GLU B 68 -10.07 -17.80 18.73
C GLU B 68 -11.16 -17.26 17.78
N VAL B 69 -11.65 -18.10 16.87
CA VAL B 69 -12.89 -17.84 16.08
C VAL B 69 -13.83 -19.02 16.27
N ILE B 70 -15.11 -18.76 16.13
CA ILE B 70 -16.19 -19.77 16.16
C ILE B 70 -16.97 -19.63 14.86
N LEU B 71 -17.22 -20.73 14.16
CA LEU B 71 -18.24 -20.76 13.07
C LEU B 71 -19.44 -21.58 13.55
N GLU B 72 -20.62 -20.97 13.67
CA GLU B 72 -21.87 -21.76 13.94
C GLU B 72 -22.49 -22.08 12.58
N ILE B 73 -23.08 -23.26 12.43
CA ILE B 73 -23.53 -23.77 11.11
C ILE B 73 -24.99 -24.11 11.24
N ASP B 74 -25.84 -23.43 10.47
CA ASP B 74 -27.30 -23.69 10.42
C ASP B 74 -27.51 -25.17 10.03
N ASP B 75 -28.68 -25.74 10.32
CA ASP B 75 -28.98 -27.18 10.08
C ASP B 75 -28.82 -27.46 8.57
N ASP B 76 -29.15 -26.52 7.66
CA ASP B 76 -29.13 -26.79 6.20
C ASP B 76 -27.92 -26.16 5.47
N GLU B 77 -26.85 -25.82 6.19
CA GLU B 77 -25.73 -24.99 5.67
C GLU B 77 -24.50 -25.88 5.48
N THR B 78 -23.94 -25.89 4.26
CA THR B 78 -22.81 -26.77 3.84
C THR B 78 -21.50 -25.96 3.70
N ILE B 79 -20.34 -26.63 3.69
CA ILE B 79 -19.03 -26.02 3.31
C ILE B 79 -18.89 -26.17 1.80
N ILE B 80 -18.71 -25.05 1.11
CA ILE B 80 -18.53 -24.94 -0.36
C ILE B 80 -17.11 -24.45 -0.69
N GLY B 81 -16.33 -24.06 0.33
CA GLY B 81 -14.95 -23.55 0.21
C GLY B 81 -14.17 -23.83 1.49
N SER B 82 -13.00 -24.42 1.41
CA SER B 82 -12.27 -24.98 2.58
C SER B 82 -10.78 -25.02 2.32
N VAL B 83 -10.00 -24.24 3.06
CA VAL B 83 -8.51 -24.18 2.95
C VAL B 83 -7.89 -24.43 4.32
N ILE B 84 -7.08 -25.50 4.47
CA ILE B 84 -6.21 -25.72 5.65
C ILE B 84 -4.77 -25.43 5.27
N GLY B 85 -4.13 -24.55 6.02
CA GLY B 85 -2.70 -24.24 5.99
C GLY B 85 -1.99 -25.15 6.95
N TYR B 86 -0.80 -25.61 6.58
CA TYR B 86 -0.05 -26.58 7.41
C TYR B 86 1.43 -26.46 7.06
N LYS B 87 2.29 -26.91 7.96
CA LYS B 87 3.70 -27.24 7.62
C LYS B 87 3.71 -28.72 7.27
N LYS B 88 4.42 -29.13 6.24
CA LYS B 88 4.46 -30.56 5.82
C LYS B 88 5.54 -31.32 6.59
N GLY B 89 5.52 -32.66 6.47
CA GLY B 89 6.54 -33.60 6.96
C GLY B 89 6.12 -34.23 8.27
N ASN B 90 6.94 -35.16 8.77
CA ASN B 90 6.73 -35.97 10.01
C ASN B 90 6.52 -35.01 11.19
N ASP B 91 7.33 -33.95 11.25
CA ASP B 91 7.38 -32.96 12.37
C ASP B 91 6.39 -31.83 12.05
N GLY B 92 5.37 -32.11 11.23
CA GLY B 92 4.38 -31.14 10.70
C GLY B 92 3.47 -30.54 11.76
N ARG B 93 2.71 -29.52 11.38
CA ARG B 93 1.68 -28.83 12.22
C ARG B 93 0.59 -28.24 11.32
N CYS B 94 -0.67 -28.15 11.79
CA CYS B 94 -1.71 -27.30 11.17
C CYS B 94 -1.55 -25.85 11.62
N THR B 95 -1.56 -24.94 10.65
CA THR B 95 -1.22 -23.54 10.94
C THR B 95 -2.41 -22.63 10.81
N GLY B 96 -3.47 -23.05 10.11
CA GLY B 96 -4.61 -22.15 9.78
C GLY B 96 -5.79 -22.88 9.16
N VAL B 97 -6.97 -22.26 9.18
CA VAL B 97 -8.16 -22.77 8.47
C VAL B 97 -9.01 -21.61 7.99
N LYS B 98 -9.31 -21.57 6.67
CA LYS B 98 -10.39 -20.74 6.06
C LYS B 98 -11.55 -21.70 5.70
N LEU B 99 -12.78 -21.35 6.11
CA LEU B 99 -14.03 -22.03 5.67
C LEU B 99 -14.98 -20.96 5.12
N THR B 100 -15.72 -21.30 4.07
CA THR B 100 -16.80 -20.48 3.45
C THR B 100 -18.02 -21.37 3.23
N THR B 101 -19.23 -20.90 3.61
CA THR B 101 -20.47 -21.72 3.71
C THR B 101 -21.40 -21.45 2.52
N SER B 102 -22.49 -22.22 2.40
CA SER B 102 -23.48 -22.02 1.33
C SER B 102 -24.34 -20.77 1.60
N LYS B 103 -24.27 -20.18 2.79
CA LYS B 103 -25.00 -18.93 3.11
C LYS B 103 -24.06 -17.72 3.12
N GLY B 104 -22.83 -17.83 2.59
CA GLY B 104 -21.90 -16.68 2.42
C GLY B 104 -21.09 -16.37 3.67
N LYS B 105 -21.34 -17.06 4.77
CA LYS B 105 -20.52 -16.97 6.01
C LYS B 105 -19.10 -17.45 5.70
N SER B 106 -18.12 -16.90 6.38
CA SER B 106 -16.73 -17.41 6.30
C SER B 106 -15.96 -17.08 7.56
N ILE B 107 -14.95 -17.87 7.87
CA ILE B 107 -13.99 -17.58 8.99
C ILE B 107 -12.59 -17.74 8.46
N MET B 108 -11.66 -17.10 9.16
CA MET B 108 -10.23 -17.11 8.80
C MET B 108 -9.45 -17.21 10.10
N ALA B 109 -8.69 -18.29 10.26
CA ALA B 109 -7.99 -18.64 11.50
C ALA B 109 -6.57 -19.01 11.16
N GLY B 110 -5.62 -18.33 11.80
CA GLY B 110 -4.20 -18.70 11.79
C GLY B 110 -3.51 -18.20 10.55
N TYR B 111 -2.52 -18.96 10.09
CA TYR B 111 -1.47 -18.52 9.15
C TYR B 111 -1.44 -19.53 8.02
N PHE B 112 -1.10 -19.03 6.82
CA PHE B 112 -1.00 -19.81 5.55
C PHE B 112 0.32 -19.49 4.85
N GLU B 113 1.47 -19.74 5.48
CA GLU B 113 2.80 -19.32 4.98
C GLU B 113 3.58 -20.45 4.29
N GLU B 114 3.17 -21.73 4.35
CA GLU B 114 3.97 -22.82 3.69
C GLU B 114 3.12 -23.67 2.71
N SER B 115 2.29 -24.58 3.20
CA SER B 115 1.52 -25.58 2.41
C SER B 115 0.01 -25.37 2.59
N LEU B 116 -0.80 -25.72 1.60
CA LEU B 116 -2.28 -25.53 1.66
C LEU B 116 -2.92 -26.79 1.13
N ILE B 117 -4.11 -27.15 1.56
CA ILE B 117 -4.97 -28.11 0.84
C ILE B 117 -6.31 -27.37 0.64
N THR B 118 -6.95 -27.62 -0.48
CA THR B 118 -8.34 -27.17 -0.73
C THR B 118 -9.16 -28.44 -0.68
N THR B 119 -10.00 -28.60 0.32
CA THR B 119 -10.53 -29.93 0.67
C THR B 119 -11.77 -30.24 -0.17
N TYR B 120 -12.35 -31.38 0.14
CA TYR B 120 -13.66 -31.76 -0.43
C TYR B 120 -14.68 -30.82 0.21
N THR B 121 -15.81 -30.73 -0.42
CA THR B 121 -16.82 -29.78 0.10
C THR B 121 -18.03 -30.61 0.51
N GLY B 122 -18.91 -30.00 1.31
CA GLY B 122 -20.24 -30.57 1.60
C GLY B 122 -20.60 -30.30 3.03
N LYS B 123 -21.41 -31.18 3.61
CA LYS B 123 -22.01 -30.92 4.94
C LYS B 123 -21.02 -31.41 6.00
N LEU B 124 -20.45 -30.50 6.79
CA LEU B 124 -19.32 -30.89 7.65
C LEU B 124 -19.86 -31.72 8.80
N ALA B 125 -19.31 -32.93 8.97
CA ALA B 125 -19.86 -34.02 9.81
C ALA B 125 -18.89 -34.36 10.93
N GLY B 126 -17.59 -34.09 10.77
CA GLY B 126 -16.63 -34.20 11.88
C GLY B 126 -15.22 -33.75 11.51
N ILE B 127 -14.26 -34.07 12.36
CA ILE B 127 -12.81 -33.84 12.16
C ILE B 127 -12.00 -35.01 12.77
N LYS B 128 -10.86 -35.35 12.16
CA LYS B 128 -9.93 -36.37 12.68
C LYS B 128 -8.56 -35.69 12.62
N GLY B 129 -7.60 -36.19 13.40
CA GLY B 129 -6.21 -35.71 13.39
C GLY B 129 -5.44 -36.16 14.63
N GLY B 130 -4.40 -35.41 14.97
CA GLY B 130 -3.69 -35.56 16.25
C GLY B 130 -3.34 -34.20 16.80
N ALA B 131 -3.46 -34.04 18.13
CA ALA B 131 -3.15 -32.81 18.87
C ALA B 131 -2.52 -33.13 20.24
N GLY B 132 -1.64 -32.22 20.69
CA GLY B 132 -0.98 -32.11 22.02
C GLY B 132 -0.85 -30.65 22.41
N SER B 133 0.34 -30.05 22.50
CA SER B 133 0.43 -28.57 22.69
C SER B 133 -0.28 -27.85 21.54
N ASP B 134 -0.19 -28.48 20.35
CA ASP B 134 -0.61 -27.94 19.04
C ASP B 134 -1.59 -28.87 18.32
N ILE B 135 -2.14 -28.42 17.19
CA ILE B 135 -2.91 -29.29 16.28
C ILE B 135 -1.92 -29.86 15.26
N ASP B 136 -1.40 -31.05 15.46
CA ASP B 136 -0.28 -31.59 14.64
C ASP B 136 -0.79 -31.80 13.22
N ARG B 137 -2.02 -32.31 13.12
CA ARG B 137 -2.60 -32.84 11.87
C ARG B 137 -4.12 -32.69 11.96
N LEU B 138 -4.76 -32.23 10.89
CA LEU B 138 -6.23 -32.03 10.82
C LEU B 138 -6.81 -32.57 9.49
N GLY B 139 -7.89 -33.35 9.56
CA GLY B 139 -8.71 -33.82 8.43
C GLY B 139 -10.18 -33.50 8.67
N LEU B 140 -10.84 -32.86 7.70
CA LEU B 140 -12.30 -32.62 7.73
C LEU B 140 -13.03 -33.90 7.32
N ILE B 141 -14.23 -34.12 7.83
CA ILE B 141 -15.10 -35.28 7.44
C ILE B 141 -16.46 -34.72 6.99
N PHE B 142 -16.98 -35.15 5.83
CA PHE B 142 -18.30 -34.73 5.28
C PHE B 142 -19.21 -35.94 5.05
N LEU B 143 -20.53 -35.70 4.90
CA LEU B 143 -21.58 -36.64 4.41
C LEU B 143 -21.50 -36.78 2.87
N LYS B 144 -21.99 -37.90 2.31
CA LYS B 144 -21.81 -38.24 0.87
C LYS B 144 -22.92 -37.57 0.03
N ASP C 5 -36.13 7.23 -46.03
CA ASP C 5 -34.78 6.62 -45.86
C ASP C 5 -34.90 5.42 -44.92
N ASN C 6 -33.95 4.51 -45.03
CA ASN C 6 -33.85 3.30 -44.17
C ASN C 6 -32.61 3.45 -43.29
N TYR C 7 -32.12 4.67 -43.11
CA TYR C 7 -30.83 4.91 -42.44
C TYR C 7 -30.91 6.02 -41.38
N ILE C 8 -29.95 6.04 -40.47
CA ILE C 8 -29.81 7.07 -39.40
C ILE C 8 -28.46 7.74 -39.59
N TYR C 9 -28.43 9.05 -39.81
CA TYR C 9 -27.17 9.80 -40.05
C TYR C 9 -26.70 10.41 -38.73
N SER C 10 -25.69 9.85 -38.10
CA SER C 10 -25.15 10.50 -36.87
C SER C 10 -24.56 11.83 -37.33
N THR C 11 -24.67 12.85 -36.49
CA THR C 11 -23.99 14.16 -36.65
C THR C 11 -22.55 13.97 -37.14
N GLU C 12 -22.24 14.64 -38.24
CA GLU C 12 -20.86 14.81 -38.69
C GLU C 12 -20.16 15.78 -37.75
N VAL C 13 -19.06 15.41 -37.11
CA VAL C 13 -18.40 16.36 -36.16
C VAL C 13 -17.05 16.75 -36.73
N GLY C 14 -16.58 17.91 -36.32
CA GLY C 14 -15.27 18.47 -36.72
C GLY C 14 -15.48 19.68 -37.58
N GLY C 15 -14.51 19.92 -38.48
CA GLY C 15 -14.40 21.14 -39.29
C GLY C 15 -15.16 20.99 -40.59
N VAL C 16 -15.14 22.07 -41.40
CA VAL C 16 -15.67 22.15 -42.80
C VAL C 16 -14.59 21.74 -43.82
N GLY C 17 -13.35 21.49 -43.40
CA GLY C 17 -12.22 21.25 -44.30
C GLY C 17 -12.34 19.99 -45.13
N GLY C 18 -11.33 19.78 -45.99
CA GLY C 18 -11.04 18.56 -46.78
C GLY C 18 -12.09 18.15 -47.79
N THR C 19 -11.79 17.13 -48.55
CA THR C 19 -12.60 16.68 -49.71
C THR C 19 -13.76 15.85 -49.17
N PRO C 20 -15.00 16.05 -49.63
CA PRO C 20 -16.14 15.23 -49.19
C PRO C 20 -15.96 13.73 -49.49
N PHE C 21 -16.34 12.84 -48.56
CA PHE C 21 -16.61 11.42 -48.89
C PHE C 21 -18.01 11.02 -48.39
N THR C 22 -18.62 10.03 -49.03
CA THR C 22 -19.83 9.31 -48.54
C THR C 22 -19.78 7.87 -49.02
N PHE C 23 -19.47 6.91 -48.13
CA PHE C 23 -19.29 5.47 -48.41
C PHE C 23 -20.49 4.71 -47.82
N MET C 24 -21.32 4.13 -48.68
CA MET C 24 -22.50 3.39 -48.24
C MET C 24 -22.91 2.46 -49.36
N GLN C 25 -23.23 1.23 -49.06
CA GLN C 25 -23.73 0.33 -50.13
C GLN C 25 -25.19 0.05 -49.80
N GLU C 26 -26.09 0.38 -50.72
CA GLU C 26 -27.50 -0.05 -50.65
C GLU C 26 -27.54 -1.55 -50.41
N SER C 27 -28.30 -1.97 -49.40
CA SER C 27 -28.44 -3.39 -48.96
C SER C 27 -27.10 -3.97 -48.52
N GLY C 28 -26.21 -3.16 -47.93
CA GLY C 28 -24.90 -3.62 -47.47
C GLY C 28 -24.47 -2.97 -46.18
N THR C 29 -23.70 -3.67 -45.37
CA THR C 29 -23.20 -3.12 -44.07
C THR C 29 -21.67 -3.11 -44.08
N ILE C 30 -21.04 -2.25 -43.27
CA ILE C 30 -19.57 -2.19 -43.14
C ILE C 30 -19.06 -3.46 -42.44
N THR C 31 -18.21 -4.25 -43.08
CA THR C 31 -17.67 -5.52 -42.53
C THR C 31 -16.30 -5.27 -41.87
N SER C 32 -15.58 -4.24 -42.29
CA SER C 32 -14.27 -3.88 -41.71
C SER C 32 -14.06 -2.37 -41.69
N ILE C 33 -13.38 -1.85 -40.67
CA ILE C 33 -13.09 -0.38 -40.56
C ILE C 33 -11.67 -0.17 -39.98
N LYS C 34 -10.88 0.75 -40.56
CA LYS C 34 -9.48 1.01 -40.14
C LYS C 34 -9.29 2.50 -39.86
N PHE C 35 -8.70 2.86 -38.72
CA PHE C 35 -8.44 4.28 -38.33
C PHE C 35 -6.94 4.41 -38.25
N ASN C 36 -6.37 5.35 -39.01
CA ASN C 36 -4.92 5.66 -39.00
C ASN C 36 -4.77 7.02 -38.34
N TRP C 37 -4.01 7.11 -37.25
CA TRP C 37 -3.83 8.37 -36.48
C TRP C 37 -2.36 8.55 -36.17
N SER C 38 -1.95 9.75 -35.73
CA SER C 38 -0.55 10.12 -35.40
C SER C 38 -0.45 10.47 -33.93
N ASP C 39 0.69 10.20 -33.30
CA ASP C 39 0.98 10.74 -31.94
C ASP C 39 1.52 12.17 -32.11
N GLN C 40 1.88 12.61 -33.33
CA GLN C 40 2.49 13.96 -33.58
C GLN C 40 1.39 15.02 -33.54
N TYR C 41 0.30 14.81 -34.30
CA TYR C 41 -0.78 15.80 -34.51
C TYR C 41 -1.95 15.54 -33.57
N LYS C 42 -1.98 14.38 -32.94
CA LYS C 42 -3.09 13.94 -32.05
C LYS C 42 -4.40 13.96 -32.87
N LEU C 43 -4.36 13.36 -34.08
CA LEU C 43 -5.44 13.43 -35.11
C LEU C 43 -5.64 12.06 -35.78
N LEU C 44 -6.88 11.71 -36.15
CA LEU C 44 -7.15 10.77 -37.27
C LEU C 44 -6.76 11.43 -38.61
N HIS C 45 -6.14 10.66 -39.49
CA HIS C 45 -5.61 11.11 -40.79
C HIS C 45 -6.30 10.35 -41.92
N HIS C 46 -6.65 9.08 -41.71
CA HIS C 46 -7.09 8.22 -42.82
C HIS C 46 -8.07 7.18 -42.29
N ILE C 47 -8.99 6.73 -43.12
CA ILE C 47 -10.03 5.75 -42.74
C ILE C 47 -10.18 4.88 -43.95
N GLU C 48 -10.22 3.56 -43.79
CA GLU C 48 -10.61 2.63 -44.86
C GLU C 48 -11.82 1.85 -44.38
N VAL C 49 -12.71 1.48 -45.27
CA VAL C 49 -13.92 0.69 -44.98
C VAL C 49 -14.04 -0.32 -46.10
N LYS C 50 -14.51 -1.53 -45.79
CA LYS C 50 -14.81 -2.65 -46.73
C LYS C 50 -16.24 -3.04 -46.45
N PHE C 51 -17.02 -3.39 -47.46
CA PHE C 51 -18.42 -3.82 -47.24
C PHE C 51 -18.49 -5.32 -47.38
N ILE C 52 -19.58 -5.95 -46.95
CA ILE C 52 -19.72 -7.43 -47.05
C ILE C 52 -19.87 -7.80 -48.52
N ASN C 53 -19.27 -8.93 -48.92
CA ASN C 53 -19.27 -9.48 -50.31
C ASN C 53 -18.60 -8.49 -51.27
N ASN C 54 -17.54 -7.85 -50.82
CA ASN C 54 -16.88 -6.81 -51.64
C ASN C 54 -15.48 -6.60 -51.06
N ALA C 55 -14.45 -6.95 -51.83
CA ALA C 55 -13.04 -6.84 -51.42
C ALA C 55 -12.55 -5.40 -51.62
N ASN C 56 -13.36 -4.56 -52.29
CA ASN C 56 -12.96 -3.17 -52.56
C ASN C 56 -12.97 -2.37 -51.27
N ILE C 57 -11.81 -1.76 -51.07
CA ILE C 57 -11.39 -0.86 -49.98
C ILE C 57 -11.65 0.59 -50.35
N TYR C 58 -12.66 1.18 -49.71
CA TYR C 58 -13.08 2.58 -49.91
C TYR C 58 -12.35 3.38 -48.86
N ALA C 59 -11.42 4.25 -49.27
CA ALA C 59 -10.45 4.95 -48.40
C ALA C 59 -10.60 6.46 -48.58
N THR C 60 -10.30 7.20 -47.52
CA THR C 60 -10.26 8.68 -47.54
C THR C 60 -9.16 9.12 -46.58
N GLY C 61 -8.64 10.33 -46.76
CA GLY C 61 -7.50 10.89 -45.99
C GLY C 61 -6.13 10.41 -46.45
N ASP C 62 -5.08 11.04 -45.95
CA ASP C 62 -3.64 10.72 -46.16
C ASP C 62 -3.17 9.77 -45.04
N PRO C 63 -2.77 8.50 -45.37
CA PRO C 63 -2.35 7.52 -44.35
C PRO C 63 -0.92 7.76 -43.84
N LYS C 64 -0.74 8.82 -43.06
CA LYS C 64 0.58 9.37 -42.64
C LYS C 64 0.77 9.24 -41.13
N GLY C 65 -0.15 8.63 -40.40
CA GLY C 65 -0.04 8.45 -38.94
C GLY C 65 0.84 7.25 -38.65
N ASN C 66 1.29 7.07 -37.40
CA ASN C 66 2.21 6.00 -36.92
C ASN C 66 1.41 4.78 -36.41
N HIS C 67 0.10 4.91 -36.18
CA HIS C 67 -0.73 3.82 -35.61
C HIS C 67 -1.90 3.56 -36.55
N GLU C 68 -2.41 2.33 -36.59
CA GLU C 68 -3.72 2.02 -37.25
C GLU C 68 -4.47 1.00 -36.39
N VAL C 69 -5.80 1.00 -36.40
CA VAL C 69 -6.59 -0.09 -35.77
C VAL C 69 -7.65 -0.50 -36.76
N ILE C 70 -8.03 -1.74 -36.71
CA ILE C 70 -9.01 -2.34 -37.64
C ILE C 70 -10.04 -3.08 -36.80
N LEU C 71 -11.31 -2.76 -36.96
CA LEU C 71 -12.38 -3.57 -36.38
C LEU C 71 -13.01 -4.39 -37.51
N GLU C 72 -13.06 -5.71 -37.36
CA GLU C 72 -13.81 -6.57 -38.30
C GLU C 72 -15.15 -6.84 -37.65
N ILE C 73 -16.24 -6.60 -38.36
CA ILE C 73 -17.58 -6.74 -37.76
C ILE C 73 -18.22 -8.00 -38.29
N ASP C 74 -18.72 -8.86 -37.42
CA ASP C 74 -19.44 -10.07 -37.91
C ASP C 74 -20.77 -9.64 -38.51
N ASP C 75 -21.32 -10.46 -39.39
CA ASP C 75 -22.57 -10.16 -40.16
C ASP C 75 -23.68 -9.74 -39.19
N ASP C 76 -23.83 -10.41 -38.05
CA ASP C 76 -24.90 -10.11 -37.05
C ASP C 76 -24.38 -9.14 -36.00
N GLU C 77 -23.21 -8.56 -36.14
CA GLU C 77 -22.64 -7.69 -35.08
C GLU C 77 -23.05 -6.22 -35.28
N THR C 78 -23.44 -5.55 -34.20
CA THR C 78 -23.89 -4.12 -34.22
C THR C 78 -23.02 -3.31 -33.28
N ILE C 79 -23.02 -2.00 -33.46
CA ILE C 79 -22.27 -1.09 -32.54
C ILE C 79 -23.26 -0.67 -31.44
N ILE C 80 -22.97 -0.99 -30.19
CA ILE C 80 -23.82 -0.61 -29.03
C ILE C 80 -23.19 0.59 -28.30
N GLY C 81 -21.93 0.93 -28.59
CA GLY C 81 -21.19 2.01 -27.89
C GLY C 81 -20.27 2.70 -28.86
N SER C 82 -20.42 4.00 -29.02
CA SER C 82 -19.75 4.75 -30.11
C SER C 82 -19.45 6.18 -29.65
N VAL C 83 -18.17 6.54 -29.66
CA VAL C 83 -17.65 7.85 -29.20
C VAL C 83 -16.67 8.37 -30.25
N ILE C 84 -16.94 9.53 -30.85
CA ILE C 84 -15.91 10.24 -31.65
C ILE C 84 -15.46 11.45 -30.86
N GLY C 85 -14.14 11.58 -30.73
CA GLY C 85 -13.47 12.76 -30.17
C GLY C 85 -13.13 13.66 -31.31
N TYR C 86 -13.41 14.97 -31.16
CA TYR C 86 -13.09 15.97 -32.20
C TYR C 86 -12.73 17.32 -31.57
N LYS C 87 -12.08 18.16 -32.38
CA LYS C 87 -11.96 19.62 -32.14
C LYS C 87 -13.10 20.34 -32.87
N LYS C 88 -13.83 21.23 -32.20
CA LYS C 88 -15.06 21.90 -32.75
C LYS C 88 -14.67 23.14 -33.54
N GLY C 89 -15.63 23.68 -34.30
CA GLY C 89 -15.46 24.93 -35.08
C GLY C 89 -15.12 24.64 -36.55
N ASN C 90 -15.10 25.69 -37.36
CA ASN C 90 -14.86 25.60 -38.83
C ASN C 90 -13.50 24.92 -39.06
N ASP C 91 -12.44 25.33 -38.36
CA ASP C 91 -11.08 24.79 -38.61
C ASP C 91 -10.97 23.48 -37.84
N GLY C 92 -12.10 22.86 -37.57
CA GLY C 92 -12.15 21.70 -36.66
C GLY C 92 -11.56 20.47 -37.32
N ARG C 93 -11.44 19.40 -36.54
CA ARG C 93 -10.81 18.11 -36.95
C ARG C 93 -11.40 16.97 -36.14
N CYS C 94 -11.34 15.77 -36.68
CA CYS C 94 -11.68 14.51 -35.97
C CYS C 94 -10.40 14.04 -35.27
N THR C 95 -10.47 13.55 -34.02
CA THR C 95 -9.23 13.29 -33.25
C THR C 95 -9.19 11.87 -32.67
N GLY C 96 -10.34 11.21 -32.57
CA GLY C 96 -10.40 9.88 -31.96
C GLY C 96 -11.69 9.20 -32.30
N VAL C 97 -11.71 7.87 -32.20
CA VAL C 97 -12.93 7.04 -32.24
C VAL C 97 -12.75 5.85 -31.29
N LYS C 98 -13.75 5.55 -30.44
CA LYS C 98 -13.84 4.32 -29.60
C LYS C 98 -15.11 3.60 -30.02
N LEU C 99 -15.04 2.38 -30.53
CA LEU C 99 -16.24 1.61 -30.96
C LEU C 99 -16.35 0.37 -30.09
N THR C 100 -17.52 0.07 -29.54
CA THR C 100 -17.73 -1.12 -28.70
C THR C 100 -18.90 -1.85 -29.34
N THR C 101 -18.91 -3.16 -29.35
CA THR C 101 -19.92 -3.80 -30.20
C THR C 101 -20.76 -4.79 -29.42
N SER C 102 -21.66 -5.48 -30.12
CA SER C 102 -22.68 -6.34 -29.47
C SER C 102 -22.08 -7.70 -29.05
N LYS C 103 -20.80 -7.94 -29.30
CA LYS C 103 -20.15 -9.19 -28.91
C LYS C 103 -19.06 -8.89 -27.90
N GLY C 104 -18.84 -7.63 -27.53
CA GLY C 104 -17.84 -7.27 -26.52
C GLY C 104 -16.55 -6.79 -27.13
N LYS C 105 -16.48 -6.70 -28.46
CA LYS C 105 -15.25 -6.28 -29.18
C LYS C 105 -15.12 -4.77 -29.06
N SER C 106 -13.92 -4.24 -29.07
CA SER C 106 -13.76 -2.79 -28.87
C SER C 106 -12.47 -2.28 -29.52
N ILE C 107 -12.53 -1.11 -30.15
CA ILE C 107 -11.30 -0.48 -30.73
C ILE C 107 -11.21 0.92 -30.18
N MET C 108 -10.00 1.40 -29.92
CA MET C 108 -9.77 2.74 -29.37
C MET C 108 -8.63 3.35 -30.19
N ALA C 109 -8.94 4.32 -31.02
CA ALA C 109 -7.98 4.99 -31.92
C ALA C 109 -7.94 6.46 -31.53
N GLY C 110 -6.76 7.08 -31.57
CA GLY C 110 -6.67 8.53 -31.45
C GLY C 110 -6.76 9.03 -30.02
N TYR C 111 -7.03 10.35 -29.90
CA TYR C 111 -7.10 11.12 -28.63
C TYR C 111 -8.46 11.81 -28.48
N PHE C 112 -8.86 12.06 -27.22
CA PHE C 112 -10.19 12.61 -26.84
C PHE C 112 -9.99 13.82 -25.91
N GLU C 113 -9.26 14.86 -26.34
CA GLU C 113 -8.76 15.95 -25.44
C GLU C 113 -9.74 17.14 -25.40
N GLU C 114 -10.62 17.36 -26.39
CA GLU C 114 -11.45 18.61 -26.51
C GLU C 114 -12.96 18.32 -26.45
N SER C 115 -13.53 17.59 -27.41
CA SER C 115 -15.00 17.43 -27.52
C SER C 115 -15.31 15.99 -27.93
N LEU C 116 -16.48 15.49 -27.55
CA LEU C 116 -16.89 14.06 -27.68
C LEU C 116 -18.32 14.09 -28.20
N ILE C 117 -18.71 13.08 -28.96
CA ILE C 117 -20.13 12.74 -29.31
C ILE C 117 -20.27 11.26 -29.05
N THR C 118 -21.30 10.89 -28.33
CA THR C 118 -21.74 9.48 -28.19
C THR C 118 -22.91 9.28 -29.15
N THR C 119 -22.65 8.56 -30.22
CA THR C 119 -23.53 8.53 -31.39
C THR C 119 -24.75 7.66 -31.09
N TYR C 120 -25.54 7.53 -32.14
CA TYR C 120 -26.66 6.60 -32.27
C TYR C 120 -26.03 5.23 -32.39
N THR C 121 -26.82 4.26 -32.08
CA THR C 121 -26.34 2.86 -32.07
C THR C 121 -27.12 2.03 -33.08
N GLY C 122 -26.48 0.96 -33.56
CA GLY C 122 -27.07 -0.10 -34.40
C GLY C 122 -26.06 -0.67 -35.37
N LYS C 123 -26.56 -1.12 -36.52
CA LYS C 123 -25.76 -1.85 -37.53
C LYS C 123 -25.02 -0.81 -38.38
N LEU C 124 -23.71 -0.68 -38.20
CA LEU C 124 -22.91 0.34 -38.95
C LEU C 124 -23.02 0.04 -40.45
N ALA C 125 -23.48 1.03 -41.22
CA ALA C 125 -23.89 0.90 -42.64
C ALA C 125 -22.94 1.70 -43.53
N GLY C 126 -22.42 2.83 -43.05
CA GLY C 126 -21.55 3.70 -43.87
C GLY C 126 -20.90 4.81 -43.08
N ILE C 127 -20.06 5.63 -43.73
CA ILE C 127 -19.44 6.85 -43.12
C ILE C 127 -19.48 8.00 -44.11
N LYS C 128 -19.58 9.21 -43.59
CA LYS C 128 -19.72 10.44 -44.38
C LYS C 128 -18.86 11.49 -43.69
N GLY C 129 -18.27 12.43 -44.41
CA GLY C 129 -17.38 13.43 -43.80
C GLY C 129 -16.55 14.18 -44.82
N GLY C 130 -15.47 14.83 -44.36
CA GLY C 130 -14.43 15.42 -45.22
C GLY C 130 -13.04 15.14 -44.67
N ALA C 131 -12.06 14.96 -45.58
CA ALA C 131 -10.69 14.44 -45.34
C ALA C 131 -9.71 15.03 -46.37
N GLY C 132 -8.55 15.52 -45.93
CA GLY C 132 -7.36 15.81 -46.74
C GLY C 132 -6.15 15.11 -46.17
N SER C 133 -5.20 15.88 -45.67
CA SER C 133 -4.13 15.49 -44.72
C SER C 133 -4.68 14.74 -43.51
N ASP C 134 -5.82 15.19 -43.00
CA ASP C 134 -6.43 14.81 -41.71
C ASP C 134 -7.88 14.40 -41.99
N ILE C 135 -8.51 13.60 -41.13
CA ILE C 135 -10.01 13.48 -41.12
C ILE C 135 -10.56 14.78 -40.52
N ASP C 136 -11.04 15.70 -41.35
CA ASP C 136 -11.63 16.99 -40.91
C ASP C 136 -12.94 16.71 -40.19
N ARG C 137 -13.70 15.71 -40.60
CA ARG C 137 -15.10 15.62 -40.18
C ARG C 137 -15.61 14.23 -40.55
N LEU C 138 -16.31 13.62 -39.58
CA LEU C 138 -16.82 12.24 -39.62
C LEU C 138 -18.24 12.16 -39.04
N GLY C 139 -19.10 11.44 -39.75
CA GLY C 139 -20.43 11.05 -39.29
C GLY C 139 -20.67 9.59 -39.58
N LEU C 140 -21.06 8.84 -38.57
CA LEU C 140 -21.40 7.41 -38.72
C LEU C 140 -22.79 7.31 -39.33
N ILE C 141 -23.13 6.18 -39.94
CA ILE C 141 -24.47 5.95 -40.56
C ILE C 141 -24.90 4.52 -40.27
N PHE C 142 -26.13 4.33 -39.75
CA PHE C 142 -26.64 3.04 -39.22
C PHE C 142 -27.89 2.68 -40.02
N LEU C 143 -28.37 1.43 -39.94
CA LEU C 143 -29.71 1.00 -40.42
C LEU C 143 -30.81 1.37 -39.42
N LYS C 144 -32.09 1.06 -39.70
CA LYS C 144 -33.23 1.50 -38.85
C LYS C 144 -33.78 0.32 -38.02
N ASP D 5 -51.05 17.64 -17.42
CA ASP D 5 -50.02 17.41 -18.46
C ASP D 5 -49.65 15.92 -18.51
N ASN D 6 -49.05 15.52 -19.63
CA ASN D 6 -48.50 14.16 -19.85
C ASN D 6 -46.97 14.27 -19.78
N TYR D 7 -46.46 15.26 -19.07
CA TYR D 7 -45.01 15.52 -18.95
C TYR D 7 -44.62 15.56 -17.47
N ILE D 8 -43.36 15.24 -17.19
CA ILE D 8 -42.71 15.39 -15.85
C ILE D 8 -41.71 16.56 -15.90
N TYR D 9 -41.94 17.60 -15.10
CA TYR D 9 -41.01 18.76 -14.99
C TYR D 9 -40.02 18.54 -13.85
N SER D 10 -38.76 18.19 -14.16
CA SER D 10 -37.65 18.24 -13.19
C SER D 10 -37.47 19.69 -12.70
N THR D 11 -37.14 19.90 -11.43
CA THR D 11 -36.69 21.21 -10.89
C THR D 11 -35.69 21.89 -11.85
N GLU D 12 -36.01 23.11 -12.29
CA GLU D 12 -35.02 24.04 -12.87
C GLU D 12 -34.04 24.42 -11.77
N VAL D 13 -32.73 24.30 -11.99
CA VAL D 13 -31.73 24.64 -10.94
C VAL D 13 -30.74 25.66 -11.52
N GLY D 14 -30.21 26.54 -10.67
CA GLY D 14 -29.29 27.64 -11.01
C GLY D 14 -29.88 28.98 -10.56
N GLY D 15 -29.55 30.06 -11.26
CA GLY D 15 -30.03 31.43 -10.96
C GLY D 15 -31.34 31.86 -11.65
N VAL D 16 -31.79 33.07 -11.34
CA VAL D 16 -32.98 33.76 -11.97
C VAL D 16 -32.57 34.52 -13.24
N GLY D 17 -31.26 34.70 -13.49
CA GLY D 17 -30.75 35.49 -14.62
C GLY D 17 -31.12 34.92 -15.98
N GLY D 18 -30.66 35.60 -17.03
CA GLY D 18 -30.72 35.16 -18.42
C GLY D 18 -32.10 35.25 -19.05
N THR D 19 -32.16 34.89 -20.31
CA THR D 19 -33.42 34.90 -21.06
C THR D 19 -34.07 33.53 -20.93
N PRO D 20 -35.33 33.44 -20.48
CA PRO D 20 -36.03 32.16 -20.46
C PRO D 20 -36.09 31.47 -21.83
N PHE D 21 -36.02 30.13 -21.81
CA PHE D 21 -36.15 29.18 -22.96
C PHE D 21 -36.94 27.93 -22.56
N THR D 22 -37.65 27.39 -23.55
CA THR D 22 -38.40 26.12 -23.54
C THR D 22 -38.22 25.51 -24.94
N PHE D 23 -37.70 24.29 -24.97
CA PHE D 23 -37.46 23.47 -26.17
C PHE D 23 -38.20 22.15 -25.99
N MET D 24 -39.39 22.03 -26.58
CA MET D 24 -40.23 20.80 -26.61
C MET D 24 -41.01 20.83 -27.93
N GLN D 25 -41.40 19.69 -28.45
CA GLN D 25 -42.18 19.69 -29.71
C GLN D 25 -43.33 18.74 -29.52
N GLU D 26 -44.54 19.13 -29.89
CA GLU D 26 -45.68 18.21 -29.73
C GLU D 26 -45.38 16.92 -30.50
N SER D 27 -45.53 15.81 -29.79
CA SER D 27 -45.31 14.42 -30.28
C SER D 27 -43.83 14.18 -30.62
N GLY D 28 -42.91 14.91 -30.00
CA GLY D 28 -41.48 14.72 -30.30
C GLY D 28 -40.63 14.63 -29.05
N THR D 29 -39.61 13.79 -29.09
CA THR D 29 -38.58 13.56 -28.02
C THR D 29 -37.23 14.06 -28.53
N ILE D 30 -36.36 14.52 -27.63
CA ILE D 30 -35.00 15.02 -27.95
C ILE D 30 -34.24 13.84 -28.56
N THR D 31 -33.63 14.02 -29.72
CA THR D 31 -32.94 12.90 -30.35
C THR D 31 -31.46 13.22 -30.27
N SER D 32 -31.19 14.45 -29.93
CA SER D 32 -29.80 14.96 -29.80
C SER D 32 -29.74 16.16 -28.86
N ILE D 33 -28.70 16.23 -28.03
CA ILE D 33 -28.47 17.38 -27.13
C ILE D 33 -26.95 17.59 -26.99
N LYS D 34 -26.52 18.86 -27.00
CA LYS D 34 -25.10 19.24 -26.97
C LYS D 34 -24.86 20.18 -25.80
N PHE D 35 -23.81 19.97 -25.00
CA PHE D 35 -23.45 20.86 -23.87
C PHE D 35 -22.15 21.60 -24.19
N ASN D 36 -22.09 22.92 -24.04
CA ASN D 36 -20.83 23.66 -24.29
C ASN D 36 -20.46 24.31 -22.96
N TRP D 37 -19.26 24.06 -22.40
CA TRP D 37 -18.79 24.63 -21.10
C TRP D 37 -17.36 25.15 -21.25
N SER D 38 -16.87 25.89 -20.26
CA SER D 38 -15.47 26.40 -20.24
C SER D 38 -14.70 25.88 -19.02
N ASP D 39 -13.38 25.80 -19.16
CA ASP D 39 -12.47 25.56 -18.01
C ASP D 39 -12.33 26.90 -17.30
N GLN D 40 -12.44 28.01 -18.04
CA GLN D 40 -12.21 29.37 -17.51
C GLN D 40 -13.17 29.69 -16.36
N TYR D 41 -14.47 29.44 -16.56
CA TYR D 41 -15.55 29.79 -15.62
C TYR D 41 -16.13 28.53 -14.96
N LYS D 42 -15.86 27.35 -15.49
CA LYS D 42 -16.34 26.08 -14.88
C LYS D 42 -17.87 26.07 -14.89
N LEU D 43 -18.45 26.66 -15.94
CA LEU D 43 -19.93 26.77 -16.17
C LEU D 43 -20.30 26.20 -17.55
N LEU D 44 -21.53 25.72 -17.65
CA LEU D 44 -22.22 25.54 -18.94
C LEU D 44 -22.59 26.91 -19.48
N HIS D 45 -22.31 27.12 -20.76
CA HIS D 45 -22.46 28.41 -21.45
C HIS D 45 -23.55 28.34 -22.50
N HIS D 46 -23.70 27.19 -23.21
CA HIS D 46 -24.55 27.08 -24.43
C HIS D 46 -25.07 25.66 -24.56
N ILE D 47 -26.27 25.48 -25.13
CA ILE D 47 -26.94 24.16 -25.20
C ILE D 47 -27.74 24.09 -26.50
N GLU D 48 -27.64 23.00 -27.28
CA GLU D 48 -28.41 22.79 -28.54
C GLU D 48 -29.17 21.48 -28.48
N VAL D 49 -30.31 21.43 -29.10
CA VAL D 49 -31.21 20.26 -29.02
C VAL D 49 -31.74 20.04 -30.42
N LYS D 50 -31.80 18.80 -30.90
CA LYS D 50 -32.51 18.44 -32.15
C LYS D 50 -33.62 17.52 -31.69
N PHE D 51 -34.70 17.44 -32.45
CA PHE D 51 -35.92 16.66 -32.10
C PHE D 51 -36.21 15.66 -33.20
N ILE D 52 -36.77 14.54 -32.81
CA ILE D 52 -37.12 13.42 -33.71
C ILE D 52 -37.97 14.02 -34.83
N ASN D 53 -37.66 13.68 -36.09
CA ASN D 53 -38.41 14.08 -37.31
C ASN D 53 -38.33 15.61 -37.43
N ASN D 54 -37.13 16.20 -37.31
CA ASN D 54 -36.96 17.68 -37.33
C ASN D 54 -35.46 17.99 -37.39
N ALA D 55 -35.01 18.68 -38.43
CA ALA D 55 -33.59 18.96 -38.70
C ALA D 55 -33.19 20.31 -38.09
N ASN D 56 -34.17 21.08 -37.61
CA ASN D 56 -33.97 22.36 -36.89
C ASN D 56 -33.21 22.14 -35.57
N ILE D 57 -32.10 22.89 -35.42
CA ILE D 57 -31.23 23.00 -34.22
C ILE D 57 -31.74 24.17 -33.37
N TYR D 58 -32.25 23.90 -32.15
CA TYR D 58 -32.73 24.89 -31.14
C TYR D 58 -31.56 25.18 -30.21
N ALA D 59 -31.18 26.45 -30.05
CA ALA D 59 -29.92 26.85 -29.37
C ALA D 59 -30.22 27.97 -28.38
N THR D 60 -29.45 28.00 -27.29
CA THR D 60 -29.54 29.05 -26.27
C THR D 60 -28.16 29.23 -25.66
N GLY D 61 -27.93 30.42 -25.16
CA GLY D 61 -26.67 30.74 -24.48
C GLY D 61 -25.54 30.89 -25.46
N ASP D 62 -24.48 31.57 -25.03
CA ASP D 62 -23.35 32.06 -25.85
C ASP D 62 -22.35 30.91 -26.01
N PRO D 63 -22.03 30.41 -27.23
CA PRO D 63 -21.10 29.28 -27.38
C PRO D 63 -19.61 29.66 -27.25
N LYS D 64 -19.20 30.13 -26.06
CA LYS D 64 -17.82 30.62 -25.80
C LYS D 64 -16.97 29.55 -25.08
N GLY D 65 -17.53 28.41 -24.68
CA GLY D 65 -16.74 27.35 -24.00
C GLY D 65 -15.73 26.73 -24.95
N ASN D 66 -14.70 26.05 -24.41
CA ASN D 66 -13.59 25.33 -25.13
C ASN D 66 -13.86 23.83 -25.26
N HIS D 67 -14.89 23.29 -24.61
CA HIS D 67 -15.31 21.87 -24.75
C HIS D 67 -16.79 21.82 -25.12
N GLU D 68 -17.22 20.82 -25.88
CA GLU D 68 -18.66 20.56 -26.13
C GLU D 68 -18.79 19.04 -26.12
N VAL D 69 -19.86 18.47 -25.58
CA VAL D 69 -20.21 17.03 -25.75
C VAL D 69 -21.60 16.99 -26.36
N ILE D 70 -21.87 15.95 -27.14
CA ILE D 70 -23.18 15.70 -27.80
C ILE D 70 -23.64 14.31 -27.33
N LEU D 71 -24.90 14.18 -26.95
CA LEU D 71 -25.49 12.84 -26.78
C LEU D 71 -26.59 12.66 -27.84
N GLU D 72 -26.49 11.57 -28.60
CA GLU D 72 -27.56 11.13 -29.53
C GLU D 72 -28.33 10.04 -28.81
N ILE D 73 -29.64 10.03 -28.96
CA ILE D 73 -30.59 9.15 -28.24
C ILE D 73 -31.39 8.42 -29.30
N ASP D 74 -31.24 7.11 -29.35
CA ASP D 74 -32.11 6.22 -30.16
C ASP D 74 -33.56 6.51 -29.75
N ASP D 75 -34.50 6.29 -30.66
CA ASP D 75 -35.95 6.53 -30.46
C ASP D 75 -36.42 5.79 -29.20
N ASP D 76 -35.89 4.59 -28.93
CA ASP D 76 -36.37 3.74 -27.80
C ASP D 76 -35.41 3.84 -26.62
N GLU D 77 -34.55 4.85 -26.56
CA GLU D 77 -33.51 5.00 -25.51
C GLU D 77 -33.98 6.02 -24.47
N THR D 78 -34.00 5.63 -23.19
CA THR D 78 -34.42 6.54 -22.08
C THR D 78 -33.20 6.94 -21.25
N ILE D 79 -33.40 7.92 -20.37
CA ILE D 79 -32.42 8.36 -19.34
C ILE D 79 -32.76 7.59 -18.06
N ILE D 80 -31.77 6.91 -17.48
CA ILE D 80 -31.94 6.08 -16.24
C ILE D 80 -31.14 6.72 -15.10
N GLY D 81 -30.33 7.73 -15.41
CA GLY D 81 -29.35 8.39 -14.53
C GLY D 81 -29.11 9.81 -15.02
N SER D 82 -29.28 10.77 -14.14
CA SER D 82 -29.22 12.19 -14.50
C SER D 82 -28.78 12.99 -13.28
N VAL D 83 -27.73 13.77 -13.42
CA VAL D 83 -27.20 14.65 -12.35
C VAL D 83 -26.89 16.01 -12.98
N ILE D 84 -27.43 17.08 -12.41
CA ILE D 84 -27.04 18.45 -12.84
C ILE D 84 -26.21 19.11 -11.75
N GLY D 85 -25.03 19.58 -12.06
CA GLY D 85 -24.24 20.41 -11.14
C GLY D 85 -24.70 21.83 -11.29
N TYR D 86 -24.77 22.61 -10.20
CA TYR D 86 -25.15 24.04 -10.31
C TYR D 86 -24.71 24.80 -9.06
N LYS D 87 -24.60 26.13 -9.16
CA LYS D 87 -24.50 27.07 -8.02
C LYS D 87 -25.92 27.50 -7.60
N LYS D 88 -26.19 27.43 -6.28
CA LYS D 88 -27.44 27.79 -5.59
C LYS D 88 -27.49 29.31 -5.56
N GLY D 89 -28.63 29.89 -5.23
CA GLY D 89 -28.75 31.35 -5.05
C GLY D 89 -29.35 32.00 -6.29
N ASN D 90 -29.89 33.21 -6.13
CA ASN D 90 -30.48 34.06 -7.20
C ASN D 90 -29.45 34.28 -8.32
N ASP D 91 -28.21 34.56 -7.97
CA ASP D 91 -27.14 34.86 -8.94
C ASP D 91 -26.48 33.52 -9.31
N GLY D 92 -27.21 32.41 -9.23
CA GLY D 92 -26.67 31.05 -9.45
C GLY D 92 -26.48 30.72 -10.91
N ARG D 93 -26.06 29.50 -11.19
CA ARG D 93 -25.57 29.07 -12.54
C ARG D 93 -25.62 27.56 -12.63
N CYS D 94 -25.85 27.02 -13.82
CA CYS D 94 -25.79 25.55 -14.09
C CYS D 94 -24.38 25.22 -14.57
N THR D 95 -23.70 24.26 -13.93
CA THR D 95 -22.21 24.09 -14.03
C THR D 95 -21.79 22.80 -14.75
N GLY D 96 -22.67 21.82 -14.84
CA GLY D 96 -22.40 20.58 -15.59
C GLY D 96 -23.63 19.68 -15.64
N VAL D 97 -23.57 18.60 -16.40
CA VAL D 97 -24.66 17.61 -16.62
C VAL D 97 -24.00 16.27 -16.91
N LYS D 98 -24.37 15.23 -16.15
CA LYS D 98 -24.03 13.80 -16.38
C LYS D 98 -25.34 13.03 -16.68
N LEU D 99 -25.46 12.39 -17.84
CA LEU D 99 -26.63 11.53 -18.23
C LEU D 99 -26.12 10.10 -18.55
N THR D 100 -26.84 9.09 -18.04
CA THR D 100 -26.68 7.66 -18.36
C THR D 100 -27.98 7.10 -18.94
N THR D 101 -27.88 6.42 -20.07
CA THR D 101 -29.04 6.01 -20.89
C THR D 101 -29.37 4.56 -20.58
N SER D 102 -30.50 4.03 -21.09
CA SER D 102 -30.95 2.63 -20.91
C SER D 102 -30.15 1.69 -21.81
N LYS D 103 -29.22 2.21 -22.62
CA LYS D 103 -28.33 1.40 -23.48
C LYS D 103 -26.88 1.52 -23.01
N GLY D 104 -26.64 2.11 -21.86
CA GLY D 104 -25.29 2.13 -21.28
C GLY D 104 -24.48 3.30 -21.78
N LYS D 105 -25.07 4.19 -22.57
CA LYS D 105 -24.35 5.38 -23.03
C LYS D 105 -24.36 6.40 -21.91
N SER D 106 -23.30 7.18 -21.83
CA SER D 106 -23.21 8.19 -20.78
C SER D 106 -22.35 9.32 -21.28
N ILE D 107 -22.59 10.51 -20.75
CA ILE D 107 -21.81 11.73 -21.04
C ILE D 107 -21.60 12.45 -19.74
N MET D 108 -20.72 13.42 -19.76
CA MET D 108 -20.22 14.13 -18.57
C MET D 108 -19.74 15.46 -19.13
N ALA D 109 -20.48 16.53 -18.85
CA ALA D 109 -20.22 17.91 -19.30
C ALA D 109 -20.05 18.81 -18.07
N GLY D 110 -18.92 19.51 -18.01
CA GLY D 110 -18.60 20.62 -17.09
C GLY D 110 -18.24 20.11 -15.72
N TYR D 111 -18.63 20.82 -14.66
CA TYR D 111 -18.09 20.66 -13.29
C TYR D 111 -19.21 20.37 -12.29
N PHE D 112 -18.82 19.75 -11.16
CA PHE D 112 -19.70 19.30 -10.05
C PHE D 112 -19.09 19.69 -8.69
N GLU D 113 -18.57 20.91 -8.54
CA GLU D 113 -17.88 21.37 -7.30
C GLU D 113 -18.84 21.98 -6.27
N GLU D 114 -20.07 22.29 -6.66
CA GLU D 114 -21.03 22.92 -5.73
C GLU D 114 -22.22 22.00 -5.48
N SER D 115 -23.44 22.45 -5.77
CA SER D 115 -24.66 21.67 -5.47
C SER D 115 -25.03 20.71 -6.61
N LEU D 116 -25.79 19.67 -6.32
CA LEU D 116 -26.17 18.70 -7.36
C LEU D 116 -27.63 18.34 -7.20
N ILE D 117 -28.29 17.94 -8.29
CA ILE D 117 -29.67 17.37 -8.27
C ILE D 117 -29.57 16.04 -8.99
N THR D 118 -30.11 14.97 -8.41
CA THR D 118 -30.32 13.69 -9.11
C THR D 118 -31.76 13.75 -9.61
N THR D 119 -31.99 13.95 -10.90
CA THR D 119 -33.35 14.29 -11.39
C THR D 119 -34.22 13.04 -11.43
N TYR D 120 -35.36 13.27 -12.03
CA TYR D 120 -36.36 12.27 -12.43
C TYR D 120 -35.79 11.60 -13.67
N THR D 121 -36.35 10.45 -13.98
CA THR D 121 -35.85 9.63 -15.09
C THR D 121 -36.98 9.27 -16.05
N GLY D 122 -36.62 8.86 -17.25
CA GLY D 122 -37.53 8.45 -18.34
C GLY D 122 -37.02 8.90 -19.69
N LYS D 123 -37.91 8.94 -20.67
CA LYS D 123 -37.65 9.43 -22.05
C LYS D 123 -37.56 10.97 -22.01
N LEU D 124 -36.36 11.52 -22.22
CA LEU D 124 -36.11 12.99 -22.24
C LEU D 124 -36.88 13.70 -23.40
N ALA D 125 -37.82 14.59 -23.07
CA ALA D 125 -38.78 15.19 -24.04
C ALA D 125 -38.44 16.65 -24.37
N GLY D 126 -37.84 17.38 -23.42
CA GLY D 126 -37.39 18.75 -23.69
C GLY D 126 -36.48 19.26 -22.60
N ILE D 127 -36.16 20.54 -22.66
CA ILE D 127 -35.39 21.21 -21.57
C ILE D 127 -35.93 22.63 -21.43
N LYS D 128 -35.74 23.23 -20.27
CA LYS D 128 -36.15 24.62 -20.08
C LYS D 128 -35.20 25.30 -19.07
N GLY D 129 -35.28 26.62 -18.95
CA GLY D 129 -34.45 27.39 -18.02
C GLY D 129 -34.18 28.77 -18.57
N GLY D 130 -33.13 29.41 -18.09
CA GLY D 130 -32.65 30.71 -18.61
C GLY D 130 -31.17 30.68 -18.98
N ALA D 131 -30.77 31.46 -19.99
CA ALA D 131 -29.38 31.56 -20.49
C ALA D 131 -29.14 32.93 -21.09
N GLY D 132 -27.90 33.43 -20.95
CA GLY D 132 -27.32 34.59 -21.65
C GLY D 132 -25.91 34.23 -22.10
N SER D 133 -24.89 34.79 -21.43
CA SER D 133 -23.46 34.37 -21.52
C SER D 133 -23.33 32.94 -20.99
N ASP D 134 -24.10 32.58 -19.97
CA ASP D 134 -24.00 31.26 -19.33
C ASP D 134 -25.37 30.58 -19.41
N ILE D 135 -25.44 29.31 -19.00
CA ILE D 135 -26.71 28.66 -18.59
C ILE D 135 -26.95 29.01 -17.12
N ASP D 136 -27.79 30.00 -16.87
CA ASP D 136 -28.19 30.44 -15.51
C ASP D 136 -28.90 29.27 -14.81
N ARG D 137 -29.71 28.51 -15.54
CA ARG D 137 -30.70 27.58 -14.93
C ARG D 137 -31.10 26.56 -16.00
N LEU D 138 -31.18 25.29 -15.60
CA LEU D 138 -31.56 24.16 -16.50
C LEU D 138 -32.57 23.26 -15.77
N GLY D 139 -33.63 22.83 -16.44
CA GLY D 139 -34.59 21.82 -15.94
C GLY D 139 -34.92 20.87 -17.07
N LEU D 140 -34.87 19.57 -16.80
CA LEU D 140 -35.20 18.53 -17.80
C LEU D 140 -36.70 18.25 -17.76
N ILE D 141 -37.26 17.81 -18.86
CA ILE D 141 -38.70 17.47 -18.98
C ILE D 141 -38.81 16.06 -19.56
N PHE D 142 -39.53 15.15 -18.91
CA PHE D 142 -39.68 13.75 -19.37
C PHE D 142 -41.15 13.49 -19.64
N LEU D 143 -41.46 12.46 -20.46
CA LEU D 143 -42.80 11.85 -20.68
C LEU D 143 -43.21 10.99 -19.47
N LYS D 144 -44.51 10.73 -19.24
CA LYS D 144 -45.00 9.98 -18.04
C LYS D 144 -44.89 8.47 -18.25
N ASP E 5 -52.27 3.85 12.12
CA ASP E 5 -51.56 4.56 11.01
C ASP E 5 -51.28 3.58 9.85
N ASN E 6 -51.26 4.10 8.61
CA ASN E 6 -50.75 3.38 7.42
C ASN E 6 -49.27 3.75 7.22
N TYR E 7 -48.58 4.17 8.28
CA TYR E 7 -47.23 4.78 8.22
C TYR E 7 -46.23 4.06 9.14
N ILE E 8 -44.96 4.00 8.71
CA ILE E 8 -43.80 3.53 9.54
C ILE E 8 -42.97 4.75 9.98
N TYR E 9 -42.80 4.99 11.29
CA TYR E 9 -42.00 6.14 11.80
C TYR E 9 -40.58 5.64 12.05
N SER E 10 -39.61 6.02 11.24
CA SER E 10 -38.18 5.69 11.51
C SER E 10 -37.77 6.51 12.72
N THR E 11 -36.87 5.98 13.53
CA THR E 11 -36.32 6.74 14.68
C THR E 11 -35.87 8.14 14.26
N GLU E 12 -36.31 9.11 15.05
CA GLU E 12 -35.85 10.51 14.99
C GLU E 12 -34.48 10.53 15.67
N VAL E 13 -33.39 10.86 14.97
CA VAL E 13 -32.05 10.87 15.63
C VAL E 13 -31.48 12.27 15.65
N GLY E 14 -30.66 12.55 16.67
CA GLY E 14 -30.04 13.83 17.01
C GLY E 14 -30.52 14.30 18.37
N GLY E 15 -30.72 15.60 18.55
CA GLY E 15 -31.01 16.25 19.84
C GLY E 15 -32.48 16.61 20.03
N VAL E 16 -32.73 17.28 21.14
CA VAL E 16 -34.08 17.67 21.64
C VAL E 16 -34.34 19.12 21.19
N GLY E 17 -33.30 19.81 20.72
CA GLY E 17 -33.31 21.24 20.39
C GLY E 17 -34.28 21.55 19.25
N GLY E 18 -34.36 22.84 18.90
CA GLY E 18 -35.09 23.36 17.73
C GLY E 18 -36.60 23.18 17.79
N THR E 19 -37.27 23.83 16.85
CA THR E 19 -38.73 23.83 16.70
C THR E 19 -39.15 22.52 16.06
N PRO E 20 -40.12 21.78 16.62
CA PRO E 20 -40.70 20.60 15.94
C PRO E 20 -41.22 20.92 14.55
N PHE E 21 -41.20 19.94 13.65
CA PHE E 21 -41.83 20.03 12.31
C PHE E 21 -42.37 18.63 12.00
N THR E 22 -43.45 18.53 11.22
CA THR E 22 -43.95 17.24 10.63
C THR E 22 -44.53 17.52 9.24
N PHE E 23 -43.86 17.01 8.18
CA PHE E 23 -44.21 17.13 6.75
C PHE E 23 -44.81 15.77 6.33
N MET E 24 -46.07 15.78 5.90
CA MET E 24 -46.88 14.59 5.53
C MET E 24 -48.12 15.11 4.84
N GLN E 25 -48.64 14.41 3.82
CA GLN E 25 -49.93 14.79 3.18
C GLN E 25 -50.69 13.49 2.92
N GLU E 26 -52.01 13.50 3.15
CA GLU E 26 -52.84 12.31 3.46
C GLU E 26 -52.58 11.16 2.49
N SER E 27 -52.86 11.34 1.19
CA SER E 27 -52.63 10.30 0.16
C SER E 27 -51.47 10.80 -0.71
N GLY E 28 -50.34 11.13 -0.07
CA GLY E 28 -49.21 11.87 -0.65
C GLY E 28 -47.87 11.19 -0.38
N THR E 29 -46.93 11.34 -1.30
CA THR E 29 -45.55 10.82 -1.11
C THR E 29 -44.55 11.91 -1.44
N ILE E 30 -43.37 11.86 -0.84
CA ILE E 30 -42.34 12.89 -1.07
C ILE E 30 -41.91 12.79 -2.52
N THR E 31 -41.93 13.88 -3.25
CA THR E 31 -41.54 13.80 -4.67
C THR E 31 -40.17 14.46 -4.81
N SER E 32 -39.84 15.34 -3.89
CA SER E 32 -38.56 16.07 -3.95
C SER E 32 -38.07 16.36 -2.54
N ILE E 33 -36.80 16.11 -2.28
CA ILE E 33 -36.22 16.47 -0.96
C ILE E 33 -34.84 17.10 -1.18
N LYS E 34 -34.56 18.18 -0.48
CA LYS E 34 -33.28 18.92 -0.58
C LYS E 34 -32.61 18.94 0.80
N PHE E 35 -31.30 18.86 0.86
CA PHE E 35 -30.51 18.86 2.13
C PHE E 35 -29.46 19.95 2.01
N ASN E 36 -29.49 20.90 2.94
CA ASN E 36 -28.49 22.00 2.92
C ASN E 36 -27.48 21.72 4.05
N TRP E 37 -26.17 21.68 3.79
CA TRP E 37 -25.19 21.55 4.90
C TRP E 37 -23.98 22.48 4.72
N SER E 38 -23.14 22.60 5.76
CA SER E 38 -21.90 23.42 5.74
C SER E 38 -20.67 22.57 6.07
N ASP E 39 -19.55 22.87 5.42
CA ASP E 39 -18.24 22.27 5.79
C ASP E 39 -17.75 22.98 7.05
N GLN E 40 -18.31 24.14 7.41
CA GLN E 40 -17.89 24.87 8.63
C GLN E 40 -18.28 24.09 9.89
N TYR E 41 -19.56 23.74 10.05
CA TYR E 41 -20.14 23.05 11.22
C TYR E 41 -20.28 21.53 11.01
N LYS E 42 -20.16 21.05 9.77
CA LYS E 42 -20.33 19.61 9.42
C LYS E 42 -21.69 19.09 9.88
N LEU E 43 -22.73 19.93 9.73
CA LEU E 43 -24.12 19.72 10.19
C LEU E 43 -25.03 19.88 9.01
N LEU E 44 -26.19 19.22 9.01
CA LEU E 44 -27.32 19.68 8.17
C LEU E 44 -27.85 20.98 8.81
N HIS E 45 -28.14 22.00 8.00
CA HIS E 45 -28.79 23.24 8.49
C HIS E 45 -30.26 23.33 8.06
N HIS E 46 -30.65 22.81 6.88
CA HIS E 46 -31.95 23.16 6.23
C HIS E 46 -32.43 22.00 5.37
N ILE E 47 -33.75 21.82 5.26
CA ILE E 47 -34.36 20.68 4.52
C ILE E 47 -35.63 21.21 3.85
N GLU E 48 -35.85 20.85 2.60
CA GLU E 48 -37.08 21.18 1.83
C GLU E 48 -37.66 19.91 1.23
N VAL E 49 -38.99 19.81 1.21
CA VAL E 49 -39.75 18.62 0.75
C VAL E 49 -40.87 19.15 -0.12
N LYS E 50 -41.08 18.59 -1.31
CA LYS E 50 -42.29 18.83 -2.14
C LYS E 50 -43.01 17.50 -2.14
N PHE E 51 -44.33 17.47 -2.29
CA PHE E 51 -45.11 16.22 -2.33
C PHE E 51 -45.82 16.17 -3.67
N ILE E 52 -46.31 14.98 -4.01
CA ILE E 52 -46.94 14.62 -5.31
C ILE E 52 -48.18 15.52 -5.47
N ASN E 53 -48.48 16.02 -6.68
CA ASN E 53 -49.69 16.85 -6.95
C ASN E 53 -49.75 18.05 -5.98
N ASN E 54 -48.63 18.75 -5.70
CA ASN E 54 -48.60 19.91 -4.75
C ASN E 54 -47.32 20.75 -4.91
N ALA E 55 -47.46 21.98 -5.44
CA ALA E 55 -46.37 22.90 -5.83
C ALA E 55 -45.70 23.51 -4.60
N ASN E 56 -46.33 23.36 -3.43
CA ASN E 56 -45.85 23.97 -2.17
C ASN E 56 -44.63 23.22 -1.65
N ILE E 57 -43.63 24.04 -1.36
CA ILE E 57 -42.35 23.71 -0.66
C ILE E 57 -42.58 23.86 0.86
N TYR E 58 -42.36 22.78 1.62
CA TYR E 58 -42.33 22.75 3.11
C TYR E 58 -40.85 22.79 3.52
N ALA E 59 -40.43 23.88 4.14
CA ALA E 59 -39.02 24.10 4.53
C ALA E 59 -38.89 24.08 6.06
N THR E 60 -37.70 23.72 6.53
CA THR E 60 -37.37 23.70 7.97
C THR E 60 -35.87 23.95 8.09
N GLY E 61 -35.42 24.60 9.15
CA GLY E 61 -33.98 24.85 9.29
C GLY E 61 -33.59 26.19 8.75
N ASP E 62 -32.32 26.54 8.90
CA ASP E 62 -31.79 27.84 8.44
C ASP E 62 -30.85 27.59 7.28
N PRO E 63 -31.12 28.00 6.03
CA PRO E 63 -30.21 27.70 4.92
C PRO E 63 -28.85 28.42 5.00
N LYS E 64 -27.98 28.01 5.90
CA LYS E 64 -26.72 28.75 6.08
C LYS E 64 -25.61 27.99 5.39
N GLY E 65 -25.91 26.84 4.84
CA GLY E 65 -24.85 26.04 4.25
C GLY E 65 -24.34 26.50 2.90
N ASN E 66 -23.11 26.08 2.58
CA ASN E 66 -22.43 26.30 1.27
C ASN E 66 -22.75 25.18 0.26
N HIS E 67 -23.35 24.07 0.69
CA HIS E 67 -23.71 22.87 -0.13
C HIS E 67 -25.22 22.57 -0.09
N GLU E 68 -25.77 21.98 -1.15
CA GLU E 68 -27.14 21.42 -1.13
C GLU E 68 -27.24 20.26 -2.14
N VAL E 69 -28.15 19.32 -1.93
CA VAL E 69 -28.38 18.26 -2.94
C VAL E 69 -29.86 17.99 -2.96
N ILE E 70 -30.35 17.58 -4.11
CA ILE E 70 -31.81 17.39 -4.28
C ILE E 70 -31.98 16.01 -4.88
N LEU E 71 -32.93 15.26 -4.36
CA LEU E 71 -33.26 13.97 -5.00
C LEU E 71 -34.69 14.08 -5.48
N GLU E 72 -34.94 13.81 -6.75
CA GLU E 72 -36.35 13.69 -7.21
C GLU E 72 -36.70 12.22 -7.18
N ILE E 73 -37.95 11.90 -6.85
CA ILE E 73 -38.41 10.48 -6.67
C ILE E 73 -39.58 10.26 -7.62
N ASP E 74 -39.38 9.44 -8.66
CA ASP E 74 -40.44 9.05 -9.64
C ASP E 74 -41.53 8.42 -8.79
N ASP E 75 -42.76 8.37 -9.27
CA ASP E 75 -43.93 7.93 -8.47
C ASP E 75 -43.80 6.45 -8.05
N ASP E 76 -43.07 5.62 -8.80
CA ASP E 76 -42.98 4.16 -8.49
C ASP E 76 -41.62 3.81 -7.87
N GLU E 77 -40.86 4.83 -7.46
CA GLU E 77 -39.47 4.69 -6.92
C GLU E 77 -39.48 4.68 -5.39
N THR E 78 -38.83 3.69 -4.75
CA THR E 78 -38.76 3.54 -3.25
C THR E 78 -37.35 3.85 -2.77
N ILE E 79 -37.17 4.07 -1.48
CA ILE E 79 -35.82 4.05 -0.84
C ILE E 79 -35.47 2.60 -0.48
N ILE E 80 -34.33 2.08 -0.93
CA ILE E 80 -33.94 0.69 -0.56
C ILE E 80 -32.73 0.72 0.39
N GLY E 81 -32.01 1.84 0.47
CA GLY E 81 -30.88 2.05 1.39
C GLY E 81 -30.92 3.44 2.02
N SER E 82 -30.84 3.55 3.33
CA SER E 82 -30.94 4.86 4.00
C SER E 82 -30.06 4.88 5.24
N VAL E 83 -29.21 5.90 5.33
CA VAL E 83 -28.24 6.15 6.44
C VAL E 83 -28.36 7.63 6.86
N ILE E 84 -28.65 7.90 8.13
CA ILE E 84 -28.54 9.27 8.74
C ILE E 84 -27.35 9.27 9.69
N GLY E 85 -26.36 10.14 9.44
CA GLY E 85 -25.32 10.53 10.40
C GLY E 85 -25.86 11.58 11.37
N TYR E 86 -25.49 11.47 12.65
CA TYR E 86 -25.95 12.39 13.70
C TYR E 86 -24.96 12.42 14.88
N LYS E 87 -25.04 13.50 15.65
CA LYS E 87 -24.43 13.54 17.01
C LYS E 87 -25.51 13.16 18.03
N LYS E 88 -25.25 12.11 18.80
CA LYS E 88 -26.18 11.61 19.84
C LYS E 88 -26.10 12.55 21.02
N GLY E 89 -27.14 12.55 21.84
CA GLY E 89 -27.24 13.37 23.06
C GLY E 89 -28.35 14.39 23.02
N ASN E 90 -28.61 15.00 24.17
CA ASN E 90 -29.65 16.05 24.31
C ASN E 90 -29.32 17.21 23.38
N ASP E 91 -28.04 17.60 23.31
CA ASP E 91 -27.57 18.70 22.43
C ASP E 91 -27.04 18.13 21.11
N GLY E 92 -27.67 17.06 20.63
CA GLY E 92 -27.26 16.35 19.41
C GLY E 92 -27.71 17.05 18.16
N ARG E 93 -27.22 16.61 17.03
CA ARG E 93 -27.58 17.23 15.75
C ARG E 93 -27.57 16.17 14.66
N CYS E 94 -28.43 16.32 13.68
CA CYS E 94 -28.39 15.48 12.45
C CYS E 94 -27.25 16.03 11.56
N THR E 95 -26.28 15.19 11.19
CA THR E 95 -25.05 15.66 10.48
C THR E 95 -25.03 15.27 9.00
N GLY E 96 -25.91 14.36 8.55
CA GLY E 96 -25.82 13.88 7.17
C GLY E 96 -26.89 12.86 6.80
N VAL E 97 -27.04 12.60 5.51
CA VAL E 97 -28.01 11.65 4.91
C VAL E 97 -27.42 11.05 3.62
N LYS E 98 -27.41 9.72 3.53
CA LYS E 98 -27.17 8.93 2.30
C LYS E 98 -28.54 8.30 1.97
N LEU E 99 -29.02 8.42 0.73
CA LEU E 99 -30.23 7.70 0.25
C LEU E 99 -29.89 6.97 -1.05
N THR E 100 -30.42 5.77 -1.23
CA THR E 100 -30.36 4.97 -2.49
C THR E 100 -31.76 4.43 -2.79
N THR E 101 -32.15 4.51 -4.05
CA THR E 101 -33.53 4.24 -4.49
C THR E 101 -33.60 2.90 -5.23
N SER E 102 -34.82 2.44 -5.47
CA SER E 102 -35.14 1.26 -6.32
C SER E 102 -34.67 1.46 -7.78
N LYS E 103 -34.35 2.67 -8.22
CA LYS E 103 -33.81 2.86 -9.59
C LYS E 103 -32.30 3.16 -9.62
N GLY E 104 -31.53 3.01 -8.53
CA GLY E 104 -30.07 3.13 -8.64
C GLY E 104 -29.61 4.55 -8.48
N LYS E 105 -30.55 5.41 -8.09
CA LYS E 105 -30.30 6.82 -7.75
C LYS E 105 -29.76 6.83 -6.33
N SER E 106 -28.86 7.75 -6.05
CA SER E 106 -28.36 7.93 -4.68
C SER E 106 -27.84 9.35 -4.51
N ILE E 107 -27.92 9.83 -3.28
CA ILE E 107 -27.45 11.16 -2.84
C ILE E 107 -26.71 11.01 -1.53
N MET E 108 -25.72 11.86 -1.32
CA MET E 108 -24.83 11.99 -0.13
C MET E 108 -24.93 13.46 0.30
N ALA E 109 -25.45 13.77 1.48
CA ALA E 109 -25.41 15.14 2.08
C ALA E 109 -24.69 15.07 3.43
N GLY E 110 -23.86 16.08 3.71
CA GLY E 110 -23.18 16.35 5.00
C GLY E 110 -22.21 15.26 5.39
N TYR E 111 -22.16 14.92 6.69
CA TYR E 111 -21.03 14.21 7.37
C TYR E 111 -21.52 13.04 8.24
N PHE E 112 -20.64 12.04 8.37
CA PHE E 112 -20.89 10.73 9.02
C PHE E 112 -19.71 10.40 9.95
N GLU E 113 -19.41 11.27 10.91
CA GLU E 113 -18.20 11.17 11.75
C GLU E 113 -18.48 10.53 13.10
N GLU E 114 -19.73 10.43 13.55
CA GLU E 114 -20.04 10.03 14.96
C GLU E 114 -20.98 8.80 14.95
N SER E 115 -22.28 9.03 14.76
CA SER E 115 -23.37 8.02 14.89
C SER E 115 -24.10 7.85 13.55
N LEU E 116 -24.67 6.67 13.33
CA LEU E 116 -25.39 6.32 12.09
C LEU E 116 -26.64 5.53 12.49
N ILE E 117 -27.75 5.74 11.79
CA ILE E 117 -28.88 4.79 11.76
C ILE E 117 -29.04 4.35 10.31
N THR E 118 -29.22 3.05 10.10
CA THR E 118 -29.67 2.43 8.83
C THR E 118 -31.16 2.23 8.99
N THR E 119 -31.96 3.04 8.36
CA THR E 119 -33.42 3.10 8.68
C THR E 119 -34.22 1.95 8.07
N TYR E 120 -35.49 1.88 8.43
CA TYR E 120 -36.50 1.15 7.64
C TYR E 120 -36.42 1.64 6.18
N THR E 121 -36.92 0.83 5.25
CA THR E 121 -36.98 1.15 3.81
C THR E 121 -38.41 1.09 3.34
N GLY E 122 -38.65 1.56 2.10
CA GLY E 122 -39.98 1.67 1.47
C GLY E 122 -40.21 3.06 0.87
N LYS E 123 -41.47 3.37 0.54
CA LYS E 123 -41.87 4.56 -0.24
C LYS E 123 -41.85 5.74 0.71
N LEU E 124 -40.93 6.69 0.57
CA LEU E 124 -40.79 7.80 1.55
C LEU E 124 -42.02 8.69 1.44
N ALA E 125 -42.72 8.95 2.58
CA ALA E 125 -44.03 9.68 2.68
C ALA E 125 -43.91 10.96 3.48
N GLY E 126 -42.94 11.09 4.37
CA GLY E 126 -42.74 12.40 5.03
C GLY E 126 -41.45 12.46 5.80
N ILE E 127 -41.27 13.51 6.55
CA ILE E 127 -40.20 13.57 7.59
C ILE E 127 -40.71 14.35 8.83
N LYS E 128 -40.03 14.15 9.97
CA LYS E 128 -40.43 14.58 11.33
C LYS E 128 -39.17 14.95 12.12
N GLY E 129 -39.23 15.91 13.04
CA GLY E 129 -38.05 16.22 13.87
C GLY E 129 -38.08 17.64 14.39
N GLY E 130 -36.91 18.20 14.68
CA GLY E 130 -36.76 19.62 15.02
C GLY E 130 -35.51 20.27 14.46
N ALA E 131 -35.59 21.60 14.24
CA ALA E 131 -34.63 22.46 13.50
C ALA E 131 -34.75 23.91 13.98
N GLY E 132 -33.62 24.60 14.12
CA GLY E 132 -33.55 26.06 14.24
C GLY E 132 -32.51 26.57 13.27
N SER E 133 -31.35 27.01 13.76
CA SER E 133 -30.11 27.21 12.96
C SER E 133 -29.81 25.92 12.19
N ASP E 134 -29.98 24.76 12.85
CA ASP E 134 -29.51 23.43 12.36
C ASP E 134 -30.69 22.47 12.32
N ILE E 135 -30.53 21.33 11.65
CA ILE E 135 -31.43 20.16 11.83
C ILE E 135 -30.99 19.42 13.09
N ASP E 136 -31.66 19.71 14.19
CA ASP E 136 -31.40 19.11 15.53
C ASP E 136 -31.61 17.61 15.43
N ARG E 137 -32.68 17.19 14.74
CA ARG E 137 -33.28 15.84 14.86
C ARG E 137 -34.14 15.55 13.64
N LEU E 138 -33.99 14.35 13.05
CA LEU E 138 -34.62 13.97 11.76
C LEU E 138 -35.01 12.51 11.82
N GLY E 139 -36.26 12.23 11.52
CA GLY E 139 -36.74 10.85 11.38
C GLY E 139 -37.51 10.76 10.09
N LEU E 140 -37.33 9.66 9.39
CA LEU E 140 -38.04 9.45 8.11
C LEU E 140 -39.37 8.80 8.43
N ILE E 141 -40.29 8.79 7.47
CA ILE E 141 -41.67 8.17 7.53
C ILE E 141 -41.95 7.47 6.21
N PHE E 142 -42.39 6.23 6.24
CA PHE E 142 -42.67 5.42 5.01
C PHE E 142 -44.15 5.06 5.00
N LEU E 143 -44.64 4.42 3.93
CA LEU E 143 -45.94 3.71 3.86
C LEU E 143 -45.70 2.23 4.14
N LYS E 144 -46.74 1.44 4.41
CA LYS E 144 -46.62 0.02 4.86
C LYS E 144 -46.55 -0.96 3.67
N ASP F 5 -16.43 -20.88 -50.60
CA ASP F 5 -15.75 -21.22 -49.34
C ASP F 5 -16.77 -21.31 -48.21
N ASN F 6 -16.57 -22.28 -47.30
CA ASN F 6 -17.29 -22.42 -46.01
C ASN F 6 -16.45 -21.74 -44.91
N TYR F 7 -15.73 -20.66 -45.24
CA TYR F 7 -14.72 -20.05 -44.35
C TYR F 7 -14.86 -18.53 -44.31
N ILE F 8 -14.32 -17.92 -43.26
CA ILE F 8 -14.15 -16.44 -43.16
C ILE F 8 -12.62 -16.21 -43.16
N TYR F 9 -12.10 -15.27 -43.97
CA TYR F 9 -10.66 -14.91 -43.92
C TYR F 9 -10.46 -13.55 -43.22
N SER F 10 -9.93 -13.54 -42.01
CA SER F 10 -9.62 -12.26 -41.37
C SER F 10 -8.48 -11.59 -42.15
N THR F 11 -8.45 -10.27 -42.17
CA THR F 11 -7.34 -9.49 -42.76
C THR F 11 -6.03 -10.01 -42.20
N GLU F 12 -5.19 -10.54 -43.09
CA GLU F 12 -3.71 -10.70 -42.92
C GLU F 12 -3.12 -9.33 -42.57
N VAL F 13 -2.42 -9.17 -41.44
CA VAL F 13 -1.79 -7.86 -41.05
C VAL F 13 -0.28 -8.04 -40.86
N GLY F 14 0.45 -6.98 -41.16
CA GLY F 14 1.93 -6.92 -41.10
C GLY F 14 2.54 -6.65 -42.47
N GLY F 15 3.71 -7.24 -42.77
CA GLY F 15 4.48 -6.96 -43.98
C GLY F 15 4.14 -7.90 -45.11
N VAL F 16 4.77 -7.64 -46.26
CA VAL F 16 4.75 -8.50 -47.47
C VAL F 16 5.86 -9.55 -47.40
N GLY F 17 6.77 -9.47 -46.41
CA GLY F 17 8.00 -10.30 -46.28
C GLY F 17 7.76 -11.79 -46.04
N GLY F 18 8.86 -12.56 -46.04
CA GLY F 18 8.94 -14.02 -45.73
C GLY F 18 8.14 -14.93 -46.66
N THR F 19 8.02 -16.20 -46.29
CA THR F 19 7.48 -17.25 -47.20
C THR F 19 6.00 -17.37 -46.91
N PRO F 20 5.11 -17.37 -47.92
CA PRO F 20 3.70 -17.69 -47.69
C PRO F 20 3.43 -19.07 -47.07
N PHE F 21 2.40 -19.15 -46.23
CA PHE F 21 1.91 -20.39 -45.58
C PHE F 21 0.39 -20.29 -45.48
N THR F 22 -0.26 -21.44 -45.50
CA THR F 22 -1.72 -21.59 -45.35
C THR F 22 -2.02 -22.95 -44.73
N PHE F 23 -2.40 -22.99 -43.44
CA PHE F 23 -2.73 -24.23 -42.70
C PHE F 23 -4.25 -24.31 -42.56
N MET F 24 -4.86 -25.41 -43.04
CA MET F 24 -6.33 -25.71 -43.12
C MET F 24 -6.52 -27.21 -43.43
N GLN F 25 -7.58 -27.88 -42.93
CA GLN F 25 -7.92 -29.30 -43.27
C GLN F 25 -9.43 -29.44 -43.54
N GLU F 26 -9.79 -30.16 -44.63
CA GLU F 26 -11.13 -30.15 -45.31
C GLU F 26 -12.29 -30.05 -44.32
N SER F 27 -12.42 -30.98 -43.37
CA SER F 27 -13.47 -30.91 -42.32
C SER F 27 -12.79 -30.85 -40.96
N GLY F 28 -11.92 -29.85 -40.74
CA GLY F 28 -10.96 -29.80 -39.61
C GLY F 28 -10.82 -28.42 -39.00
N THR F 29 -10.88 -28.37 -37.67
CA THR F 29 -10.73 -27.12 -36.87
C THR F 29 -9.39 -27.18 -36.13
N ILE F 30 -8.87 -26.04 -35.70
CA ILE F 30 -7.59 -26.01 -34.94
C ILE F 30 -7.84 -26.60 -33.56
N THR F 31 -6.96 -27.48 -33.09
CA THR F 31 -7.18 -28.06 -31.74
C THR F 31 -6.11 -27.51 -30.80
N SER F 32 -5.06 -26.95 -31.37
CA SER F 32 -3.94 -26.40 -30.59
C SER F 32 -3.19 -25.45 -31.50
N ILE F 33 -2.77 -24.33 -30.96
CA ILE F 33 -1.95 -23.29 -31.65
C ILE F 33 -0.89 -22.79 -30.69
N LYS F 34 0.32 -22.56 -31.16
CA LYS F 34 1.46 -22.14 -30.30
C LYS F 34 2.05 -20.86 -30.86
N PHE F 35 2.39 -19.91 -29.99
CA PHE F 35 3.04 -18.65 -30.40
C PHE F 35 4.42 -18.58 -29.77
N ASN F 36 5.44 -18.25 -30.53
CA ASN F 36 6.83 -18.12 -30.04
C ASN F 36 7.26 -16.68 -30.32
N TRP F 37 7.67 -15.92 -29.32
CA TRP F 37 8.10 -14.52 -29.54
C TRP F 37 9.35 -14.21 -28.72
N SER F 38 9.97 -13.06 -28.98
CA SER F 38 11.19 -12.62 -28.25
C SER F 38 10.93 -11.30 -27.57
N ASP F 39 11.72 -11.06 -26.53
CA ASP F 39 11.77 -9.80 -25.77
C ASP F 39 12.87 -8.99 -26.44
N GLN F 40 13.70 -9.64 -27.26
CA GLN F 40 14.80 -8.89 -27.95
C GLN F 40 14.24 -8.06 -29.12
N TYR F 41 13.41 -8.66 -29.98
CA TYR F 41 12.85 -7.97 -31.17
C TYR F 41 11.43 -7.52 -30.89
N LYS F 42 10.80 -8.02 -29.82
CA LYS F 42 9.38 -7.76 -29.50
C LYS F 42 8.49 -8.15 -30.69
N LEU F 43 8.85 -9.23 -31.38
CA LEU F 43 8.07 -9.74 -32.55
C LEU F 43 7.56 -11.13 -32.21
N LEU F 44 6.55 -11.60 -32.94
CA LEU F 44 6.33 -13.06 -33.15
C LEU F 44 7.38 -13.53 -34.15
N HIS F 45 7.94 -14.72 -33.93
CA HIS F 45 8.93 -15.37 -34.81
C HIS F 45 8.42 -16.73 -35.31
N HIS F 46 7.58 -17.47 -34.59
CA HIS F 46 7.29 -18.89 -34.92
C HIS F 46 5.87 -19.27 -34.51
N ILE F 47 5.12 -19.95 -35.36
CA ILE F 47 3.74 -20.43 -35.05
C ILE F 47 3.63 -21.93 -35.34
N GLU F 48 3.10 -22.73 -34.41
CA GLU F 48 2.69 -24.13 -34.69
C GLU F 48 1.18 -24.26 -34.48
N VAL F 49 0.56 -25.13 -35.27
CA VAL F 49 -0.88 -25.49 -35.29
C VAL F 49 -0.98 -27.04 -35.26
N LYS F 50 -1.91 -27.61 -34.49
CA LYS F 50 -2.31 -29.04 -34.62
C LYS F 50 -3.75 -28.99 -35.06
N PHE F 51 -4.25 -30.02 -35.75
CA PHE F 51 -5.67 -30.14 -36.17
C PHE F 51 -6.31 -31.32 -35.43
N ILE F 52 -7.63 -31.24 -35.38
CA ILE F 52 -8.54 -32.28 -34.87
C ILE F 52 -8.31 -33.54 -35.72
N ASN F 53 -8.24 -34.69 -35.06
CA ASN F 53 -8.02 -36.02 -35.70
C ASN F 53 -6.76 -36.00 -36.58
N ASN F 54 -5.65 -35.41 -36.12
CA ASN F 54 -4.40 -35.29 -36.91
C ASN F 54 -3.27 -34.90 -35.96
N ALA F 55 -2.37 -35.86 -35.72
CA ALA F 55 -1.22 -35.75 -34.80
C ALA F 55 -0.17 -34.80 -35.40
N ASN F 56 -0.26 -34.51 -36.70
CA ASN F 56 0.76 -33.69 -37.41
C ASN F 56 0.74 -32.23 -36.93
N ILE F 57 1.95 -31.75 -36.58
CA ILE F 57 2.30 -30.35 -36.18
C ILE F 57 2.72 -29.60 -37.45
N TYR F 58 1.99 -28.54 -37.77
CA TYR F 58 2.28 -27.63 -38.89
C TYR F 58 2.96 -26.36 -38.36
N ALA F 59 4.24 -26.14 -38.65
CA ALA F 59 5.08 -25.03 -38.14
C ALA F 59 5.45 -24.05 -39.26
N THR F 60 5.75 -22.81 -38.91
CA THR F 60 6.32 -21.82 -39.85
C THR F 60 7.15 -20.84 -39.04
N GLY F 61 8.08 -20.15 -39.68
CA GLY F 61 8.92 -19.15 -38.98
C GLY F 61 9.93 -19.77 -38.03
N ASP F 62 10.93 -19.01 -37.62
CA ASP F 62 12.14 -19.54 -36.94
C ASP F 62 11.90 -19.46 -35.43
N PRO F 63 11.84 -20.61 -34.70
CA PRO F 63 11.58 -20.62 -33.26
C PRO F 63 12.77 -20.11 -32.45
N LYS F 64 13.12 -18.82 -32.59
CA LYS F 64 14.27 -18.19 -31.91
C LYS F 64 13.80 -17.38 -30.69
N GLY F 65 12.49 -17.34 -30.43
CA GLY F 65 11.92 -16.62 -29.27
C GLY F 65 12.24 -17.30 -27.93
N ASN F 66 12.34 -16.50 -26.85
CA ASN F 66 12.53 -17.00 -25.46
C ASN F 66 11.18 -17.37 -24.82
N HIS F 67 10.04 -16.94 -25.34
CA HIS F 67 8.74 -17.35 -24.74
C HIS F 67 7.92 -18.20 -25.72
N GLU F 68 7.11 -19.14 -25.24
CA GLU F 68 6.00 -19.69 -26.07
C GLU F 68 4.72 -19.69 -25.24
N VAL F 69 3.57 -19.63 -25.90
CA VAL F 69 2.28 -19.99 -25.26
C VAL F 69 1.54 -20.88 -26.24
N ILE F 70 0.82 -21.82 -25.68
CA ILE F 70 -0.05 -22.74 -26.43
C ILE F 70 -1.46 -22.50 -25.95
N LEU F 71 -2.43 -22.51 -26.83
CA LEU F 71 -3.84 -22.58 -26.39
C LEU F 71 -4.41 -23.87 -26.93
N GLU F 72 -5.08 -24.66 -26.10
CA GLU F 72 -5.71 -25.93 -26.55
C GLU F 72 -7.19 -25.65 -26.69
N ILE F 73 -7.83 -26.08 -27.76
CA ILE F 73 -9.24 -25.68 -28.01
C ILE F 73 -10.09 -26.93 -27.99
N ASP F 74 -11.06 -27.00 -27.07
CA ASP F 74 -12.01 -28.14 -26.93
C ASP F 74 -12.82 -28.22 -28.22
N ASP F 75 -13.56 -29.29 -28.42
CA ASP F 75 -14.19 -29.58 -29.73
C ASP F 75 -15.32 -28.59 -29.97
N ASP F 76 -15.95 -28.09 -28.90
CA ASP F 76 -17.14 -27.18 -28.92
C ASP F 76 -16.74 -25.73 -28.53
N GLU F 77 -15.45 -25.41 -28.49
CA GLU F 77 -14.95 -24.13 -27.94
C GLU F 77 -14.63 -23.17 -29.10
N THR F 78 -15.18 -21.93 -29.09
CA THR F 78 -14.97 -20.89 -30.16
C THR F 78 -14.11 -19.73 -29.65
N ILE F 79 -13.55 -18.94 -30.54
CA ILE F 79 -12.86 -17.67 -30.25
C ILE F 79 -13.95 -16.61 -30.28
N ILE F 80 -14.13 -15.87 -29.18
CA ILE F 80 -15.16 -14.81 -29.05
C ILE F 80 -14.48 -13.44 -29.05
N GLY F 81 -13.16 -13.43 -28.97
CA GLY F 81 -12.42 -12.18 -28.74
C GLY F 81 -11.04 -12.41 -29.24
N SER F 82 -10.60 -11.59 -30.20
CA SER F 82 -9.35 -11.84 -30.96
C SER F 82 -8.72 -10.51 -31.35
N VAL F 83 -7.44 -10.33 -30.99
CA VAL F 83 -6.62 -9.10 -31.15
C VAL F 83 -5.21 -9.52 -31.59
N ILE F 84 -4.79 -9.13 -32.80
CA ILE F 84 -3.39 -9.24 -33.27
C ILE F 84 -2.71 -7.88 -33.27
N GLY F 85 -1.64 -7.75 -32.51
CA GLY F 85 -0.72 -6.61 -32.61
C GLY F 85 0.12 -6.76 -33.85
N TYR F 86 0.45 -5.64 -34.52
CA TYR F 86 1.41 -5.67 -35.65
C TYR F 86 2.01 -4.27 -35.90
N LYS F 87 3.08 -4.29 -36.70
CA LYS F 87 3.75 -3.11 -37.31
C LYS F 87 3.29 -3.05 -38.76
N LYS F 88 2.70 -1.93 -39.17
CA LYS F 88 2.12 -1.73 -40.52
C LYS F 88 3.25 -1.35 -41.44
N GLY F 89 3.03 -1.56 -42.73
CA GLY F 89 3.95 -1.13 -43.80
C GLY F 89 4.35 -2.34 -44.60
N ASN F 90 5.04 -2.13 -45.72
CA ASN F 90 5.53 -3.21 -46.61
C ASN F 90 6.59 -4.02 -45.81
N ASP F 91 7.49 -3.35 -45.08
CA ASP F 91 8.55 -3.97 -44.22
C ASP F 91 7.96 -4.28 -42.83
N GLY F 92 6.66 -4.64 -42.78
CA GLY F 92 5.91 -4.79 -41.53
C GLY F 92 6.04 -6.17 -40.90
N ARG F 93 5.66 -6.28 -39.63
CA ARG F 93 5.78 -7.50 -38.78
C ARG F 93 4.56 -7.69 -37.90
N CYS F 94 4.12 -8.93 -37.72
CA CYS F 94 3.14 -9.29 -36.68
C CYS F 94 3.88 -9.43 -35.34
N THR F 95 3.44 -8.74 -34.28
CA THR F 95 4.23 -8.55 -33.03
C THR F 95 3.58 -9.20 -31.81
N GLY F 96 2.31 -9.61 -31.86
CA GLY F 96 1.51 -9.98 -30.67
C GLY F 96 0.17 -10.64 -30.99
N VAL F 97 -0.38 -11.42 -30.07
CA VAL F 97 -1.72 -12.07 -30.23
C VAL F 97 -2.31 -12.28 -28.83
N LYS F 98 -3.50 -11.71 -28.56
CA LYS F 98 -4.45 -12.07 -27.47
C LYS F 98 -5.58 -12.89 -28.11
N LEU F 99 -6.04 -13.93 -27.45
CA LEU F 99 -7.25 -14.72 -27.84
C LEU F 99 -7.99 -14.98 -26.54
N THR F 100 -9.31 -15.04 -26.63
CA THR F 100 -10.24 -15.40 -25.53
C THR F 100 -11.34 -16.29 -26.12
N THR F 101 -11.78 -17.28 -25.35
CA THR F 101 -12.60 -18.41 -25.83
C THR F 101 -13.94 -18.38 -25.11
N SER F 102 -14.90 -19.09 -25.68
CA SER F 102 -16.31 -19.23 -25.21
C SER F 102 -16.34 -19.85 -23.80
N LYS F 103 -15.19 -20.30 -23.30
CA LYS F 103 -15.05 -21.03 -22.02
C LYS F 103 -14.18 -20.21 -21.07
N GLY F 104 -13.94 -18.94 -21.32
CA GLY F 104 -13.17 -18.10 -20.37
C GLY F 104 -11.66 -18.28 -20.49
N LYS F 105 -11.16 -19.16 -21.36
CA LYS F 105 -9.69 -19.33 -21.58
C LYS F 105 -9.13 -18.15 -22.38
N SER F 106 -7.98 -17.64 -21.97
CA SER F 106 -7.29 -16.59 -22.74
C SER F 106 -5.80 -16.90 -22.87
N ILE F 107 -5.19 -16.43 -23.94
CA ILE F 107 -3.70 -16.37 -24.06
C ILE F 107 -3.30 -15.00 -24.57
N MET F 108 -2.09 -14.60 -24.22
CA MET F 108 -1.56 -13.27 -24.49
C MET F 108 -0.14 -13.54 -24.93
N ALA F 109 0.25 -13.12 -26.14
CA ALA F 109 1.60 -13.39 -26.68
C ALA F 109 2.20 -12.14 -27.31
N GLY F 110 3.40 -11.77 -26.84
CA GLY F 110 4.24 -10.76 -27.48
C GLY F 110 3.77 -9.37 -27.12
N TYR F 111 3.76 -8.45 -28.09
CA TYR F 111 3.76 -6.98 -27.83
C TYR F 111 2.69 -6.33 -28.69
N PHE F 112 2.15 -5.21 -28.21
CA PHE F 112 1.01 -4.50 -28.85
C PHE F 112 1.30 -3.00 -28.84
N GLU F 113 2.46 -2.60 -29.36
CA GLU F 113 2.89 -1.17 -29.26
C GLU F 113 2.62 -0.31 -30.50
N GLU F 114 1.93 -0.79 -31.53
CA GLU F 114 1.75 0.10 -32.71
C GLU F 114 0.33 0.02 -33.26
N SER F 115 0.02 -1.05 -33.99
CA SER F 115 -1.31 -1.25 -34.61
C SER F 115 -1.92 -2.56 -34.11
N LEU F 116 -3.25 -2.65 -34.14
CA LEU F 116 -4.05 -3.79 -33.62
C LEU F 116 -5.09 -4.14 -34.67
N ILE F 117 -5.63 -5.34 -34.63
CA ILE F 117 -6.88 -5.67 -35.36
C ILE F 117 -7.74 -6.49 -34.41
N THR F 118 -8.98 -6.09 -34.18
CA THR F 118 -9.96 -6.96 -33.48
C THR F 118 -10.67 -7.74 -34.58
N THR F 119 -10.33 -9.00 -34.72
CA THR F 119 -10.73 -9.79 -35.89
C THR F 119 -12.17 -10.27 -35.73
N TYR F 120 -12.56 -11.07 -36.70
CA TYR F 120 -13.86 -11.78 -36.67
C TYR F 120 -13.75 -12.87 -35.61
N THR F 121 -14.90 -13.32 -35.18
CA THR F 121 -14.91 -14.39 -34.16
C THR F 121 -15.59 -15.63 -34.72
N GLY F 122 -15.45 -16.74 -34.03
CA GLY F 122 -16.09 -18.03 -34.38
C GLY F 122 -15.15 -19.19 -34.11
N LYS F 123 -15.45 -20.35 -34.70
CA LYS F 123 -14.66 -21.58 -34.51
C LYS F 123 -13.42 -21.43 -35.39
N LEU F 124 -12.24 -21.41 -34.78
CA LEU F 124 -10.96 -21.18 -35.50
C LEU F 124 -10.55 -22.47 -36.24
N ALA F 125 -10.29 -22.32 -37.55
CA ALA F 125 -10.25 -23.39 -38.57
C ALA F 125 -8.88 -23.47 -39.24
N GLY F 126 -8.19 -22.34 -39.40
CA GLY F 126 -6.85 -22.28 -40.00
C GLY F 126 -6.18 -20.94 -39.71
N ILE F 127 -4.96 -20.77 -40.21
CA ILE F 127 -4.17 -19.50 -40.23
C ILE F 127 -3.39 -19.41 -41.54
N LYS F 128 -3.15 -18.20 -42.02
CA LYS F 128 -2.53 -17.89 -43.34
C LYS F 128 -1.60 -16.70 -43.09
N GLY F 129 -0.54 -16.56 -43.89
CA GLY F 129 0.34 -15.39 -43.73
C GLY F 129 1.72 -15.67 -44.25
N GLY F 130 2.70 -14.87 -43.83
CA GLY F 130 4.11 -15.08 -44.22
C GLY F 130 5.08 -14.94 -43.08
N ALA F 131 6.10 -15.80 -43.11
CA ALA F 131 7.06 -16.08 -42.01
C ALA F 131 8.43 -16.52 -42.57
N GLY F 132 9.51 -15.94 -42.03
CA GLY F 132 10.91 -16.39 -42.22
C GLY F 132 11.65 -16.46 -40.89
N SER F 133 12.53 -15.49 -40.62
CA SER F 133 13.09 -15.19 -39.27
C SER F 133 11.95 -14.84 -38.30
N ASP F 134 10.96 -14.11 -38.79
CA ASP F 134 9.84 -13.53 -38.01
C ASP F 134 8.52 -13.99 -38.63
N ILE F 135 7.41 -13.77 -37.92
CA ILE F 135 6.04 -13.75 -38.52
C ILE F 135 5.87 -12.36 -39.18
N ASP F 136 5.96 -12.32 -40.51
CA ASP F 136 5.85 -11.06 -41.29
C ASP F 136 4.40 -10.62 -41.25
N ARG F 137 3.48 -11.59 -41.32
CA ARG F 137 2.06 -11.32 -41.62
C ARG F 137 1.20 -12.53 -41.21
N LEU F 138 0.05 -12.25 -40.61
CA LEU F 138 -0.84 -13.29 -40.07
C LEU F 138 -2.31 -12.86 -40.20
N GLY F 139 -3.12 -13.78 -40.71
CA GLY F 139 -4.58 -13.66 -40.74
C GLY F 139 -5.18 -14.94 -40.19
N LEU F 140 -6.27 -14.82 -39.43
CA LEU F 140 -6.97 -16.01 -38.93
C LEU F 140 -8.04 -16.42 -39.94
N ILE F 141 -8.48 -17.67 -39.80
CA ILE F 141 -9.53 -18.29 -40.67
C ILE F 141 -10.57 -18.93 -39.75
N PHE F 142 -11.86 -18.70 -39.97
CA PHE F 142 -12.98 -19.27 -39.16
C PHE F 142 -13.90 -20.09 -40.06
N LEU F 143 -14.83 -20.86 -39.49
CA LEU F 143 -16.04 -21.43 -40.17
C LEU F 143 -17.19 -20.41 -40.22
N LYS F 144 -18.35 -20.72 -40.83
CA LYS F 144 -19.42 -19.69 -41.05
C LYS F 144 -20.57 -19.85 -40.05
N ASP G 5 -9.24 -44.52 -27.47
CA ASP G 5 -9.28 -43.74 -26.19
C ASP G 5 -10.65 -43.02 -26.04
N ASN G 6 -11.14 -42.99 -24.79
CA ASN G 6 -12.16 -42.05 -24.26
C ASN G 6 -11.48 -40.85 -23.56
N TYR G 7 -10.20 -40.60 -23.85
CA TYR G 7 -9.30 -39.66 -23.11
C TYR G 7 -8.89 -38.47 -24.00
N ILE G 8 -8.66 -37.31 -23.40
CA ILE G 8 -8.07 -36.15 -24.10
C ILE G 8 -6.69 -35.93 -23.51
N TYR G 9 -5.63 -36.04 -24.30
CA TYR G 9 -4.24 -35.83 -23.85
C TYR G 9 -3.81 -34.38 -24.13
N SER G 10 -3.66 -33.58 -23.09
CA SER G 10 -3.10 -32.22 -23.25
C SER G 10 -1.60 -32.32 -23.61
N THR G 11 -1.03 -31.27 -24.15
CA THR G 11 0.37 -31.23 -24.60
C THR G 11 1.26 -31.35 -23.36
N GLU G 12 2.12 -32.35 -23.34
CA GLU G 12 3.21 -32.44 -22.34
C GLU G 12 4.16 -31.27 -22.61
N VAL G 13 4.35 -30.37 -21.65
CA VAL G 13 5.21 -29.16 -21.83
C VAL G 13 6.43 -29.27 -20.90
N GLY G 14 7.55 -28.70 -21.30
CA GLY G 14 8.83 -28.74 -20.57
C GLY G 14 9.89 -29.52 -21.34
N GLY G 15 10.80 -30.20 -20.63
CA GLY G 15 11.98 -30.83 -21.20
C GLY G 15 11.73 -32.29 -21.51
N VAL G 16 12.74 -32.96 -22.09
CA VAL G 16 12.77 -34.42 -22.41
C VAL G 16 13.51 -35.17 -21.29
N GLY G 17 13.91 -34.47 -20.25
CA GLY G 17 14.65 -35.11 -19.15
C GLY G 17 13.78 -35.88 -18.18
N GLY G 18 14.42 -36.56 -17.23
CA GLY G 18 13.73 -37.28 -16.16
C GLY G 18 13.13 -38.60 -16.57
N THR G 19 12.51 -39.28 -15.61
CA THR G 19 11.94 -40.60 -15.86
C THR G 19 10.46 -40.46 -16.24
N PRO G 20 10.00 -41.00 -17.37
CA PRO G 20 8.60 -40.94 -17.73
C PRO G 20 7.68 -41.57 -16.70
N PHE G 21 6.50 -41.00 -16.55
CA PHE G 21 5.48 -41.54 -15.63
C PHE G 21 4.13 -41.38 -16.30
N THR G 22 3.22 -42.29 -16.01
CA THR G 22 1.86 -42.22 -16.55
C THR G 22 0.95 -42.58 -15.40
N PHE G 23 0.09 -41.66 -14.96
CA PHE G 23 -0.88 -42.05 -13.88
C PHE G 23 -2.31 -42.00 -14.47
N MET G 24 -3.03 -43.12 -14.43
CA MET G 24 -4.36 -43.31 -15.06
C MET G 24 -4.98 -44.61 -14.54
N GLN G 25 -6.28 -44.69 -14.35
CA GLN G 25 -6.79 -45.97 -13.83
C GLN G 25 -8.01 -46.33 -14.65
N GLU G 26 -8.21 -47.61 -14.95
CA GLU G 26 -9.40 -47.98 -15.76
C GLU G 26 -10.63 -47.49 -15.00
N SER G 27 -11.42 -46.66 -15.67
CA SER G 27 -12.69 -46.10 -15.11
C SER G 27 -12.44 -45.35 -13.82
N GLY G 28 -11.38 -44.55 -13.76
CA GLY G 28 -11.10 -43.77 -12.54
C GLY G 28 -10.70 -42.35 -12.86
N THR G 29 -11.12 -41.42 -12.02
CA THR G 29 -10.74 -39.98 -12.12
C THR G 29 -9.93 -39.53 -10.90
N ILE G 30 -9.02 -38.58 -11.06
CA ILE G 30 -8.17 -38.08 -9.95
C ILE G 30 -9.06 -37.51 -8.84
N THR G 31 -8.93 -37.97 -7.60
CA THR G 31 -9.72 -37.39 -6.50
C THR G 31 -8.85 -36.46 -5.68
N SER G 32 -7.55 -36.51 -5.86
CA SER G 32 -6.60 -35.67 -5.09
C SER G 32 -5.34 -35.50 -5.91
N ILE G 33 -4.79 -34.30 -5.98
CA ILE G 33 -3.46 -34.05 -6.60
C ILE G 33 -2.69 -33.06 -5.73
N LYS G 34 -1.41 -33.33 -5.56
CA LYS G 34 -0.47 -32.50 -4.77
C LYS G 34 0.63 -31.96 -5.68
N PHE G 35 0.99 -30.70 -5.52
CA PHE G 35 2.17 -30.14 -6.22
C PHE G 35 3.14 -29.66 -5.14
N ASN G 36 4.42 -29.94 -5.32
CA ASN G 36 5.52 -29.61 -4.37
C ASN G 36 6.53 -28.80 -5.18
N TRP G 37 6.89 -27.61 -4.73
CA TRP G 37 7.76 -26.68 -5.50
C TRP G 37 8.73 -25.97 -4.55
N SER G 38 9.79 -25.36 -5.09
CA SER G 38 10.77 -24.61 -4.25
C SER G 38 10.82 -23.16 -4.69
N ASP G 39 11.08 -22.28 -3.72
CA ASP G 39 11.36 -20.86 -4.01
C ASP G 39 12.77 -20.82 -4.57
N GLN G 40 13.63 -21.75 -4.15
CA GLN G 40 15.06 -21.72 -4.54
C GLN G 40 15.18 -21.88 -6.05
N TYR G 41 14.55 -22.88 -6.67
CA TYR G 41 14.73 -23.22 -8.11
C TYR G 41 13.59 -22.64 -8.97
N LYS G 42 12.47 -22.24 -8.35
CA LYS G 42 11.28 -21.70 -9.04
C LYS G 42 10.69 -22.76 -9.99
N LEU G 43 10.72 -24.02 -9.53
CA LEU G 43 10.35 -25.28 -10.25
C LEU G 43 9.40 -26.10 -9.37
N LEU G 44 8.47 -26.82 -10.00
CA LEU G 44 7.85 -28.08 -9.47
C LEU G 44 8.91 -29.20 -9.41
N HIS G 45 8.92 -29.94 -8.30
CA HIS G 45 9.84 -31.08 -8.06
C HIS G 45 9.09 -32.39 -7.89
N HIS G 46 7.84 -32.39 -7.47
CA HIS G 46 7.18 -33.64 -7.03
C HIS G 46 5.67 -33.47 -7.15
N ILE G 47 4.98 -34.53 -7.61
CA ILE G 47 3.50 -34.58 -7.77
C ILE G 47 3.00 -35.88 -7.12
N GLU G 48 1.93 -35.82 -6.35
CA GLU G 48 1.21 -37.05 -5.90
C GLU G 48 -0.22 -37.03 -6.46
N VAL G 49 -0.76 -38.19 -6.78
CA VAL G 49 -2.12 -38.33 -7.36
C VAL G 49 -2.79 -39.48 -6.62
N LYS G 50 -3.98 -39.25 -6.05
CA LYS G 50 -4.86 -40.36 -5.56
C LYS G 50 -5.97 -40.47 -6.61
N PHE G 51 -6.56 -41.65 -6.76
CA PHE G 51 -7.68 -41.92 -7.69
C PHE G 51 -8.87 -42.32 -6.81
N ILE G 52 -10.07 -42.10 -7.33
CA ILE G 52 -11.36 -42.61 -6.79
C ILE G 52 -11.24 -44.10 -6.46
N ASN G 53 -11.88 -44.55 -5.38
CA ASN G 53 -11.94 -45.99 -4.99
C ASN G 53 -10.55 -46.63 -4.94
N ASN G 54 -9.53 -45.94 -4.42
CA ASN G 54 -8.15 -46.48 -4.46
C ASN G 54 -7.25 -45.62 -3.54
N ALA G 55 -6.92 -46.20 -2.38
CA ALA G 55 -6.13 -45.61 -1.26
C ALA G 55 -4.66 -45.46 -1.63
N ASN G 56 -4.25 -45.89 -2.84
CA ASN G 56 -2.85 -45.80 -3.33
C ASN G 56 -2.52 -44.40 -3.87
N ILE G 57 -1.37 -43.92 -3.41
CA ILE G 57 -0.72 -42.63 -3.69
C ILE G 57 0.37 -42.92 -4.72
N TYR G 58 0.14 -42.53 -5.97
CA TYR G 58 1.15 -42.56 -7.08
C TYR G 58 1.90 -41.21 -7.06
N ALA G 59 3.21 -41.28 -6.84
CA ALA G 59 4.15 -40.15 -6.66
C ALA G 59 5.26 -40.25 -7.70
N THR G 60 5.80 -39.09 -8.11
CA THR G 60 6.95 -38.94 -9.03
C THR G 60 7.80 -37.71 -8.65
N GLY G 61 9.08 -37.69 -9.02
CA GLY G 61 9.98 -36.57 -8.72
C GLY G 61 10.41 -36.56 -7.26
N ASP G 62 11.52 -35.91 -6.96
CA ASP G 62 12.08 -35.73 -5.60
C ASP G 62 11.32 -34.63 -4.82
N PRO G 63 10.64 -34.96 -3.69
CA PRO G 63 9.87 -33.97 -2.94
C PRO G 63 10.72 -33.02 -2.08
N LYS G 64 11.60 -32.22 -2.68
CA LYS G 64 12.61 -31.37 -1.97
C LYS G 64 12.15 -29.90 -1.85
N GLY G 65 10.97 -29.56 -2.37
CA GLY G 65 10.39 -28.21 -2.30
C GLY G 65 9.99 -27.86 -0.88
N ASN G 66 10.01 -26.57 -0.55
CA ASN G 66 9.63 -26.00 0.77
C ASN G 66 8.11 -25.76 0.78
N HIS G 67 7.41 -25.82 -0.36
CA HIS G 67 5.94 -25.63 -0.43
C HIS G 67 5.26 -26.84 -1.08
N GLU G 68 4.07 -27.22 -0.62
CA GLU G 68 3.17 -28.14 -1.37
C GLU G 68 1.72 -27.61 -1.30
N VAL G 69 0.93 -27.87 -2.33
CA VAL G 69 -0.53 -27.68 -2.26
C VAL G 69 -1.21 -28.94 -2.77
N ILE G 70 -2.37 -29.20 -2.22
CA ILE G 70 -3.22 -30.36 -2.56
C ILE G 70 -4.55 -29.81 -3.06
N LEU G 71 -5.09 -30.37 -4.13
CA LEU G 71 -6.49 -30.09 -4.53
C LEU G 71 -7.24 -31.40 -4.46
N GLU G 72 -8.31 -31.43 -3.68
CA GLU G 72 -9.23 -32.60 -3.59
C GLU G 72 -10.39 -32.32 -4.55
N ILE G 73 -10.73 -33.28 -5.39
CA ILE G 73 -11.82 -33.06 -6.39
C ILE G 73 -13.02 -33.93 -6.02
N ASP G 74 -14.20 -33.34 -5.78
CA ASP G 74 -15.48 -34.09 -5.58
C ASP G 74 -15.75 -34.96 -6.82
N ASP G 75 -16.65 -35.92 -6.71
CA ASP G 75 -16.91 -36.89 -7.81
C ASP G 75 -17.43 -36.13 -9.04
N ASP G 76 -18.26 -35.13 -8.88
CA ASP G 76 -18.90 -34.39 -9.99
C ASP G 76 -18.19 -33.03 -10.29
N GLU G 77 -16.99 -32.78 -9.76
CA GLU G 77 -16.22 -31.53 -10.01
C GLU G 77 -15.23 -31.71 -11.19
N THR G 78 -15.22 -30.73 -12.11
CA THR G 78 -14.40 -30.71 -13.34
C THR G 78 -13.46 -29.50 -13.32
N ILE G 79 -12.38 -29.58 -14.08
CA ILE G 79 -11.43 -28.45 -14.26
C ILE G 79 -11.98 -27.62 -15.42
N ILE G 80 -12.09 -26.31 -15.21
CA ILE G 80 -12.71 -25.34 -16.18
C ILE G 80 -11.65 -24.33 -16.63
N GLY G 81 -10.56 -24.24 -15.88
CA GLY G 81 -9.46 -23.29 -16.12
C GLY G 81 -8.19 -23.96 -15.67
N SER G 82 -7.17 -23.98 -16.52
CA SER G 82 -5.95 -24.79 -16.32
C SER G 82 -4.80 -24.12 -17.04
N VAL G 83 -3.75 -23.78 -16.30
CA VAL G 83 -2.56 -23.08 -16.86
C VAL G 83 -1.32 -23.77 -16.27
N ILE G 84 -0.43 -24.26 -17.12
CA ILE G 84 0.88 -24.80 -16.63
C ILE G 84 1.95 -23.85 -17.13
N GLY G 85 2.77 -23.37 -16.19
CA GLY G 85 3.99 -22.60 -16.45
C GLY G 85 5.16 -23.56 -16.61
N TYR G 86 6.07 -23.25 -17.54
CA TYR G 86 7.20 -24.14 -17.88
C TYR G 86 8.28 -23.35 -18.61
N LYS G 87 9.48 -23.94 -18.66
CA LYS G 87 10.63 -23.49 -19.47
C LYS G 87 10.72 -24.43 -20.66
N LYS G 88 10.56 -23.91 -21.88
CA LYS G 88 10.52 -24.73 -23.13
C LYS G 88 11.96 -25.17 -23.40
N GLY G 89 12.18 -26.01 -24.40
CA GLY G 89 13.51 -26.55 -24.73
C GLY G 89 13.58 -28.02 -24.37
N ASN G 90 14.57 -28.72 -24.93
CA ASN G 90 15.01 -30.07 -24.49
C ASN G 90 15.39 -30.04 -23.00
N ASP G 91 16.11 -29.00 -22.56
CA ASP G 91 16.61 -28.89 -21.17
C ASP G 91 15.53 -28.21 -20.31
N GLY G 92 14.27 -28.38 -20.70
CA GLY G 92 13.11 -27.70 -20.08
C GLY G 92 12.69 -28.33 -18.75
N ARG G 93 11.68 -27.69 -18.14
CA ARG G 93 11.20 -27.91 -16.75
C ARG G 93 9.79 -27.32 -16.64
N CYS G 94 8.93 -27.98 -15.89
CA CYS G 94 7.57 -27.46 -15.63
C CYS G 94 7.63 -26.66 -14.32
N THR G 95 7.33 -25.36 -14.39
CA THR G 95 7.65 -24.37 -13.29
C THR G 95 6.48 -24.05 -12.34
N GLY G 96 5.23 -24.16 -12.82
CA GLY G 96 4.02 -23.75 -12.10
C GLY G 96 2.77 -24.39 -12.66
N VAL G 97 1.68 -24.29 -11.90
CA VAL G 97 0.36 -24.84 -12.27
C VAL G 97 -0.68 -24.06 -11.46
N LYS G 98 -1.84 -23.84 -12.08
CA LYS G 98 -2.97 -22.96 -11.70
C LYS G 98 -4.21 -23.76 -12.14
N LEU G 99 -5.01 -24.30 -11.22
CA LEU G 99 -6.25 -25.07 -11.59
C LEU G 99 -7.43 -24.32 -10.99
N THR G 100 -8.58 -24.33 -11.68
CA THR G 100 -9.87 -23.80 -11.16
C THR G 100 -10.96 -24.84 -11.49
N THR G 101 -11.84 -25.10 -10.54
CA THR G 101 -12.81 -26.22 -10.65
C THR G 101 -14.18 -25.62 -10.94
N SER G 102 -15.14 -26.45 -11.40
CA SER G 102 -16.59 -26.13 -11.57
C SER G 102 -17.28 -25.69 -10.25
N LYS G 103 -16.60 -25.75 -9.11
CA LYS G 103 -17.17 -25.36 -7.80
C LYS G 103 -16.43 -24.13 -7.29
N GLY G 104 -15.56 -23.52 -8.06
CA GLY G 104 -14.92 -22.25 -7.64
C GLY G 104 -13.71 -22.48 -6.75
N LYS G 105 -13.35 -23.74 -6.54
CA LYS G 105 -12.02 -24.13 -6.00
C LYS G 105 -10.88 -23.87 -7.02
N SER G 106 -9.76 -23.42 -6.48
CA SER G 106 -8.57 -23.08 -7.25
C SER G 106 -7.35 -23.33 -6.37
N ILE G 107 -6.24 -23.73 -6.98
CA ILE G 107 -4.89 -23.75 -6.34
C ILE G 107 -3.91 -23.13 -7.32
N MET G 108 -2.73 -22.82 -6.79
CA MET G 108 -1.67 -22.17 -7.56
C MET G 108 -0.36 -22.68 -7.00
N ALA G 109 0.46 -23.29 -7.85
CA ALA G 109 1.75 -23.82 -7.39
C ALA G 109 2.86 -23.26 -8.27
N GLY G 110 3.97 -22.87 -7.66
CA GLY G 110 5.15 -22.43 -8.38
C GLY G 110 5.08 -21.11 -9.11
N TYR G 111 5.84 -21.01 -10.19
CA TYR G 111 6.10 -19.75 -10.90
C TYR G 111 5.73 -19.85 -12.38
N PHE G 112 5.41 -18.69 -12.95
CA PHE G 112 4.97 -18.51 -14.36
C PHE G 112 5.80 -17.39 -14.97
N GLU G 113 7.11 -17.59 -15.06
CA GLU G 113 8.05 -16.54 -15.49
C GLU G 113 8.43 -16.69 -16.96
N GLU G 114 8.20 -17.81 -17.64
CA GLU G 114 8.61 -17.93 -19.06
C GLU G 114 7.46 -18.23 -20.03
N SER G 115 7.05 -19.48 -20.15
CA SER G 115 6.03 -19.94 -21.14
C SER G 115 4.83 -20.42 -20.34
N LEU G 116 3.69 -20.60 -20.99
CA LEU G 116 2.43 -21.04 -20.33
C LEU G 116 1.71 -21.87 -21.38
N ILE G 117 0.77 -22.69 -20.96
CA ILE G 117 -0.24 -23.30 -21.83
C ILE G 117 -1.53 -23.20 -21.04
N THR G 118 -2.61 -22.96 -21.73
CA THR G 118 -3.97 -23.03 -21.16
C THR G 118 -4.50 -24.31 -21.78
N THR G 119 -4.73 -25.32 -20.99
CA THR G 119 -4.96 -26.68 -21.50
C THR G 119 -6.44 -26.89 -21.84
N TYR G 120 -6.76 -28.09 -22.30
CA TYR G 120 -8.14 -28.59 -22.42
C TYR G 120 -8.76 -28.53 -21.02
N THR G 121 -10.09 -28.52 -20.98
CA THR G 121 -10.91 -28.54 -19.75
C THR G 121 -11.77 -29.80 -19.77
N GLY G 122 -12.27 -30.19 -18.59
CA GLY G 122 -13.03 -31.43 -18.38
C GLY G 122 -12.63 -32.14 -17.09
N LYS G 123 -13.11 -33.37 -16.93
CA LYS G 123 -12.91 -34.17 -15.71
C LYS G 123 -11.50 -34.76 -15.76
N LEU G 124 -10.62 -34.34 -14.85
CA LEU G 124 -9.19 -34.73 -14.89
C LEU G 124 -9.10 -36.23 -14.53
N ALA G 125 -8.53 -37.04 -15.43
CA ALA G 125 -8.49 -38.53 -15.38
C ALA G 125 -7.10 -39.03 -15.02
N GLY G 126 -6.08 -38.30 -15.45
CA GLY G 126 -4.77 -38.47 -14.82
C GLY G 126 -3.72 -37.58 -15.43
N ILE G 127 -2.46 -37.95 -15.24
CA ILE G 127 -1.32 -37.14 -15.73
C ILE G 127 -0.21 -38.05 -16.24
N LYS G 128 0.69 -37.47 -17.01
CA LYS G 128 1.84 -38.13 -17.63
C LYS G 128 2.94 -37.09 -17.79
N GLY G 129 4.19 -37.51 -17.81
CA GLY G 129 5.29 -36.56 -17.96
C GLY G 129 6.60 -37.21 -17.62
N GLY G 130 7.59 -36.42 -17.26
CA GLY G 130 8.87 -36.95 -16.79
C GLY G 130 9.38 -36.17 -15.61
N ALA G 131 10.09 -36.86 -14.73
CA ALA G 131 10.51 -36.30 -13.44
C ALA G 131 11.72 -37.07 -12.95
N GLY G 132 12.65 -36.32 -12.34
CA GLY G 132 13.79 -36.80 -11.56
C GLY G 132 13.94 -35.90 -10.36
N SER G 133 15.03 -35.13 -10.24
CA SER G 133 15.16 -34.05 -9.22
C SER G 133 13.95 -33.10 -9.30
N ASP G 134 13.46 -32.85 -10.54
CA ASP G 134 12.41 -31.86 -10.91
C ASP G 134 11.29 -32.48 -11.76
N ILE G 135 10.16 -31.79 -11.88
CA ILE G 135 9.17 -32.18 -12.92
C ILE G 135 9.70 -31.62 -14.25
N ASP G 136 10.31 -32.45 -15.08
CA ASP G 136 10.91 -32.03 -16.36
C ASP G 136 9.76 -31.62 -17.29
N ARG G 137 8.71 -32.42 -17.34
CA ARG G 137 7.55 -32.21 -18.24
C ARG G 137 6.28 -32.74 -17.59
N LEU G 138 5.12 -32.16 -17.93
CA LEU G 138 3.80 -32.54 -17.35
C LEU G 138 2.72 -32.36 -18.41
N GLY G 139 1.92 -33.39 -18.69
CA GLY G 139 0.71 -33.22 -19.51
C GLY G 139 -0.48 -33.69 -18.72
N LEU G 140 -1.61 -32.98 -18.83
CA LEU G 140 -2.86 -33.39 -18.14
C LEU G 140 -3.68 -34.27 -19.09
N ILE G 141 -4.64 -34.98 -18.55
CA ILE G 141 -5.44 -36.01 -19.28
C ILE G 141 -6.88 -35.94 -18.76
N PHE G 142 -7.84 -35.75 -19.67
CA PHE G 142 -9.26 -35.49 -19.33
C PHE G 142 -10.09 -36.61 -19.93
N LEU G 143 -11.32 -36.79 -19.48
CA LEU G 143 -12.35 -37.65 -20.15
C LEU G 143 -13.09 -36.85 -21.24
N LYS G 144 -13.68 -37.55 -22.21
CA LYS G 144 -14.33 -36.99 -23.42
C LYS G 144 -15.65 -36.31 -23.04
N ASP H 5 53.26 -16.45 19.71
CA ASP H 5 51.94 -16.38 19.05
C ASP H 5 51.53 -14.91 18.92
N ASN H 6 51.59 -14.37 17.70
CA ASN H 6 51.08 -13.03 17.34
C ASN H 6 49.65 -13.15 16.78
N TYR H 7 48.87 -14.17 17.18
CA TYR H 7 47.57 -14.52 16.53
C TYR H 7 46.49 -14.70 17.60
N ILE H 8 45.23 -14.45 17.24
CA ILE H 8 43.99 -14.77 18.03
C ILE H 8 43.29 -15.94 17.32
N TYR H 9 43.06 -17.06 17.98
CA TYR H 9 42.32 -18.21 17.38
C TYR H 9 40.87 -18.13 17.86
N SER H 10 39.93 -17.79 16.98
CA SER H 10 38.48 -17.88 17.32
C SER H 10 38.15 -19.36 17.52
N THR H 11 37.21 -19.64 18.41
CA THR H 11 36.70 -21.00 18.62
C THR H 11 36.30 -21.65 17.29
N GLU H 12 36.92 -22.78 16.97
CA GLU H 12 36.50 -23.66 15.85
C GLU H 12 35.08 -24.14 16.17
N VAL H 13 34.08 -23.90 15.33
CA VAL H 13 32.72 -24.39 15.64
C VAL H 13 32.28 -25.45 14.64
N GLY H 14 31.33 -26.30 15.05
CA GLY H 14 30.84 -27.51 14.35
C GLY H 14 31.36 -28.84 14.92
N GLY H 15 31.33 -29.90 14.09
CA GLY H 15 31.70 -31.27 14.44
C GLY H 15 33.21 -31.57 14.39
N VAL H 16 33.49 -32.85 14.63
CA VAL H 16 34.85 -33.47 14.69
C VAL H 16 35.19 -34.13 13.36
N GLY H 17 34.29 -34.18 12.39
CA GLY H 17 34.54 -34.90 11.13
C GLY H 17 35.49 -34.15 10.21
N GLY H 18 35.73 -34.72 9.02
CA GLY H 18 36.46 -34.14 7.89
C GLY H 18 37.98 -34.12 8.05
N THR H 19 38.66 -33.64 7.01
CA THR H 19 40.13 -33.59 6.90
C THR H 19 40.60 -32.28 7.51
N PRO H 20 41.53 -32.26 8.47
CA PRO H 20 42.01 -30.99 9.03
C PRO H 20 42.58 -30.09 7.95
N PHE H 21 42.38 -28.78 8.09
CA PHE H 21 43.07 -27.73 7.28
C PHE H 21 43.55 -26.64 8.24
N THR H 22 44.65 -25.99 7.89
CA THR H 22 45.11 -24.73 8.53
C THR H 22 45.86 -23.93 7.51
N PHE H 23 45.32 -22.76 7.18
CA PHE H 23 45.80 -21.82 6.14
C PHE H 23 46.19 -20.50 6.81
N MET H 24 47.46 -20.09 6.75
CA MET H 24 48.04 -18.92 7.45
C MET H 24 49.44 -18.69 6.89
N GLN H 25 49.90 -17.45 6.82
CA GLN H 25 51.24 -17.19 6.26
C GLN H 25 51.93 -16.23 7.20
N GLU H 26 53.17 -16.49 7.59
CA GLU H 26 53.83 -15.53 8.49
C GLU H 26 53.91 -14.19 7.76
N SER H 27 53.46 -13.13 8.42
CA SER H 27 53.45 -11.77 7.84
C SER H 27 52.64 -11.74 6.54
N GLY H 28 51.45 -12.35 6.59
CA GLY H 28 50.49 -12.37 5.46
C GLY H 28 49.10 -12.29 6.01
N THR H 29 48.16 -11.77 5.24
CA THR H 29 46.75 -11.65 5.66
C THR H 29 45.86 -12.06 4.49
N ILE H 30 44.66 -12.51 4.79
CA ILE H 30 43.67 -12.94 3.77
C ILE H 30 43.28 -11.73 2.94
N THR H 31 43.40 -11.84 1.63
CA THR H 31 43.06 -10.74 0.71
C THR H 31 41.76 -11.13 0.00
N SER H 32 41.35 -12.36 0.22
CA SER H 32 40.17 -12.92 -0.49
C SER H 32 39.69 -14.17 0.22
N ILE H 33 38.39 -14.37 0.34
CA ILE H 33 37.87 -15.63 0.93
C ILE H 33 36.53 -15.93 0.30
N LYS H 34 36.22 -17.21 0.09
CA LYS H 34 35.06 -17.68 -0.70
C LYS H 34 34.37 -18.79 0.06
N PHE H 35 33.06 -18.67 0.20
CA PHE H 35 32.15 -19.63 0.84
C PHE H 35 31.24 -20.22 -0.24
N ASN H 36 31.17 -21.54 -0.32
CA ASN H 36 30.34 -22.30 -1.27
C ASN H 36 29.33 -23.09 -0.43
N TRP H 37 28.04 -22.87 -0.67
CA TRP H 37 27.00 -23.57 0.12
C TRP H 37 25.95 -24.12 -0.84
N SER H 38 25.05 -24.93 -0.31
CA SER H 38 23.95 -25.62 -1.04
C SER H 38 22.65 -25.26 -0.35
N ASP H 39 21.56 -25.15 -1.10
CA ASP H 39 20.22 -25.07 -0.45
C ASP H 39 19.72 -26.49 -0.17
N GLN H 40 20.26 -27.51 -0.83
CA GLN H 40 19.85 -28.92 -0.61
C GLN H 40 20.12 -29.38 0.84
N TYR H 41 21.34 -29.17 1.35
CA TYR H 41 21.82 -29.63 2.68
C TYR H 41 21.83 -28.49 3.70
N LYS H 42 21.71 -27.23 3.24
CA LYS H 42 21.75 -26.00 4.07
C LYS H 42 23.07 -25.92 4.89
N LEU H 43 24.18 -26.34 4.30
CA LEU H 43 25.53 -26.39 4.89
C LEU H 43 26.50 -25.68 3.96
N LEU H 44 27.57 -25.08 4.50
CA LEU H 44 28.82 -24.77 3.74
C LEU H 44 29.51 -26.08 3.29
N HIS H 45 30.07 -26.10 2.08
CA HIS H 45 30.74 -27.30 1.52
C HIS H 45 32.21 -27.04 1.28
N HIS H 46 32.55 -25.84 0.83
CA HIS H 46 33.91 -25.56 0.33
C HIS H 46 34.29 -24.14 0.73
N ILE H 47 35.59 -23.90 0.94
CA ILE H 47 36.11 -22.56 1.30
C ILE H 47 37.41 -22.36 0.54
N GLU H 48 37.63 -21.20 -0.10
CA GLU H 48 38.92 -20.83 -0.75
C GLU H 48 39.43 -19.53 -0.16
N VAL H 49 40.74 -19.38 -0.07
CA VAL H 49 41.43 -18.26 0.62
C VAL H 49 42.62 -17.90 -0.26
N LYS H 50 42.85 -16.63 -0.52
CA LYS H 50 44.12 -16.18 -1.14
C LYS H 50 44.83 -15.37 -0.05
N PHE H 51 46.14 -15.27 -0.06
CA PHE H 51 46.89 -14.33 0.81
C PHE H 51 47.45 -13.18 -0.01
N ILE H 52 47.72 -12.08 0.67
CA ILE H 52 48.41 -10.87 0.13
C ILE H 52 49.69 -11.35 -0.59
N ASN H 53 49.97 -10.83 -1.80
CA ASN H 53 51.25 -11.05 -2.54
C ASN H 53 51.38 -12.54 -2.92
N ASN H 54 50.29 -13.17 -3.37
CA ASN H 54 50.23 -14.64 -3.56
C ASN H 54 48.94 -15.01 -4.31
N ALA H 55 49.08 -15.28 -5.59
CA ALA H 55 48.02 -15.76 -6.51
C ALA H 55 47.52 -17.15 -6.10
N ASN H 56 48.27 -17.87 -5.25
CA ASN H 56 47.90 -19.26 -4.89
C ASN H 56 46.63 -19.22 -4.05
N ILE H 57 45.69 -20.08 -4.46
CA ILE H 57 44.35 -20.45 -3.89
C ILE H 57 44.47 -21.69 -2.97
N TYR H 58 44.18 -21.50 -1.68
CA TYR H 58 44.12 -22.55 -0.63
C TYR H 58 42.67 -22.97 -0.43
N ALA H 59 42.33 -24.19 -0.82
CA ALA H 59 40.93 -24.65 -0.84
C ALA H 59 40.77 -25.81 0.14
N THR H 60 39.54 -26.11 0.52
CA THR H 60 39.21 -27.23 1.40
C THR H 60 37.76 -27.55 1.13
N GLY H 61 37.35 -28.80 1.26
CA GLY H 61 35.93 -29.15 1.13
C GLY H 61 35.52 -29.33 -0.33
N ASP H 62 34.43 -30.03 -0.56
CA ASP H 62 33.94 -30.42 -1.91
C ASP H 62 33.09 -29.25 -2.41
N PRO H 63 33.51 -28.56 -3.53
CA PRO H 63 32.75 -27.40 -4.04
C PRO H 63 31.48 -27.83 -4.77
N LYS H 64 30.46 -28.34 -4.06
CA LYS H 64 29.25 -28.99 -4.66
C LYS H 64 28.01 -28.16 -4.36
N GLY H 65 28.16 -26.99 -3.74
CA GLY H 65 27.05 -26.06 -3.49
C GLY H 65 26.66 -25.31 -4.75
N ASN H 66 25.39 -24.88 -4.83
CA ASN H 66 24.82 -24.12 -5.98
C ASN H 66 25.14 -22.62 -5.87
N HIS H 67 25.53 -22.11 -4.70
CA HIS H 67 25.85 -20.68 -4.49
C HIS H 67 27.34 -20.55 -4.06
N GLU H 68 27.99 -19.44 -4.38
CA GLU H 68 29.32 -19.09 -3.81
C GLU H 68 29.29 -17.58 -3.56
N VAL H 69 30.01 -17.07 -2.56
CA VAL H 69 30.24 -15.61 -2.40
C VAL H 69 31.72 -15.43 -2.12
N ILE H 70 32.27 -14.35 -2.62
CA ILE H 70 33.67 -13.95 -2.37
C ILE H 70 33.64 -12.60 -1.65
N LEU H 71 34.47 -12.42 -0.63
CA LEU H 71 34.77 -11.07 -0.09
C LEU H 71 36.23 -10.78 -0.38
N GLU H 72 36.51 -9.61 -0.92
CA GLU H 72 37.90 -9.20 -1.23
C GLU H 72 38.26 -8.18 -0.15
N ILE H 73 39.47 -8.19 0.39
CA ILE H 73 39.82 -7.41 1.60
C ILE H 73 41.01 -6.51 1.24
N ASP H 74 40.80 -5.20 1.26
CA ASP H 74 41.84 -4.19 0.99
C ASP H 74 42.88 -4.39 2.09
N ASP H 75 44.09 -3.91 1.85
CA ASP H 75 45.25 -4.21 2.71
C ASP H 75 45.02 -3.63 4.10
N ASP H 76 44.23 -2.55 4.25
CA ASP H 76 44.02 -1.83 5.53
C ASP H 76 42.65 -2.13 6.12
N GLU H 77 41.88 -3.03 5.48
CA GLU H 77 40.49 -3.40 5.85
C GLU H 77 40.46 -4.56 6.87
N THR H 78 39.72 -4.42 7.98
CA THR H 78 39.59 -5.45 9.06
C THR H 78 38.17 -6.00 9.23
N ILE H 79 38.00 -7.13 9.91
CA ILE H 79 36.65 -7.69 10.14
C ILE H 79 36.16 -7.09 11.45
N ILE H 80 35.05 -6.37 11.42
CA ILE H 80 34.49 -5.74 12.64
C ILE H 80 33.24 -6.51 13.05
N GLY H 81 32.70 -7.34 12.17
CA GLY H 81 31.48 -8.11 12.48
C GLY H 81 31.56 -9.51 11.90
N SER H 82 31.41 -10.52 12.75
CA SER H 82 31.73 -11.90 12.36
C SER H 82 30.77 -12.86 13.05
N VAL H 83 29.94 -13.59 12.27
CA VAL H 83 28.92 -14.54 12.77
C VAL H 83 28.95 -15.83 11.94
N ILE H 84 29.30 -16.98 12.53
CA ILE H 84 29.26 -18.32 11.88
C ILE H 84 28.06 -19.10 12.41
N GLY H 85 27.20 -19.57 11.49
CA GLY H 85 26.09 -20.49 11.80
C GLY H 85 26.58 -21.92 11.77
N TYR H 86 26.19 -22.72 12.76
CA TYR H 86 26.72 -24.10 12.86
C TYR H 86 25.71 -24.99 13.57
N LYS H 87 25.76 -26.29 13.28
CA LYS H 87 25.11 -27.35 14.10
C LYS H 87 26.15 -27.84 15.10
N LYS H 88 25.78 -27.92 16.37
CA LYS H 88 26.71 -28.35 17.45
C LYS H 88 26.78 -29.88 17.57
N GLY H 89 27.77 -30.32 18.34
CA GLY H 89 27.95 -31.72 18.77
C GLY H 89 29.01 -32.35 17.91
N ASN H 90 29.32 -33.64 18.17
CA ASN H 90 30.38 -34.41 17.47
C ASN H 90 30.06 -34.53 15.97
N ASP H 91 28.81 -34.79 15.62
CA ASP H 91 28.40 -35.01 14.22
C ASP H 91 28.03 -33.66 13.61
N GLY H 92 28.69 -32.59 14.05
CA GLY H 92 28.34 -31.19 13.78
C GLY H 92 28.80 -30.73 12.42
N ARG H 93 28.16 -29.66 11.95
CA ARG H 93 28.44 -29.03 10.64
C ARG H 93 28.40 -27.52 10.79
N CYS H 94 29.23 -26.83 10.01
CA CYS H 94 29.23 -25.34 9.93
C CYS H 94 28.21 -25.01 8.84
N THR H 95 27.27 -24.10 9.09
CA THR H 95 26.21 -23.91 8.06
C THR H 95 26.16 -22.53 7.39
N GLY H 96 26.72 -21.50 7.99
CA GLY H 96 26.63 -20.14 7.40
C GLY H 96 27.69 -19.21 7.91
N VAL H 97 27.97 -18.14 7.18
CA VAL H 97 28.86 -17.06 7.67
C VAL H 97 28.35 -15.71 7.18
N LYS H 98 28.30 -14.73 8.09
CA LYS H 98 28.14 -13.29 7.81
C LYS H 98 29.43 -12.61 8.27
N LEU H 99 30.11 -11.86 7.40
CA LEU H 99 31.24 -10.93 7.76
C LEU H 99 30.90 -9.50 7.35
N THR H 100 31.45 -8.54 8.07
CA THR H 100 31.27 -7.10 7.85
C THR H 100 32.60 -6.43 8.15
N THR H 101 33.01 -5.51 7.29
CA THR H 101 34.37 -4.96 7.33
C THR H 101 34.37 -3.51 7.82
N SER H 102 35.58 -3.01 8.08
CA SER H 102 35.88 -1.61 8.50
C SER H 102 35.45 -0.64 7.39
N LYS H 103 35.19 -1.15 6.17
CA LYS H 103 34.73 -0.32 5.03
C LYS H 103 33.25 -0.56 4.67
N GLY H 104 32.48 -1.29 5.48
CA GLY H 104 31.01 -1.35 5.33
C GLY H 104 30.60 -2.43 4.35
N LYS H 105 31.61 -3.10 3.78
CA LYS H 105 31.43 -4.34 2.99
C LYS H 105 30.91 -5.43 3.92
N SER H 106 30.10 -6.29 3.36
CA SER H 106 29.56 -7.44 4.07
C SER H 106 29.24 -8.53 3.04
N ILE H 107 29.36 -9.79 3.43
CA ILE H 107 28.84 -10.97 2.70
C ILE H 107 28.03 -11.83 3.66
N MET H 108 27.12 -12.61 3.10
CA MET H 108 26.16 -13.45 3.85
C MET H 108 26.13 -14.77 3.08
N ALA H 109 26.51 -15.90 3.69
CA ALA H 109 26.50 -17.22 3.01
C ALA H 109 25.84 -18.25 3.89
N GLY H 110 24.93 -19.02 3.29
CA GLY H 110 24.38 -20.25 3.89
C GLY H 110 23.24 -19.95 4.83
N TYR H 111 23.14 -20.71 5.92
CA TYR H 111 21.97 -20.81 6.85
C TYR H 111 22.41 -20.67 8.31
N PHE H 112 21.51 -20.14 9.14
CA PHE H 112 21.77 -19.81 10.57
C PHE H 112 20.59 -20.31 11.41
N GLU H 113 20.21 -21.57 11.22
CA GLU H 113 18.96 -22.14 11.79
C GLU H 113 19.18 -22.71 13.22
N GLU H 114 20.40 -23.11 13.63
CA GLU H 114 20.59 -23.75 14.96
C GLU H 114 21.45 -22.90 15.92
N SER H 115 22.78 -22.84 15.74
CA SER H 115 23.75 -22.22 16.70
C SER H 115 24.56 -21.11 16.01
N LEU H 116 24.95 -20.08 16.76
CA LEU H 116 25.74 -18.93 16.25
C LEU H 116 26.97 -18.70 17.12
N ILE H 117 28.07 -18.30 16.54
CA ILE H 117 29.16 -17.67 17.32
C ILE H 117 29.36 -16.27 16.75
N THR H 118 29.53 -15.28 17.62
CA THR H 118 29.96 -13.90 17.26
C THR H 118 31.43 -13.83 17.68
N THR H 119 32.30 -13.87 16.70
CA THR H 119 33.73 -14.18 16.97
C THR H 119 34.41 -12.90 17.37
N TYR H 120 35.65 -13.02 17.83
CA TYR H 120 36.64 -11.94 17.96
C TYR H 120 36.68 -11.21 16.62
N THR H 121 37.19 -9.98 16.65
CA THR H 121 37.36 -9.14 15.45
C THR H 121 38.85 -8.83 15.27
N GLY H 122 39.20 -8.35 14.08
CA GLY H 122 40.51 -7.80 13.72
C GLY H 122 40.82 -8.04 12.26
N LYS H 123 42.12 -8.07 11.95
CA LYS H 123 42.66 -8.35 10.61
C LYS H 123 42.66 -9.86 10.41
N LEU H 124 41.78 -10.36 9.53
CA LEU H 124 41.60 -11.80 9.27
C LEU H 124 42.91 -12.34 8.66
N ALA H 125 43.55 -13.28 9.37
CA ALA H 125 44.95 -13.73 9.11
C ALA H 125 44.99 -15.14 8.55
N GLY H 126 44.09 -16.03 9.01
CA GLY H 126 43.79 -17.29 8.31
C GLY H 126 42.61 -18.05 8.90
N ILE H 127 42.38 -19.28 8.38
CA ILE H 127 41.29 -20.21 8.81
C ILE H 127 41.81 -21.65 9.14
N LYS H 128 41.04 -22.40 9.89
CA LYS H 128 41.51 -23.66 10.54
C LYS H 128 40.26 -24.49 10.71
N GLY H 129 40.32 -25.81 10.59
CA GLY H 129 39.11 -26.60 10.88
C GLY H 129 39.09 -27.93 10.18
N GLY H 130 37.91 -28.37 9.75
CA GLY H 130 37.76 -29.73 9.22
C GLY H 130 36.67 -29.80 8.17
N ALA H 131 37.01 -30.43 7.04
CA ALA H 131 36.22 -30.34 5.79
C ALA H 131 36.40 -31.64 4.99
N GLY H 132 35.29 -32.19 4.50
CA GLY H 132 35.22 -33.39 3.64
C GLY H 132 34.32 -33.14 2.46
N SER H 133 33.13 -33.72 2.47
CA SER H 133 32.00 -33.29 1.60
C SER H 133 31.55 -31.89 2.05
N ASP H 134 31.60 -31.63 3.35
CA ASP H 134 31.01 -30.42 3.98
C ASP H 134 32.11 -29.69 4.76
N ILE H 135 31.81 -28.50 5.28
CA ILE H 135 32.69 -27.87 6.31
C ILE H 135 32.23 -28.39 7.68
N ASP H 136 32.99 -29.29 8.26
CA ASP H 136 32.60 -29.92 9.56
C ASP H 136 32.71 -28.83 10.62
N ARG H 137 33.77 -28.04 10.52
CA ARG H 137 34.29 -27.22 11.64
C ARG H 137 35.15 -26.10 11.03
N LEU H 138 34.89 -24.86 11.47
CA LEU H 138 35.61 -23.67 10.98
C LEU H 138 35.90 -22.75 12.16
N GLY H 139 37.18 -22.36 12.28
CA GLY H 139 37.64 -21.31 13.20
C GLY H 139 38.42 -20.22 12.49
N LEU H 140 38.07 -18.97 12.77
CA LEU H 140 38.76 -17.80 12.20
C LEU H 140 40.01 -17.52 13.03
N ILE H 141 40.97 -16.79 12.47
CA ILE H 141 42.28 -16.46 13.09
C ILE H 141 42.61 -15.04 12.66
N PHE H 142 42.94 -14.18 13.62
CA PHE H 142 43.18 -12.72 13.43
C PHE H 142 44.59 -12.38 13.94
N LEU H 143 45.15 -11.20 13.60
CA LEU H 143 46.37 -10.59 14.25
C LEU H 143 46.01 -9.84 15.54
N LYS H 144 47.01 -9.52 16.39
CA LYS H 144 46.78 -8.98 17.76
C LYS H 144 46.61 -7.45 17.72
N TYR I 7 34.81 -4.69 41.74
CA TYR I 7 33.71 -5.53 41.06
C TYR I 7 32.31 -4.92 41.33
N ILE I 8 31.38 -5.05 40.38
CA ILE I 8 29.94 -4.67 40.50
C ILE I 8 29.12 -5.97 40.36
N TYR I 9 28.24 -6.30 41.31
CA TYR I 9 27.48 -7.57 41.28
C TYR I 9 26.07 -7.22 40.79
N SER I 10 25.71 -7.52 39.54
CA SER I 10 24.30 -7.32 39.05
C SER I 10 23.37 -8.24 39.85
N THR I 11 22.12 -7.87 39.99
CA THR I 11 21.11 -8.72 40.65
C THR I 11 21.14 -10.11 39.99
N GLU I 12 21.30 -11.17 40.81
CA GLU I 12 21.02 -12.57 40.39
C GLU I 12 19.49 -12.75 40.34
N VAL I 13 18.94 -13.09 39.18
CA VAL I 13 17.48 -13.23 38.92
C VAL I 13 17.14 -14.69 38.54
N GLY I 14 15.91 -15.13 38.85
CA GLY I 14 15.45 -16.52 38.72
C GLY I 14 15.06 -17.11 40.08
N GLY I 15 15.27 -18.42 40.26
CA GLY I 15 14.85 -19.17 41.47
C GLY I 15 15.96 -19.32 42.51
N VAL I 16 15.64 -20.02 43.61
CA VAL I 16 16.59 -20.42 44.71
C VAL I 16 17.20 -21.80 44.43
N GLY I 17 16.68 -22.53 43.45
CA GLY I 17 17.11 -23.90 43.12
C GLY I 17 18.57 -24.02 42.69
N GLY I 18 19.00 -25.27 42.51
CA GLY I 18 20.28 -25.72 41.91
C GLY I 18 21.51 -25.37 42.73
N THR I 19 22.68 -25.67 42.22
CA THR I 19 23.94 -25.58 42.98
C THR I 19 24.52 -24.20 42.71
N PRO I 20 24.90 -23.45 43.78
CA PRO I 20 25.64 -22.19 43.64
C PRO I 20 26.97 -22.28 42.90
N PHE I 21 27.25 -21.32 42.01
CA PHE I 21 28.52 -21.21 41.27
C PHE I 21 28.95 -19.74 41.29
N THR I 22 30.27 -19.55 41.26
CA THR I 22 30.91 -18.24 41.02
C THR I 22 32.15 -18.47 40.15
N PHE I 23 32.18 -17.81 39.00
CA PHE I 23 33.30 -17.86 38.03
C PHE I 23 33.92 -16.44 38.03
N MET I 24 35.09 -16.21 38.64
CA MET I 24 35.69 -14.84 38.76
C MET I 24 37.21 -14.98 38.79
N THR I 29 39.05 -11.21 33.48
CA THR I 29 38.08 -10.67 32.48
C THR I 29 37.56 -11.74 31.53
N ILE I 30 36.24 -11.87 31.34
CA ILE I 30 35.61 -12.95 30.49
C ILE I 30 35.98 -12.66 29.06
N THR I 31 36.45 -13.63 28.27
CA THR I 31 36.89 -13.51 26.84
C THR I 31 36.03 -14.41 25.93
N SER I 32 35.26 -15.33 26.50
CA SER I 32 34.24 -16.12 25.79
C SER I 32 33.11 -16.50 26.76
N ILE I 33 31.85 -16.41 26.35
CA ILE I 33 30.70 -16.95 27.14
C ILE I 33 29.76 -17.66 26.15
N LYS I 34 29.27 -18.85 26.51
CA LYS I 34 28.35 -19.65 25.69
C LYS I 34 27.06 -19.91 26.46
N PHE I 35 25.91 -19.79 25.80
CA PHE I 35 24.58 -20.02 26.41
C PHE I 35 23.95 -21.18 25.65
N ASN I 36 23.52 -22.22 26.35
CA ASN I 36 22.79 -23.38 25.79
C ASN I 36 21.36 -23.28 26.31
N TRP I 37 20.36 -23.31 25.41
CA TRP I 37 18.91 -23.31 25.78
C TRP I 37 18.12 -24.29 24.90
N SER I 38 16.88 -24.60 25.28
CA SER I 38 15.97 -25.49 24.50
C SER I 38 14.74 -24.72 24.03
N ASP I 39 14.09 -25.27 23.01
CA ASP I 39 12.80 -24.73 22.54
C ASP I 39 11.72 -25.40 23.39
N GLN I 40 12.01 -26.62 23.83
CA GLN I 40 11.15 -27.46 24.68
C GLN I 40 10.80 -26.81 26.02
N TYR I 41 11.80 -26.38 26.80
CA TYR I 41 11.48 -25.83 28.14
C TYR I 41 11.53 -24.31 28.12
N LYS I 42 12.07 -23.72 27.06
CA LYS I 42 12.21 -22.26 26.88
C LYS I 42 13.01 -21.66 28.03
N LEU I 43 14.11 -22.31 28.39
CA LEU I 43 15.00 -22.00 29.55
C LEU I 43 16.46 -21.98 29.12
N LEU I 44 17.28 -21.16 29.79
CA LEU I 44 18.74 -21.45 29.85
C LEU I 44 19.02 -22.75 30.64
N HIS I 45 19.78 -23.66 30.03
CA HIS I 45 20.19 -24.96 30.60
C HIS I 45 21.65 -24.91 31.08
N HIS I 46 22.57 -24.31 30.33
CA HIS I 46 24.02 -24.50 30.58
C HIS I 46 24.78 -23.24 30.14
N ILE I 47 25.84 -22.91 30.86
CA ILE I 47 26.67 -21.73 30.52
C ILE I 47 28.13 -22.14 30.66
N GLU I 48 28.97 -21.84 29.66
CA GLU I 48 30.45 -22.02 29.72
C GLU I 48 31.15 -20.69 29.56
N VAL I 49 32.26 -20.51 30.22
CA VAL I 49 32.97 -19.20 30.29
C VAL I 49 34.46 -19.51 30.17
N LYS I 50 35.22 -18.82 29.32
CA LYS I 50 36.71 -18.82 29.38
C LYS I 50 37.20 -17.44 29.83
N PHE I 51 38.30 -17.38 30.55
CA PHE I 51 38.92 -16.13 31.03
C PHE I 51 40.13 -15.83 30.17
N ILE I 52 40.51 -14.57 30.21
CA ILE I 52 41.75 -14.05 29.58
C ILE I 52 42.89 -14.88 30.18
N ASN I 53 43.88 -15.27 29.38
CA ASN I 53 45.18 -15.83 29.86
C ASN I 53 44.94 -17.18 30.54
N ASN I 54 43.96 -17.97 30.06
CA ASN I 54 43.48 -19.21 30.76
C ASN I 54 42.62 -20.10 29.84
N ALA I 55 43.14 -21.28 29.51
CA ALA I 55 42.58 -22.27 28.55
C ALA I 55 41.45 -23.09 29.19
N ASN I 56 41.37 -23.04 30.53
CA ASN I 56 40.29 -23.63 31.35
C ASN I 56 38.93 -22.98 30.95
N ILE I 57 38.00 -23.89 30.59
CA ILE I 57 36.53 -23.74 30.33
C ILE I 57 35.75 -24.04 31.61
N TYR I 58 35.13 -23.02 32.21
CA TYR I 58 34.29 -23.12 33.45
C TYR I 58 32.81 -23.29 33.06
N ALA I 59 32.24 -24.44 33.42
CA ALA I 59 30.88 -24.88 32.99
C ALA I 59 29.95 -24.98 34.21
N THR I 60 28.71 -24.59 34.01
CA THR I 60 27.63 -24.88 34.97
C THR I 60 26.40 -25.37 34.20
N GLY I 61 25.57 -26.14 34.90
CA GLY I 61 24.24 -26.61 34.48
C GLY I 61 24.39 -27.68 33.45
N ASP I 62 23.29 -28.27 32.99
CA ASP I 62 23.29 -29.49 32.16
C ASP I 62 23.12 -29.09 30.69
N PRO I 63 24.09 -29.39 29.81
CA PRO I 63 23.97 -29.03 28.39
C PRO I 63 22.91 -29.84 27.61
N LYS I 64 21.62 -29.67 27.94
CA LYS I 64 20.50 -30.51 27.45
C LYS I 64 19.73 -29.84 26.29
N GLY I 65 20.13 -28.62 25.87
CA GLY I 65 19.37 -27.78 24.91
C GLY I 65 19.75 -27.97 23.45
N ASN I 66 18.84 -27.70 22.52
CA ASN I 66 19.02 -27.95 21.06
C ASN I 66 19.81 -26.80 20.40
N HIS I 67 19.87 -25.59 20.99
CA HIS I 67 20.72 -24.45 20.49
C HIS I 67 21.83 -24.06 21.46
N GLU I 68 22.95 -23.52 20.94
CA GLU I 68 23.94 -22.71 21.74
C GLU I 68 24.30 -21.40 21.01
N VAL I 69 24.79 -20.40 21.73
CA VAL I 69 25.44 -19.19 21.13
C VAL I 69 26.71 -18.91 21.90
N ILE I 70 27.69 -18.39 21.19
CA ILE I 70 29.00 -18.01 21.78
C ILE I 70 29.29 -16.56 21.50
N LEU I 71 29.64 -15.80 22.52
CA LEU I 71 30.15 -14.45 22.30
C LEU I 71 31.64 -14.41 22.67
N GLU I 72 32.52 -14.07 21.74
CA GLU I 72 33.95 -13.84 22.07
C GLU I 72 34.12 -12.34 22.32
N ILE I 73 34.96 -11.98 23.28
CA ILE I 73 35.12 -10.55 23.68
C ILE I 73 36.57 -10.16 23.51
N ASP I 74 36.78 -9.04 22.84
CA ASP I 74 38.12 -8.44 22.69
C ASP I 74 38.50 -7.84 24.05
N ASP I 75 39.78 -7.69 24.31
CA ASP I 75 40.23 -7.18 25.63
C ASP I 75 39.78 -5.75 25.92
N ASP I 76 39.57 -4.91 24.90
CA ASP I 76 39.18 -3.47 25.05
C ASP I 76 37.68 -3.29 24.85
N GLU I 77 36.99 -4.39 24.69
CA GLU I 77 35.53 -4.48 24.39
C GLU I 77 34.70 -4.66 25.67
N THR I 78 33.68 -3.93 25.87
CA THR I 78 32.82 -3.89 27.10
C THR I 78 31.37 -4.18 26.74
N ILE I 79 30.57 -4.59 27.72
CA ILE I 79 29.10 -4.77 27.56
C ILE I 79 28.43 -3.38 27.71
N ILE I 80 27.71 -2.90 26.69
CA ILE I 80 27.06 -1.56 26.78
C ILE I 80 25.54 -1.76 27.01
N GLY I 81 25.01 -2.96 26.78
CA GLY I 81 23.56 -3.24 26.80
C GLY I 81 23.33 -4.68 27.20
N SER I 82 22.57 -4.93 28.25
CA SER I 82 22.45 -6.32 28.77
C SER I 82 21.06 -6.56 29.35
N VAL I 83 20.35 -7.54 28.79
CA VAL I 83 18.97 -7.93 29.17
C VAL I 83 18.92 -9.42 29.44
N ILE I 84 18.59 -9.83 30.67
CA ILE I 84 18.31 -11.24 31.04
C ILE I 84 16.81 -11.44 31.29
N GLY I 85 16.24 -12.35 30.52
CA GLY I 85 14.87 -12.86 30.69
C GLY I 85 14.92 -13.97 31.71
N TYR I 86 13.86 -14.10 32.53
CA TYR I 86 13.78 -15.03 33.68
C TYR I 86 12.33 -15.16 34.13
N LYS I 87 12.00 -16.27 34.79
CA LYS I 87 10.74 -16.42 35.57
C LYS I 87 11.04 -16.07 37.03
N LYS I 88 10.22 -15.21 37.64
CA LYS I 88 10.40 -14.76 39.06
C LYS I 88 9.84 -15.82 40.00
N GLY I 89 10.10 -15.65 41.30
CA GLY I 89 9.63 -16.55 42.37
C GLY I 89 10.74 -17.46 42.86
N ASN I 90 10.48 -18.13 43.99
CA ASN I 90 11.36 -19.15 44.61
C ASN I 90 11.60 -20.27 43.57
N ASP I 91 10.58 -20.72 42.82
CA ASP I 91 10.72 -21.85 41.85
C ASP I 91 11.14 -21.33 40.46
N GLY I 92 11.89 -20.21 40.43
CA GLY I 92 12.26 -19.44 39.22
C GLY I 92 13.37 -20.09 38.37
N ARG I 93 13.59 -19.51 37.19
CA ARG I 93 14.57 -19.97 36.17
C ARG I 93 15.01 -18.77 35.33
N CYS I 94 16.24 -18.79 34.80
CA CYS I 94 16.63 -17.87 33.72
C CYS I 94 16.11 -18.41 32.42
N THR I 95 15.55 -17.55 31.59
CA THR I 95 14.96 -17.98 30.31
C THR I 95 15.84 -17.55 29.13
N GLY I 96 16.64 -16.49 29.27
CA GLY I 96 17.23 -15.77 28.12
C GLY I 96 18.32 -14.77 28.47
N VAL I 97 19.19 -14.50 27.50
CA VAL I 97 20.21 -13.41 27.56
C VAL I 97 20.43 -12.78 26.18
N LYS I 98 20.20 -11.45 26.09
CA LYS I 98 20.63 -10.53 24.99
C LYS I 98 21.75 -9.67 25.57
N LEU I 99 22.95 -9.70 24.96
CA LEU I 99 24.10 -8.78 25.25
C LEU I 99 24.45 -7.99 23.98
N THR I 100 24.89 -6.76 24.18
CA THR I 100 25.41 -5.83 23.14
C THR I 100 26.70 -5.20 23.68
N THR I 101 27.71 -5.11 22.80
CA THR I 101 29.11 -4.80 23.12
C THR I 101 29.44 -3.41 22.59
N SER I 102 30.52 -2.83 23.10
CA SER I 102 31.08 -1.53 22.66
C SER I 102 31.57 -1.60 21.22
N LYS I 103 31.49 -2.72 20.51
CA LYS I 103 31.96 -2.84 19.11
C LYS I 103 30.81 -3.27 18.20
N GLY I 104 29.56 -3.22 18.65
CA GLY I 104 28.39 -3.47 17.79
C GLY I 104 28.02 -4.95 17.69
N LYS I 105 28.80 -5.81 18.37
CA LYS I 105 28.50 -7.25 18.46
C LYS I 105 27.29 -7.44 19.36
N SER I 106 26.44 -8.40 19.07
CA SER I 106 25.37 -8.74 20.02
C SER I 106 24.97 -10.22 19.91
N ILE I 107 24.48 -10.84 20.99
CA ILE I 107 23.96 -12.23 20.94
C ILE I 107 22.57 -12.23 21.55
N MET I 108 21.79 -13.22 21.19
CA MET I 108 20.40 -13.35 21.67
C MET I 108 20.18 -14.81 22.00
N ALA I 109 19.99 -15.16 23.28
CA ALA I 109 19.81 -16.56 23.74
C ALA I 109 18.47 -16.77 24.43
N GLY I 110 17.71 -17.74 23.93
CA GLY I 110 16.44 -18.17 24.51
C GLY I 110 15.40 -17.08 24.53
N TYR I 111 14.61 -17.01 25.60
CA TYR I 111 13.22 -16.48 25.59
C TYR I 111 13.05 -15.42 26.68
N PHE I 112 12.10 -14.53 26.44
CA PHE I 112 11.90 -13.28 27.20
C PHE I 112 10.41 -13.08 27.51
N GLU I 113 9.69 -14.13 27.92
CA GLU I 113 8.19 -14.13 27.91
C GLU I 113 7.59 -13.72 29.27
N GLU I 114 8.39 -13.40 30.30
CA GLU I 114 7.81 -13.06 31.62
C GLU I 114 8.48 -11.82 32.21
N SER I 115 9.69 -11.93 32.77
CA SER I 115 10.34 -10.85 33.56
C SER I 115 11.64 -10.49 32.87
N LEU I 116 12.09 -9.24 32.97
CA LEU I 116 13.37 -8.82 32.36
C LEU I 116 14.19 -8.08 33.42
N ILE I 117 15.51 -8.07 33.29
CA ILE I 117 16.34 -7.06 33.99
C ILE I 117 17.21 -6.41 32.91
N THR I 118 17.49 -5.14 33.00
CA THR I 118 18.53 -4.53 32.15
C THR I 118 19.65 -4.21 33.09
N THR I 119 20.75 -4.87 32.96
CA THR I 119 21.76 -4.89 34.04
C THR I 119 22.62 -3.64 34.00
N TYR I 120 23.62 -3.69 34.85
CA TYR I 120 24.71 -2.73 34.80
C TYR I 120 25.51 -3.08 33.54
N THR I 121 26.31 -2.14 33.20
CA THR I 121 27.15 -2.27 31.99
C THR I 121 28.59 -2.13 32.45
N GLY I 122 29.53 -2.54 31.58
CA GLY I 122 30.97 -2.48 31.85
C GLY I 122 31.71 -3.66 31.27
N LYS I 123 32.99 -3.74 31.62
CA LYS I 123 33.89 -4.88 31.31
C LYS I 123 33.40 -6.11 32.05
N LEU I 124 32.71 -7.03 31.37
CA LEU I 124 32.18 -8.26 32.00
C LEU I 124 33.34 -9.12 32.51
N ALA I 125 33.31 -9.41 33.81
CA ALA I 125 34.44 -10.03 34.54
C ALA I 125 34.06 -11.42 35.07
N GLY I 126 32.78 -11.74 35.18
CA GLY I 126 32.35 -13.07 35.69
C GLY I 126 30.85 -13.24 35.73
N ILE I 127 30.39 -14.35 36.30
CA ILE I 127 28.97 -14.64 36.57
C ILE I 127 28.85 -15.42 37.90
N LYS I 128 27.83 -15.15 38.72
CA LYS I 128 27.44 -15.97 39.91
C LYS I 128 26.01 -16.43 39.63
N GLY I 129 25.50 -17.41 40.39
CA GLY I 129 24.12 -17.90 40.22
C GLY I 129 23.94 -19.29 40.81
N GLY I 130 22.92 -20.03 40.38
CA GLY I 130 22.69 -21.41 40.79
C GLY I 130 22.10 -22.21 39.64
N ALA I 131 22.53 -23.46 39.44
CA ALA I 131 22.09 -24.29 38.30
C ALA I 131 22.06 -25.79 38.68
N GLY I 132 21.21 -26.56 38.00
CA GLY I 132 21.19 -28.04 37.97
C GLY I 132 20.90 -28.55 36.58
N SER I 133 19.70 -29.08 36.35
CA SER I 133 19.19 -29.31 34.96
C SER I 133 19.19 -28.01 34.15
N ASP I 134 18.93 -26.88 34.81
CA ASP I 134 18.59 -25.55 34.22
C ASP I 134 19.44 -24.48 34.87
N ILE I 135 19.53 -23.31 34.28
CA ILE I 135 20.09 -22.13 34.98
C ILE I 135 18.92 -21.54 35.78
N ASP I 136 18.95 -21.76 37.10
CA ASP I 136 17.91 -21.37 38.09
C ASP I 136 17.99 -19.85 38.27
N ARG I 137 19.22 -19.33 38.27
CA ARG I 137 19.48 -17.93 38.69
C ARG I 137 20.85 -17.51 38.13
N LEU I 138 20.90 -16.30 37.58
CA LEU I 138 22.10 -15.74 36.91
C LEU I 138 22.22 -14.27 37.27
N GLY I 139 23.42 -13.86 37.65
CA GLY I 139 23.82 -12.45 37.78
C GLY I 139 25.16 -12.23 37.16
N LEU I 140 25.35 -11.08 36.51
CA LEU I 140 26.60 -10.69 35.83
C LEU I 140 27.50 -9.93 36.80
N ILE I 141 28.81 -9.96 36.58
CA ILE I 141 29.80 -9.24 37.44
C ILE I 141 30.68 -8.40 36.51
N PHE I 142 30.81 -7.11 36.81
CA PHE I 142 31.65 -6.14 36.04
C PHE I 142 32.83 -5.62 36.88
N LEU I 143 33.86 -5.04 36.24
CA LEU I 143 34.90 -4.20 36.90
C LEU I 143 34.39 -2.78 37.17
N LYS I 144 34.90 -2.08 38.20
CA LYS I 144 34.41 -0.74 38.65
C LYS I 144 34.68 0.35 37.60
N ASP J 5 17.56 45.47 -6.86
CA ASP J 5 16.77 44.64 -5.93
C ASP J 5 17.74 43.93 -4.98
N ASN J 6 17.41 44.00 -3.69
CA ASN J 6 18.00 43.19 -2.59
C ASN J 6 17.19 41.88 -2.45
N TYR J 7 16.38 41.50 -3.46
CA TYR J 7 15.28 40.50 -3.39
C TYR J 7 15.38 39.40 -4.47
N ILE J 8 14.84 38.21 -4.17
CA ILE J 8 14.76 37.05 -5.12
C ILE J 8 13.28 36.74 -5.33
N TYR J 9 12.77 36.93 -6.53
CA TYR J 9 11.35 36.68 -6.89
C TYR J 9 11.24 35.22 -7.32
N SER J 10 10.68 34.36 -6.49
CA SER J 10 10.42 32.96 -6.93
C SER J 10 9.39 32.98 -8.07
N THR J 11 9.39 32.01 -8.96
CA THR J 11 8.35 31.94 -10.01
C THR J 11 6.96 32.06 -9.38
N GLU J 12 6.13 32.94 -9.92
CA GLU J 12 4.66 32.97 -9.69
C GLU J 12 3.99 31.80 -10.42
N VAL J 13 3.39 30.85 -9.69
CA VAL J 13 2.75 29.65 -10.29
C VAL J 13 1.21 29.71 -10.15
N GLY J 14 0.53 29.14 -11.14
CA GLY J 14 -0.94 29.12 -11.24
C GLY J 14 -1.40 29.83 -12.49
N GLY J 15 -2.53 30.53 -12.40
CA GLY J 15 -3.20 31.15 -13.54
C GLY J 15 -2.98 32.64 -13.55
N VAL J 16 -3.65 33.29 -14.50
CA VAL J 16 -3.55 34.73 -14.86
C VAL J 16 -4.70 35.49 -14.18
N GLY J 17 -5.68 34.76 -13.66
CA GLY J 17 -6.95 35.25 -13.08
C GLY J 17 -6.67 36.01 -11.82
N GLY J 18 -7.68 36.73 -11.35
CA GLY J 18 -7.71 37.33 -10.02
C GLY J 18 -7.10 38.71 -9.97
N THR J 19 -7.26 39.33 -8.82
CA THR J 19 -6.74 40.69 -8.54
C THR J 19 -5.30 40.54 -8.10
N PRO J 20 -4.38 41.36 -8.67
CA PRO J 20 -2.98 41.36 -8.28
C PRO J 20 -2.81 41.76 -6.82
N PHE J 21 -1.83 41.13 -6.16
CA PHE J 21 -1.24 41.59 -4.89
C PHE J 21 0.29 41.54 -4.94
N THR J 22 0.90 42.46 -4.18
CA THR J 22 2.35 42.43 -3.83
C THR J 22 2.54 43.00 -2.44
N PHE J 23 2.87 42.14 -1.46
CA PHE J 23 3.09 42.46 -0.02
C PHE J 23 4.58 42.32 0.29
N MET J 24 5.23 43.39 0.72
CA MET J 24 6.67 43.43 1.05
C MET J 24 6.88 44.68 1.90
N GLN J 25 7.82 44.65 2.80
CA GLN J 25 8.09 45.85 3.58
C GLN J 25 9.61 46.01 3.49
N GLU J 26 10.06 47.04 2.81
CA GLU J 26 11.50 47.35 2.72
C GLU J 26 12.12 47.32 4.12
N SER J 27 13.19 46.56 4.29
CA SER J 27 13.92 46.39 5.58
C SER J 27 13.10 45.60 6.61
N GLY J 28 12.15 44.79 6.14
CA GLY J 28 11.33 43.94 7.03
C GLY J 28 11.07 42.59 6.42
N THR J 29 10.89 41.58 7.25
CA THR J 29 10.59 40.18 6.82
C THR J 29 9.27 39.66 7.41
N ILE J 30 8.69 38.67 6.75
CA ILE J 30 7.42 38.02 7.16
C ILE J 30 7.66 37.32 8.50
N THR J 31 6.85 37.64 9.48
CA THR J 31 6.95 37.04 10.82
C THR J 31 5.78 36.07 11.02
N SER J 32 4.82 36.09 10.11
CA SER J 32 3.61 35.26 10.23
C SER J 32 3.00 35.10 8.85
N ILE J 33 2.56 33.90 8.53
CA ILE J 33 1.85 33.64 7.23
C ILE J 33 0.75 32.60 7.48
N LYS J 34 -0.38 32.74 6.81
CA LYS J 34 -1.61 31.96 7.09
C LYS J 34 -2.15 31.46 5.76
N PHE J 35 -2.37 30.18 5.56
CA PHE J 35 -2.94 29.67 4.30
C PHE J 35 -4.35 29.16 4.62
N ASN J 36 -5.37 29.55 3.86
CA ASN J 36 -6.76 29.08 4.08
C ASN J 36 -7.09 28.23 2.86
N TRP J 37 -7.62 27.04 3.02
CA TRP J 37 -7.92 26.21 1.83
C TRP J 37 -9.22 25.45 2.04
N SER J 38 -9.76 24.85 0.99
CA SER J 38 -11.02 24.08 1.09
C SER J 38 -10.86 22.65 0.57
N ASP J 39 -11.69 21.77 1.08
CA ASP J 39 -11.75 20.37 0.62
C ASP J 39 -12.73 20.33 -0.55
N GLN J 40 -13.68 21.26 -0.55
CA GLN J 40 -14.68 21.38 -1.65
C GLN J 40 -13.99 21.62 -2.99
N TYR J 41 -12.99 22.51 -3.06
CA TYR J 41 -12.38 22.84 -4.37
C TYR J 41 -10.94 22.35 -4.52
N LYS J 42 -10.31 21.83 -3.46
CA LYS J 42 -8.90 21.32 -3.44
C LYS J 42 -7.94 22.45 -3.89
N LEU J 43 -8.18 23.68 -3.37
CA LEU J 43 -7.48 24.93 -3.72
C LEU J 43 -7.13 25.74 -2.47
N LEU J 44 -6.12 26.61 -2.54
CA LEU J 44 -5.94 27.74 -1.59
C LEU J 44 -6.89 28.89 -1.95
N HIS J 45 -7.51 29.53 -0.95
CA HIS J 45 -8.54 30.58 -1.18
C HIS J 45 -8.01 31.93 -0.71
N HIS J 46 -7.16 31.95 0.31
CA HIS J 46 -6.87 33.21 1.05
C HIS J 46 -5.52 33.08 1.72
N ILE J 47 -4.83 34.21 1.90
CA ILE J 47 -3.49 34.27 2.53
C ILE J 47 -3.42 35.54 3.37
N GLU J 48 -2.90 35.46 4.59
CA GLU J 48 -2.58 36.66 5.40
C GLU J 48 -1.09 36.65 5.78
N VAL J 49 -0.47 37.80 5.89
CA VAL J 49 0.99 37.95 6.12
C VAL J 49 1.12 39.10 7.12
N LYS J 50 1.85 38.96 8.25
CA LYS J 50 2.18 40.05 9.24
C LYS J 50 3.67 40.32 9.07
N PHE J 51 4.15 41.55 9.16
CA PHE J 51 5.61 41.84 9.03
C PHE J 51 6.17 42.08 10.44
N ILE J 52 7.50 42.04 10.64
CA ILE J 52 8.10 42.37 11.96
C ILE J 52 7.83 43.84 12.26
N ASN J 53 7.62 44.12 13.54
CA ASN J 53 7.40 45.47 14.12
C ASN J 53 6.09 46.05 13.61
N ASN J 54 5.13 45.22 13.19
CA ASN J 54 3.93 45.70 12.47
C ASN J 54 2.76 44.78 12.76
N ALA J 55 1.75 45.30 13.46
CA ALA J 55 0.53 44.53 13.78
C ALA J 55 -0.34 44.34 12.53
N ASN J 56 -0.28 45.24 11.55
CA ASN J 56 -1.16 45.21 10.36
C ASN J 56 -1.08 43.85 9.62
N ILE J 57 -2.25 43.31 9.26
CA ILE J 57 -2.46 42.02 8.54
C ILE J 57 -2.74 42.36 7.08
N TYR J 58 -1.85 41.92 6.18
CA TYR J 58 -1.98 42.03 4.71
C TYR J 58 -2.64 40.74 4.20
N ALA J 59 -3.85 40.84 3.64
CA ALA J 59 -4.66 39.68 3.23
C ALA J 59 -5.01 39.82 1.76
N THR J 60 -5.29 38.70 1.11
CA THR J 60 -5.69 38.58 -0.31
C THR J 60 -6.51 37.29 -0.48
N GLY J 61 -7.41 37.26 -1.45
CA GLY J 61 -8.40 36.18 -1.62
C GLY J 61 -9.49 36.19 -0.59
N ASP J 62 -10.40 35.22 -0.74
CA ASP J 62 -11.70 35.08 -0.02
C ASP J 62 -11.52 33.94 0.99
N PRO J 63 -11.60 34.24 2.30
CA PRO J 63 -11.37 33.24 3.32
C PRO J 63 -12.62 32.37 3.49
N LYS J 64 -12.98 31.63 2.45
CA LYS J 64 -14.13 30.70 2.44
C LYS J 64 -13.72 29.26 2.74
N GLY J 65 -12.44 28.94 2.92
CA GLY J 65 -11.99 27.55 3.16
C GLY J 65 -12.36 27.07 4.55
N ASN J 66 -12.43 25.75 4.78
CA ASN J 66 -12.78 25.13 6.10
C ASN J 66 -11.50 24.99 6.93
N HIS J 67 -10.31 25.06 6.32
CA HIS J 67 -9.04 24.89 7.07
C HIS J 67 -8.19 26.16 6.98
N GLU J 68 -7.37 26.44 7.99
CA GLU J 68 -6.26 27.43 7.86
C GLU J 68 -5.01 26.87 8.55
N VAL J 69 -3.82 27.31 8.14
CA VAL J 69 -2.56 27.01 8.89
C VAL J 69 -1.79 28.31 8.99
N ILE J 70 -1.20 28.52 10.15
CA ILE J 70 -0.32 29.67 10.45
C ILE J 70 1.09 29.15 10.73
N LEU J 71 2.07 29.80 10.11
CA LEU J 71 3.49 29.58 10.44
C LEU J 71 4.00 30.87 11.07
N GLU J 72 4.47 30.80 12.31
CA GLU J 72 5.14 31.97 12.96
C GLU J 72 6.63 31.80 12.75
N ILE J 73 7.37 32.86 12.38
CA ILE J 73 8.81 32.81 11.99
C ILE J 73 9.61 33.72 12.92
N ASP J 74 10.54 33.12 13.68
CA ASP J 74 11.47 33.82 14.60
C ASP J 74 12.30 34.74 13.68
N ASP J 75 12.80 35.86 14.20
CA ASP J 75 13.51 36.92 13.40
C ASP J 75 14.66 36.27 12.60
N ASP J 76 15.33 35.26 13.18
CA ASP J 76 16.61 34.71 12.65
C ASP J 76 16.31 33.50 11.78
N GLU J 77 15.05 33.06 11.70
CA GLU J 77 14.59 31.78 11.09
C GLU J 77 14.41 31.93 9.56
N THR J 78 14.95 31.02 8.75
CA THR J 78 14.94 31.09 7.25
C THR J 78 14.09 29.95 6.69
N ILE J 79 13.67 30.01 5.44
CA ILE J 79 12.95 28.88 4.79
C ILE J 79 14.02 28.04 4.09
N ILE J 80 14.21 26.78 4.52
CA ILE J 80 15.24 25.86 3.94
C ILE J 80 14.56 24.87 2.96
N GLY J 81 13.24 24.75 3.05
CA GLY J 81 12.43 23.88 2.18
C GLY J 81 11.09 24.52 1.89
N SER J 82 10.71 24.59 0.62
CA SER J 82 9.47 25.27 0.17
C SER J 82 8.90 24.54 -1.04
N VAL J 83 7.66 24.08 -0.97
CA VAL J 83 6.99 23.41 -2.12
C VAL J 83 5.60 24.01 -2.27
N ILE J 84 5.27 24.53 -3.47
CA ILE J 84 3.89 24.94 -3.88
C ILE J 84 3.28 23.94 -4.89
N GLY J 85 2.09 23.43 -4.55
CA GLY J 85 1.28 22.68 -5.50
C GLY J 85 0.39 23.61 -6.26
N TYR J 86 0.19 23.34 -7.55
CA TYR J 86 -0.65 24.20 -8.43
C TYR J 86 -1.20 23.43 -9.63
N LYS J 87 -2.25 23.98 -10.24
CA LYS J 87 -2.71 23.61 -11.59
C LYS J 87 -2.11 24.63 -12.56
N LYS J 88 -1.38 24.13 -13.55
CA LYS J 88 -0.71 24.95 -14.61
C LYS J 88 -1.72 25.41 -15.63
N GLY J 89 -1.37 26.43 -16.41
CA GLY J 89 -2.22 26.97 -17.48
C GLY J 89 -2.77 28.34 -17.12
N ASN J 90 -3.39 28.98 -18.10
CA ASN J 90 -4.00 30.32 -18.02
C ASN J 90 -5.09 30.30 -16.93
N ASP J 91 -5.95 29.29 -16.91
CA ASP J 91 -6.93 29.24 -15.80
C ASP J 91 -6.47 28.24 -14.75
N GLY J 92 -5.22 28.37 -14.36
CA GLY J 92 -4.63 27.56 -13.29
C GLY J 92 -4.93 28.20 -11.96
N ARG J 93 -4.57 27.50 -10.89
CA ARG J 93 -4.76 27.95 -9.49
C ARG J 93 -3.64 27.38 -8.62
N CYS J 94 -3.49 27.89 -7.40
CA CYS J 94 -2.54 27.32 -6.42
C CYS J 94 -3.34 26.39 -5.54
N THR J 95 -2.82 25.21 -5.27
CA THR J 95 -3.61 24.20 -4.55
C THR J 95 -2.98 23.79 -3.23
N GLY J 96 -1.66 23.96 -3.06
CA GLY J 96 -1.04 23.53 -1.80
C GLY J 96 0.23 24.31 -1.49
N VAL J 97 0.72 24.27 -0.25
CA VAL J 97 2.06 24.79 0.09
C VAL J 97 2.58 24.05 1.31
N LYS J 98 3.81 23.51 1.23
CA LYS J 98 4.58 22.95 2.37
C LYS J 98 5.79 23.86 2.59
N LEU J 99 6.03 24.33 3.81
CA LEU J 99 7.27 25.11 4.12
C LEU J 99 8.02 24.41 5.24
N THR J 100 9.35 24.36 5.21
CA THR J 100 10.15 23.89 6.38
C THR J 100 11.20 24.93 6.69
N THR J 101 11.54 25.11 7.95
CA THR J 101 12.40 26.24 8.42
C THR J 101 13.74 25.72 8.94
N SER J 102 14.67 26.65 9.10
CA SER J 102 16.01 26.43 9.69
C SER J 102 15.89 25.87 11.12
N LYS J 103 14.73 25.94 11.78
CA LYS J 103 14.51 25.43 13.17
C LYS J 103 13.64 24.17 13.16
N GLY J 104 13.33 23.64 11.98
CA GLY J 104 12.65 22.34 11.90
C GLY J 104 11.15 22.51 11.93
N LYS J 105 10.68 23.76 11.96
CA LYS J 105 9.21 23.99 11.93
C LYS J 105 8.78 23.75 10.49
N SER J 106 7.59 23.20 10.32
CA SER J 106 7.00 22.97 9.01
C SER J 106 5.45 23.12 9.03
N ILE J 107 4.87 23.38 7.85
CA ILE J 107 3.39 23.50 7.66
C ILE J 107 3.05 22.88 6.31
N MET J 108 1.92 22.19 6.24
CA MET J 108 1.34 21.62 4.99
C MET J 108 -0.04 22.28 4.93
N ALA J 109 -0.37 22.94 3.82
CA ALA J 109 -1.73 23.45 3.50
C ALA J 109 -2.15 22.87 2.17
N GLY J 110 -3.38 22.35 2.09
CA GLY J 110 -4.09 22.06 0.83
C GLY J 110 -3.56 20.87 0.06
N TYR J 111 -3.62 20.90 -1.26
CA TYR J 111 -3.40 19.68 -2.06
C TYR J 111 -2.29 19.86 -3.08
N PHE J 112 -1.77 18.71 -3.52
CA PHE J 112 -0.58 18.54 -4.40
C PHE J 112 -0.89 17.46 -5.42
N GLU J 113 -1.98 17.63 -6.16
CA GLU J 113 -2.54 16.63 -7.10
C GLU J 113 -2.04 16.81 -8.57
N GLU J 114 -1.61 18.00 -9.06
CA GLU J 114 -1.12 18.17 -10.48
C GLU J 114 0.37 18.51 -10.55
N SER J 115 0.78 19.73 -10.21
CA SER J 115 2.10 20.31 -10.51
C SER J 115 2.72 20.83 -9.20
N LEU J 116 4.04 20.97 -9.12
CA LEU J 116 4.77 21.35 -7.88
C LEU J 116 5.92 22.27 -8.32
N ILE J 117 6.29 23.24 -7.52
CA ILE J 117 7.58 23.94 -7.68
C ILE J 117 8.29 23.84 -6.33
N THR J 118 9.59 23.54 -6.34
CA THR J 118 10.49 23.58 -5.15
C THR J 118 11.23 24.91 -5.25
N THR J 119 10.93 25.87 -4.40
CA THR J 119 11.33 27.28 -4.67
C THR J 119 12.76 27.57 -4.19
N TYR J 120 13.22 28.78 -4.46
CA TYR J 120 14.48 29.32 -3.90
C TYR J 120 14.29 29.18 -2.41
N THR J 121 15.37 29.21 -1.65
CA THR J 121 15.33 29.19 -0.16
C THR J 121 15.87 30.51 0.32
N GLY J 122 15.69 30.83 1.60
CA GLY J 122 16.17 32.08 2.21
C GLY J 122 15.20 32.67 3.21
N LYS J 123 15.39 33.95 3.49
CA LYS J 123 14.61 34.69 4.52
C LYS J 123 13.36 35.23 3.83
N LEU J 124 12.20 34.66 4.12
CA LEU J 124 10.94 35.01 3.40
C LEU J 124 10.61 36.49 3.67
N ALA J 125 10.56 37.32 2.62
CA ALA J 125 10.42 38.79 2.73
C ALA J 125 9.06 39.26 2.18
N GLY J 126 8.43 38.54 1.25
CA GLY J 126 7.07 38.90 0.83
C GLY J 126 6.36 37.82 0.01
N ILE J 127 5.18 38.14 -0.49
CA ILE J 127 4.47 37.32 -1.50
C ILE J 127 3.87 38.28 -2.54
N LYS J 128 3.60 37.72 -3.72
CA LYS J 128 3.18 38.41 -4.95
C LYS J 128 2.22 37.48 -5.69
N GLY J 129 1.29 37.96 -6.49
CA GLY J 129 0.44 37.01 -7.21
C GLY J 129 -0.91 37.55 -7.57
N GLY J 130 -1.89 36.69 -7.82
CA GLY J 130 -3.26 37.09 -8.16
C GLY J 130 -4.29 36.23 -7.45
N ALA J 131 -5.30 36.89 -6.83
CA ALA J 131 -6.33 36.25 -5.98
C ALA J 131 -7.71 36.93 -6.14
N GLY J 132 -8.77 36.10 -6.26
CA GLY J 132 -10.18 36.49 -6.17
C GLY J 132 -10.89 35.63 -5.14
N SER J 133 -11.84 34.80 -5.58
CA SER J 133 -12.44 33.70 -4.78
C SER J 133 -11.36 32.72 -4.31
N ASP J 134 -10.36 32.47 -5.17
CA ASP J 134 -9.25 31.50 -4.99
C ASP J 134 -7.91 32.24 -5.06
N ILE J 135 -6.81 31.53 -4.75
CA ILE J 135 -5.42 32.02 -5.05
C ILE J 135 -5.09 31.58 -6.48
N ASP J 136 -5.29 32.44 -7.46
CA ASP J 136 -5.02 32.09 -8.88
C ASP J 136 -3.52 31.75 -9.04
N ARG J 137 -2.64 32.40 -8.26
CA ARG J 137 -1.22 32.51 -8.62
C ARG J 137 -0.45 33.05 -7.42
N LEU J 138 0.74 32.50 -7.16
CA LEU J 138 1.57 32.81 -5.96
C LEU J 138 3.06 32.63 -6.26
N GLY J 139 3.85 33.67 -5.95
CA GLY J 139 5.31 33.64 -6.02
C GLY J 139 5.88 34.11 -4.72
N LEU J 140 6.78 33.37 -4.10
CA LEU J 140 7.36 33.85 -2.85
C LEU J 140 8.44 34.89 -3.19
N ILE J 141 8.82 35.73 -2.24
CA ILE J 141 9.94 36.73 -2.35
C ILE J 141 10.88 36.56 -1.15
N PHE J 142 12.20 36.46 -1.36
CA PHE J 142 13.20 36.25 -0.29
C PHE J 142 14.23 37.40 -0.33
N LEU J 143 15.02 37.60 0.73
CA LEU J 143 16.20 38.52 0.77
C LEU J 143 17.40 37.84 0.12
N LYS J 144 18.50 38.57 -0.18
CA LYS J 144 19.64 37.99 -0.93
C LYS J 144 20.65 37.33 0.01
N ASP K 5 36.90 23.84 -23.36
CA ASP K 5 35.71 24.27 -22.55
C ASP K 5 36.02 24.09 -21.05
N ASN K 6 35.46 24.98 -20.21
CA ASN K 6 35.45 24.97 -18.70
C ASN K 6 34.18 24.22 -18.22
N TYR K 7 33.54 23.47 -19.13
CA TYR K 7 32.27 22.71 -18.99
C TYR K 7 32.52 21.18 -18.99
N ILE K 8 31.67 20.42 -18.28
CA ILE K 8 31.57 18.93 -18.28
C ILE K 8 30.25 18.55 -18.94
N TYR K 9 30.28 17.70 -19.96
CA TYR K 9 29.09 17.30 -20.77
C TYR K 9 28.63 15.91 -20.33
N SER K 10 27.51 15.74 -19.61
CA SER K 10 26.85 14.41 -19.39
C SER K 10 26.44 13.79 -20.74
N THR K 11 26.44 12.46 -20.80
CA THR K 11 25.97 11.68 -21.96
C THR K 11 24.55 12.13 -22.27
N GLU K 12 24.30 12.59 -23.49
CA GLU K 12 22.93 12.80 -24.01
C GLU K 12 22.29 11.44 -24.17
N VAL K 13 21.20 11.16 -23.47
CA VAL K 13 20.58 9.80 -23.48
C VAL K 13 19.21 9.87 -24.17
N GLY K 14 18.69 8.74 -24.65
CA GLY K 14 17.46 8.64 -25.47
C GLY K 14 17.80 8.45 -26.96
N GLY K 15 16.96 8.99 -27.86
CA GLY K 15 17.04 8.80 -29.33
C GLY K 15 17.73 9.92 -30.10
N VAL K 16 17.92 9.69 -31.42
CA VAL K 16 18.46 10.65 -32.44
C VAL K 16 17.34 11.59 -32.92
N GLY K 17 16.08 11.32 -32.56
CA GLY K 17 14.89 12.06 -33.03
C GLY K 17 14.93 13.55 -32.69
N GLY K 18 13.89 14.27 -33.13
CA GLY K 18 13.53 15.66 -32.80
C GLY K 18 14.53 16.71 -33.24
N THR K 19 14.23 17.95 -32.94
CA THR K 19 15.08 19.11 -33.28
C THR K 19 16.10 19.28 -32.17
N PRO K 20 17.41 19.25 -32.49
CA PRO K 20 18.44 19.61 -31.51
C PRO K 20 18.20 20.95 -30.83
N PHE K 21 18.51 21.02 -29.54
CA PHE K 21 18.53 22.25 -28.72
C PHE K 21 19.80 22.25 -27.85
N THR K 22 20.27 23.43 -27.49
CA THR K 22 21.38 23.69 -26.55
C THR K 22 21.06 25.00 -25.85
N PHE K 23 20.94 24.93 -24.52
CA PHE K 23 20.57 26.03 -23.59
C PHE K 23 21.74 26.26 -22.63
N MET K 24 22.47 27.37 -22.79
CA MET K 24 23.66 27.76 -22.00
C MET K 24 23.88 29.26 -22.18
N GLN K 25 24.40 29.93 -21.17
CA GLN K 25 24.68 31.37 -21.28
C GLN K 25 26.12 31.55 -20.81
N GLU K 26 26.87 32.44 -21.43
CA GLU K 26 28.26 32.66 -20.98
C GLU K 26 28.19 33.34 -19.63
N SER K 27 28.97 32.84 -18.66
CA SER K 27 29.04 33.38 -17.28
C SER K 27 27.70 33.27 -16.56
N GLY K 28 26.91 32.24 -16.87
CA GLY K 28 25.59 32.08 -16.25
C GLY K 28 25.26 30.63 -16.05
N THR K 29 24.55 30.33 -14.97
CA THR K 29 24.08 28.97 -14.59
C THR K 29 22.56 28.89 -14.63
N ILE K 30 22.03 27.67 -14.68
CA ILE K 30 20.56 27.41 -14.65
C ILE K 30 20.03 27.87 -13.28
N THR K 31 19.04 28.74 -13.27
CA THR K 31 18.45 29.23 -12.00
C THR K 31 17.07 28.60 -11.82
N SER K 32 16.50 28.13 -12.90
CA SER K 32 15.17 27.51 -12.87
C SER K 32 15.09 26.50 -14.01
N ILE K 33 14.58 25.32 -13.71
CA ILE K 33 14.30 24.33 -14.78
C ILE K 33 12.96 23.67 -14.49
N LYS K 34 12.20 23.37 -15.53
CA LYS K 34 10.86 22.78 -15.42
C LYS K 34 10.79 21.58 -16.35
N PHE K 35 10.07 20.55 -15.91
CA PHE K 35 9.88 19.31 -16.69
C PHE K 35 8.39 19.06 -16.80
N ASN K 36 7.88 18.90 -18.01
CA ASN K 36 6.46 18.63 -18.27
C ASN K 36 6.42 17.18 -18.74
N TRP K 37 5.59 16.30 -18.15
CA TRP K 37 5.47 14.88 -18.59
C TRP K 37 4.00 14.41 -18.55
N SER K 38 3.74 13.22 -19.09
CA SER K 38 2.38 12.65 -19.17
C SER K 38 2.33 11.30 -18.47
N ASP K 39 1.16 10.91 -18.02
CA ASP K 39 0.92 9.51 -17.60
C ASP K 39 0.53 8.70 -18.85
N GLN K 40 -0.07 9.33 -19.87
CA GLN K 40 -0.51 8.61 -21.09
C GLN K 40 0.71 7.99 -21.75
N TYR K 41 1.74 8.78 -22.00
CA TYR K 41 2.94 8.30 -22.74
C TYR K 41 4.09 7.88 -21.83
N LYS K 42 4.10 8.29 -20.56
CA LYS K 42 5.19 8.00 -19.58
C LYS K 42 6.53 8.50 -20.16
N LEU K 43 6.50 9.69 -20.75
CA LEU K 43 7.66 10.39 -21.37
C LEU K 43 7.71 11.81 -20.83
N LEU K 44 8.90 12.41 -20.81
CA LEU K 44 9.11 13.88 -20.83
C LEU K 44 8.72 14.40 -22.21
N HIS K 45 8.02 15.53 -22.22
CA HIS K 45 7.48 16.16 -23.45
C HIS K 45 8.10 17.55 -23.63
N HIS K 46 8.33 18.27 -22.55
CA HIS K 46 8.63 19.71 -22.62
C HIS K 46 9.53 20.09 -21.46
N ILE K 47 10.41 21.05 -21.70
CA ILE K 47 11.44 21.55 -20.74
C ILE K 47 11.57 23.06 -20.92
N GLU K 48 11.57 23.81 -19.83
CA GLU K 48 11.98 25.24 -19.86
C GLU K 48 13.13 25.45 -18.88
N VAL K 49 13.93 26.47 -19.11
CA VAL K 49 15.13 26.76 -18.32
C VAL K 49 15.24 28.28 -18.27
N LYS K 50 15.38 28.89 -17.10
CA LYS K 50 15.77 30.32 -16.98
C LYS K 50 17.23 30.30 -16.58
N PHE K 51 17.97 31.38 -16.87
CA PHE K 51 19.36 31.57 -16.41
C PHE K 51 19.43 32.74 -15.45
N ILE K 52 20.44 32.68 -14.58
CA ILE K 52 20.80 33.76 -13.63
C ILE K 52 20.99 35.06 -14.42
N ASN K 53 20.46 36.19 -13.91
CA ASN K 53 20.50 37.52 -14.56
C ASN K 53 19.81 37.50 -15.94
N ASN K 54 18.71 36.78 -16.12
CA ASN K 54 18.08 36.60 -17.47
C ASN K 54 16.62 36.13 -17.27
N ALA K 55 15.69 37.08 -17.53
CA ALA K 55 14.22 36.96 -17.46
C ALA K 55 13.68 35.98 -18.50
N ASN K 56 14.44 35.79 -19.59
CA ASN K 56 13.99 34.96 -20.74
C ASN K 56 13.89 33.48 -20.30
N ILE K 57 12.86 32.85 -20.86
CA ILE K 57 12.44 31.43 -20.72
C ILE K 57 12.80 30.72 -22.04
N TYR K 58 13.80 29.85 -21.99
CA TYR K 58 14.24 28.96 -23.10
C TYR K 58 13.42 27.69 -22.99
N ALA K 59 12.63 27.39 -24.01
CA ALA K 59 11.71 26.24 -24.03
C ALA K 59 11.96 25.34 -25.25
N THR K 60 11.67 24.06 -25.09
CA THR K 60 11.75 23.08 -26.18
C THR K 60 10.72 21.99 -25.93
N GLY K 61 10.29 21.33 -26.99
CA GLY K 61 9.32 20.22 -26.89
C GLY K 61 7.93 20.74 -26.68
N ASP K 62 6.95 19.89 -26.90
CA ASP K 62 5.52 20.29 -26.96
C ASP K 62 4.91 20.13 -25.57
N PRO K 63 4.42 21.22 -24.94
CA PRO K 63 3.90 21.14 -23.57
C PRO K 63 2.54 20.45 -23.39
N LYS K 64 2.44 19.16 -23.70
CA LYS K 64 1.15 18.43 -23.77
C LYS K 64 1.02 17.47 -22.58
N GLY K 65 1.92 17.59 -21.60
CA GLY K 65 1.89 16.73 -20.39
C GLY K 65 0.85 17.19 -19.38
N ASN K 66 0.30 16.28 -18.59
CA ASN K 66 -0.71 16.62 -17.56
C ASN K 66 0.02 17.08 -16.30
N HIS K 67 1.34 16.91 -16.17
CA HIS K 67 2.09 17.25 -14.94
C HIS K 67 3.24 18.17 -15.31
N GLU K 68 3.68 19.06 -14.42
CA GLU K 68 4.98 19.78 -14.57
C GLU K 68 5.62 19.93 -13.18
N VAL K 69 6.95 19.93 -13.06
CA VAL K 69 7.62 20.28 -11.79
C VAL K 69 8.70 21.26 -12.16
N ILE K 70 8.91 22.23 -11.29
CA ILE K 70 9.89 23.34 -11.48
C ILE K 70 10.85 23.19 -10.34
N LEU K 71 12.14 23.33 -10.63
CA LEU K 71 13.18 23.39 -9.58
C LEU K 71 13.87 24.76 -9.68
N GLU K 72 13.81 25.53 -8.60
CA GLU K 72 14.59 26.77 -8.57
C GLU K 72 15.87 26.43 -7.85
N ILE K 73 16.97 27.02 -8.31
CA ILE K 73 18.32 26.73 -7.77
C ILE K 73 18.92 28.04 -7.28
N ASP K 74 19.23 28.09 -5.99
CA ASP K 74 19.98 29.21 -5.37
C ASP K 74 21.32 29.33 -6.10
N ASP K 75 21.95 30.48 -6.00
CA ASP K 75 23.19 30.81 -6.74
C ASP K 75 24.29 29.85 -6.29
N ASP K 76 24.37 29.60 -4.99
CA ASP K 76 25.43 28.76 -4.37
C ASP K 76 24.95 27.31 -4.28
N GLU K 77 23.89 26.88 -4.98
CA GLU K 77 23.30 25.51 -4.86
C GLU K 77 23.72 24.61 -6.05
N THR K 78 24.22 23.40 -5.77
CA THR K 78 24.70 22.44 -6.80
C THR K 78 23.84 21.15 -6.93
N ILE K 79 23.99 20.42 -8.02
CA ILE K 79 23.38 19.08 -8.18
C ILE K 79 24.39 18.03 -7.69
N ILE K 80 24.12 17.40 -6.53
CA ILE K 80 24.92 16.32 -5.92
C ILE K 80 24.34 14.95 -6.35
N GLY K 81 23.09 14.91 -6.85
CA GLY K 81 22.40 13.65 -7.21
C GLY K 81 21.55 13.85 -8.45
N SER K 82 21.71 12.99 -9.46
CA SER K 82 21.08 13.19 -10.79
C SER K 82 20.87 11.85 -11.52
N VAL K 83 19.64 11.56 -11.93
CA VAL K 83 19.28 10.29 -12.59
C VAL K 83 18.30 10.64 -13.69
N ILE K 84 18.59 10.31 -14.94
CA ILE K 84 17.64 10.50 -16.07
C ILE K 84 17.18 9.13 -16.49
N GLY K 85 15.88 8.88 -16.50
CA GLY K 85 15.29 7.65 -17.08
C GLY K 85 15.12 7.86 -18.58
N TYR K 86 15.38 6.81 -19.37
CA TYR K 86 15.26 6.93 -20.84
C TYR K 86 15.00 5.57 -21.48
N LYS K 87 14.45 5.59 -22.70
CA LYS K 87 14.31 4.43 -23.61
C LYS K 87 15.53 4.40 -24.56
N LYS K 88 16.34 3.34 -24.52
CA LYS K 88 17.62 3.21 -25.31
C LYS K 88 17.27 3.05 -26.79
N GLY K 89 18.16 3.39 -27.71
CA GLY K 89 17.96 3.08 -29.12
C GLY K 89 17.94 4.33 -29.99
N ASN K 90 17.84 4.15 -31.32
CA ASN K 90 17.74 5.28 -32.28
C ASN K 90 16.37 5.96 -32.10
N ASP K 91 15.30 5.18 -31.92
CA ASP K 91 13.88 5.63 -31.78
C ASP K 91 13.62 5.90 -30.29
N GLY K 92 14.68 6.21 -29.57
CA GLY K 92 14.67 6.29 -28.10
C GLY K 92 14.08 7.59 -27.65
N ARG K 93 13.77 7.68 -26.36
CA ARG K 93 13.10 8.83 -25.70
C ARG K 93 13.68 9.03 -24.30
N CYS K 94 13.40 10.18 -23.75
CA CYS K 94 13.72 10.55 -22.38
C CYS K 94 12.46 10.42 -21.53
N THR K 95 12.48 9.55 -20.50
CA THR K 95 11.26 9.15 -19.75
C THR K 95 11.11 9.82 -18.37
N GLY K 96 12.20 10.22 -17.71
CA GLY K 96 12.16 10.66 -16.30
C GLY K 96 13.40 11.42 -15.89
N VAL K 97 13.30 12.20 -14.81
CA VAL K 97 14.40 12.96 -14.17
C VAL K 97 14.15 13.08 -12.64
N LYS K 98 15.07 12.54 -11.82
CA LYS K 98 15.26 12.90 -10.38
C LYS K 98 16.53 13.73 -10.26
N LEU K 99 16.44 14.93 -9.67
CA LEU K 99 17.60 15.75 -9.21
C LEU K 99 17.43 15.97 -7.70
N THR K 100 18.57 16.01 -6.99
CA THR K 100 18.71 16.33 -5.55
C THR K 100 19.83 17.36 -5.43
N THR K 101 19.74 18.33 -4.53
CA THR K 101 20.65 19.50 -4.50
C THR K 101 21.55 19.51 -3.25
N SER K 102 22.48 20.46 -3.19
CA SER K 102 23.44 20.60 -2.07
C SER K 102 22.67 21.06 -0.82
N LYS K 103 21.41 21.47 -0.99
CA LYS K 103 20.54 21.98 0.09
C LYS K 103 19.37 21.04 0.33
N GLY K 104 19.42 19.79 -0.12
CA GLY K 104 18.40 18.77 0.22
C GLY K 104 17.14 18.97 -0.59
N LYS K 105 17.12 19.94 -1.49
CA LYS K 105 16.03 20.10 -2.49
C LYS K 105 16.09 18.93 -3.48
N SER K 106 14.93 18.48 -3.93
CA SER K 106 14.83 17.36 -4.87
C SER K 106 13.50 17.38 -5.63
N ILE K 107 13.55 16.93 -6.87
CA ILE K 107 12.39 16.84 -7.80
C ILE K 107 12.44 15.51 -8.52
N MET K 108 11.29 15.09 -9.01
CA MET K 108 11.03 13.72 -9.47
C MET K 108 9.99 13.91 -10.55
N ALA K 109 10.35 13.63 -11.79
CA ALA K 109 9.51 13.86 -12.99
C ALA K 109 9.52 12.60 -13.85
N GLY K 110 8.33 12.08 -14.14
CA GLY K 110 8.15 11.05 -15.17
C GLY K 110 8.50 9.66 -14.65
N TYR K 111 8.86 8.77 -15.57
CA TYR K 111 8.96 7.31 -15.36
C TYR K 111 10.40 6.86 -15.58
N PHE K 112 10.75 5.77 -14.92
CA PHE K 112 12.09 5.16 -14.96
C PHE K 112 11.95 3.65 -15.18
N GLU K 113 11.33 3.23 -16.29
CA GLU K 113 10.87 1.83 -16.45
C GLU K 113 11.91 0.98 -17.21
N GLU K 114 12.92 1.61 -17.84
CA GLU K 114 13.88 0.92 -18.77
C GLU K 114 15.35 1.21 -18.42
N SER K 115 15.93 2.26 -19.01
CA SER K 115 17.36 2.57 -18.88
C SER K 115 17.53 3.77 -17.94
N LEU K 116 18.67 3.92 -17.26
CA LEU K 116 18.96 5.06 -16.32
C LEU K 116 20.38 5.51 -16.57
N ILE K 117 20.72 6.71 -16.15
CA ILE K 117 22.14 7.16 -16.10
C ILE K 117 22.22 7.92 -14.78
N THR K 118 23.28 7.69 -14.02
CA THR K 118 23.59 8.54 -12.84
C THR K 118 24.66 9.46 -13.35
N THR K 119 24.38 10.75 -13.50
CA THR K 119 25.26 11.66 -14.25
C THR K 119 26.37 12.17 -13.36
N TYR K 120 27.21 12.98 -13.99
CA TYR K 120 28.13 13.88 -13.29
C TYR K 120 27.32 14.82 -12.40
N THR K 121 28.00 15.38 -11.42
CA THR K 121 27.43 16.30 -10.41
C THR K 121 28.24 17.60 -10.50
N GLY K 122 27.77 18.64 -9.81
CA GLY K 122 28.33 20.01 -9.80
C GLY K 122 27.25 21.06 -10.02
N LYS K 123 27.67 22.30 -10.30
CA LYS K 123 26.80 23.45 -10.60
C LYS K 123 26.18 23.28 -12.00
N LEU K 124 24.88 22.98 -12.10
CA LEU K 124 24.18 22.78 -13.41
C LEU K 124 24.32 24.08 -14.20
N ALA K 125 24.91 24.03 -15.40
CA ALA K 125 25.22 25.21 -16.27
C ALA K 125 24.30 25.27 -17.48
N GLY K 126 23.79 24.12 -17.93
CA GLY K 126 22.78 24.14 -19.00
C GLY K 126 22.35 22.76 -19.40
N ILE K 127 21.54 22.64 -20.45
CA ILE K 127 21.12 21.34 -21.05
C ILE K 127 21.26 21.38 -22.58
N LYS K 128 21.24 20.20 -23.15
CA LYS K 128 21.37 20.00 -24.61
C LYS K 128 20.63 18.72 -24.95
N GLY K 129 20.14 18.62 -26.16
CA GLY K 129 19.32 17.44 -26.51
C GLY K 129 18.60 17.60 -27.83
N GLY K 130 17.57 16.77 -28.02
CA GLY K 130 16.63 16.81 -29.13
C GLY K 130 15.21 16.63 -28.62
N ALA K 131 14.30 17.50 -29.07
CA ALA K 131 12.88 17.53 -28.68
C ALA K 131 12.01 17.77 -29.93
N GLY K 132 10.86 17.09 -29.96
CA GLY K 132 9.76 17.31 -30.92
C GLY K 132 8.46 17.37 -30.15
N SER K 133 7.54 16.43 -30.43
CA SER K 133 6.37 16.04 -29.59
C SER K 133 6.80 15.72 -28.16
N ASP K 134 7.99 15.14 -28.04
CA ASP K 134 8.60 14.54 -26.82
C ASP K 134 10.04 15.03 -26.71
N ILE K 135 10.66 14.82 -25.55
CA ILE K 135 12.13 14.96 -25.35
C ILE K 135 12.79 13.67 -25.83
N ASP K 136 13.41 13.71 -27.00
CA ASP K 136 13.99 12.49 -27.63
C ASP K 136 15.22 12.07 -26.83
N ARG K 137 15.87 13.04 -26.18
CA ARG K 137 17.29 12.99 -25.79
C ARG K 137 17.58 14.20 -24.91
N LEU K 138 18.30 13.99 -23.80
CA LEU K 138 18.66 15.07 -22.86
C LEU K 138 20.05 14.80 -22.32
N GLY K 139 20.88 15.83 -22.30
CA GLY K 139 22.15 15.79 -21.56
C GLY K 139 22.37 17.05 -20.73
N LEU K 140 22.74 16.84 -19.48
CA LEU K 140 23.10 17.93 -18.55
C LEU K 140 24.49 18.43 -18.89
N ILE K 141 24.81 19.65 -18.46
CA ILE K 141 26.14 20.31 -18.62
C ILE K 141 26.47 21.00 -17.29
N PHE K 142 27.64 20.73 -16.69
CA PHE K 142 28.02 21.30 -15.37
C PHE K 142 29.24 22.19 -15.55
N LEU K 143 29.62 22.97 -14.53
CA LEU K 143 30.89 23.73 -14.45
C LEU K 143 31.97 22.88 -13.77
N LYS K 144 33.25 23.27 -13.86
CA LYS K 144 34.44 22.41 -13.55
C LYS K 144 34.90 22.61 -12.10
N ASP L 5 53.12 -3.37 -10.74
CA ASP L 5 51.93 -2.59 -11.19
C ASP L 5 51.57 -1.57 -10.10
N ASN L 6 51.01 -0.42 -10.49
CA ASN L 6 50.38 0.57 -9.56
C ASN L 6 48.89 0.23 -9.37
N TYR L 7 48.48 -0.96 -9.86
CA TYR L 7 47.06 -1.39 -9.98
C TYR L 7 46.73 -2.58 -9.07
N ILE L 8 45.46 -2.67 -8.70
CA ILE L 8 44.80 -3.78 -7.95
C ILE L 8 43.93 -4.52 -8.97
N TYR L 9 44.08 -5.83 -9.17
CA TYR L 9 43.19 -6.60 -10.08
C TYR L 9 42.18 -7.37 -9.23
N SER L 10 40.89 -7.04 -9.32
CA SER L 10 39.81 -7.83 -8.67
C SER L 10 39.59 -9.10 -9.47
N THR L 11 39.29 -10.18 -8.76
CA THR L 11 38.93 -11.50 -9.31
C THR L 11 38.03 -11.29 -10.55
N GLU L 12 38.46 -11.70 -11.74
CA GLU L 12 37.50 -11.95 -12.86
C GLU L 12 36.56 -13.09 -12.44
N VAL L 13 35.25 -12.86 -12.40
CA VAL L 13 34.26 -13.92 -12.01
C VAL L 13 33.41 -14.20 -13.24
N GLY L 14 32.75 -15.36 -13.25
CA GLY L 14 32.04 -16.00 -14.39
C GLY L 14 32.84 -17.14 -15.04
N GLY L 15 32.61 -17.37 -16.36
CA GLY L 15 33.07 -18.50 -17.16
C GLY L 15 34.34 -18.20 -17.93
N VAL L 16 34.85 -19.18 -18.65
CA VAL L 16 36.11 -19.07 -19.47
C VAL L 16 35.73 -18.67 -20.88
N GLY L 17 34.42 -18.63 -21.20
CA GLY L 17 33.91 -18.26 -22.54
C GLY L 17 34.47 -16.94 -23.05
N GLY L 18 34.38 -16.69 -24.37
CA GLY L 18 34.41 -15.35 -24.99
C GLY L 18 35.79 -14.79 -25.30
N THR L 19 35.83 -13.62 -25.89
CA THR L 19 37.09 -12.98 -26.37
C THR L 19 37.72 -12.19 -25.22
N PRO L 20 38.94 -12.52 -24.79
CA PRO L 20 39.67 -11.63 -23.90
C PRO L 20 39.54 -10.15 -24.25
N PHE L 21 39.34 -9.31 -23.24
CA PHE L 21 39.40 -7.83 -23.28
C PHE L 21 40.07 -7.32 -22.00
N THR L 22 40.74 -6.17 -22.10
CA THR L 22 41.44 -5.39 -21.03
C THR L 22 41.43 -3.91 -21.45
N PHE L 23 40.66 -3.08 -20.74
CA PHE L 23 40.58 -1.64 -20.98
C PHE L 23 41.25 -0.93 -19.81
N MET L 24 42.40 -0.31 -20.08
CA MET L 24 43.20 0.48 -19.10
C MET L 24 43.88 1.61 -19.89
N GLN L 25 44.14 2.74 -19.28
CA GLN L 25 44.90 3.82 -19.97
C GLN L 25 45.91 4.37 -18.97
N GLU L 26 47.20 4.28 -19.30
CA GLU L 26 48.30 4.79 -18.43
C GLU L 26 48.00 6.25 -18.05
N SER L 27 48.03 6.52 -16.75
CA SER L 27 47.78 7.84 -16.10
C SER L 27 46.29 8.23 -16.06
N GLY L 28 45.39 7.38 -16.55
CA GLY L 28 43.96 7.71 -16.57
C GLY L 28 43.10 6.77 -15.74
N THR L 29 41.91 7.25 -15.43
CA THR L 29 40.84 6.52 -14.71
C THR L 29 39.55 6.50 -15.52
N ILE L 30 38.70 5.51 -15.33
CA ILE L 30 37.41 5.42 -16.06
C ILE L 30 36.54 6.63 -15.70
N THR L 31 35.95 7.30 -16.70
CA THR L 31 35.11 8.48 -16.40
C THR L 31 33.64 8.13 -16.62
N SER L 32 33.41 7.04 -17.31
CA SER L 32 32.06 6.59 -17.72
C SER L 32 32.05 5.07 -17.88
N ILE L 33 30.99 4.39 -17.42
CA ILE L 33 30.83 2.94 -17.74
C ILE L 33 29.37 2.63 -17.99
N LYS L 34 29.08 1.69 -18.88
CA LYS L 34 27.68 1.36 -19.23
C LYS L 34 27.54 -0.15 -19.22
N PHE L 35 26.40 -0.62 -18.72
CA PHE L 35 26.07 -2.05 -18.56
C PHE L 35 24.78 -2.33 -19.31
N ASN L 36 24.89 -3.06 -20.40
CA ASN L 36 23.70 -3.51 -21.15
C ASN L 36 23.38 -4.90 -20.63
N TRP L 37 22.13 -5.20 -20.26
CA TRP L 37 21.73 -6.56 -19.82
C TRP L 37 20.33 -6.83 -20.35
N SER L 38 19.85 -8.07 -20.23
CA SER L 38 18.53 -8.57 -20.71
C SER L 38 17.68 -9.14 -19.55
N ASP L 39 16.34 -9.07 -19.66
CA ASP L 39 15.40 -9.75 -18.73
C ASP L 39 15.17 -11.18 -19.23
N GLN L 40 15.50 -11.39 -20.51
CA GLN L 40 15.39 -12.68 -21.27
C GLN L 40 16.39 -13.72 -20.70
N TYR L 41 17.69 -13.45 -20.81
CA TYR L 41 18.78 -14.33 -20.32
C TYR L 41 19.15 -14.05 -18.85
N LYS L 42 18.87 -12.85 -18.33
CA LYS L 42 19.21 -12.42 -16.94
C LYS L 42 20.74 -12.42 -16.78
N LEU L 43 21.43 -11.75 -17.72
CA LEU L 43 22.90 -11.69 -17.84
C LEU L 43 23.25 -10.30 -18.33
N LEU L 44 24.47 -9.86 -18.06
CA LEU L 44 25.16 -8.82 -18.87
C LEU L 44 25.48 -9.40 -20.27
N HIS L 45 25.42 -8.53 -21.29
CA HIS L 45 25.83 -8.81 -22.69
C HIS L 45 26.93 -7.84 -23.11
N HIS L 46 26.86 -6.57 -22.73
CA HIS L 46 27.68 -5.52 -23.38
C HIS L 46 28.12 -4.50 -22.34
N ILE L 47 29.27 -3.88 -22.53
CA ILE L 47 29.93 -3.01 -21.51
C ILE L 47 30.72 -1.98 -22.27
N GLU L 48 30.58 -0.70 -21.96
CA GLU L 48 31.38 0.35 -22.65
C GLU L 48 32.05 1.18 -21.59
N VAL L 49 33.16 1.76 -21.97
CA VAL L 49 34.05 2.48 -21.02
C VAL L 49 34.62 3.70 -21.77
N LYS L 50 34.51 4.88 -21.20
CA LYS L 50 35.23 6.08 -21.64
C LYS L 50 36.31 6.31 -20.60
N PHE L 51 37.43 6.95 -20.96
CA PHE L 51 38.52 7.26 -20.01
C PHE L 51 38.68 8.78 -20.00
N ILE L 52 39.17 9.27 -18.87
CA ILE L 52 39.50 10.68 -18.56
C ILE L 52 40.40 11.20 -19.67
N ASN L 53 40.09 12.38 -20.24
CA ASN L 53 40.89 13.05 -21.31
C ASN L 53 40.89 12.16 -22.54
N ASN L 54 39.79 11.48 -22.87
CA ASN L 54 39.76 10.63 -24.09
C ASN L 54 38.31 10.28 -24.49
N ALA L 55 37.91 10.73 -25.70
CA ALA L 55 36.55 10.63 -26.27
C ALA L 55 36.27 9.20 -26.76
N ASN L 56 37.30 8.35 -26.80
CA ASN L 56 37.20 6.97 -27.36
C ASN L 56 36.35 6.10 -26.43
N ILE L 57 35.33 5.47 -27.03
CA ILE L 57 34.38 4.48 -26.42
C ILE L 57 34.91 3.09 -26.68
N TYR L 58 35.46 2.44 -25.64
CA TYR L 58 35.92 1.03 -25.66
C TYR L 58 34.74 0.13 -25.26
N ALA L 59 34.29 -0.69 -26.19
CA ALA L 59 33.12 -1.58 -26.03
C ALA L 59 33.60 -3.02 -26.05
N THR L 60 32.74 -3.95 -25.64
CA THR L 60 32.96 -5.41 -25.63
C THR L 60 31.58 -6.04 -25.45
N GLY L 61 31.42 -7.27 -25.89
CA GLY L 61 30.15 -7.99 -25.84
C GLY L 61 29.18 -7.43 -26.86
N ASP L 62 28.07 -8.13 -27.07
CA ASP L 62 26.98 -7.86 -28.04
C ASP L 62 25.86 -7.05 -27.34
N PRO L 63 25.62 -5.76 -27.71
CA PRO L 63 24.57 -4.98 -27.09
C PRO L 63 23.19 -5.47 -27.57
N LYS L 64 22.76 -6.66 -27.11
CA LYS L 64 21.48 -7.36 -27.43
C LYS L 64 20.43 -7.17 -26.33
N GLY L 65 20.76 -6.51 -25.21
CA GLY L 65 19.90 -6.49 -24.01
C GLY L 65 18.93 -5.32 -24.07
N ASN L 66 17.77 -5.42 -23.41
CA ASN L 66 16.68 -4.41 -23.48
C ASN L 66 16.97 -3.26 -22.51
N HIS L 67 17.90 -3.43 -21.55
CA HIS L 67 18.24 -2.43 -20.49
C HIS L 67 19.70 -1.98 -20.58
N GLU L 68 20.02 -0.69 -20.38
CA GLU L 68 21.41 -0.20 -20.13
C GLU L 68 21.41 0.78 -18.96
N VAL L 69 22.49 0.83 -18.18
CA VAL L 69 22.68 1.87 -17.15
C VAL L 69 24.05 2.44 -17.39
N ILE L 70 24.21 3.73 -17.17
CA ILE L 70 25.55 4.37 -17.29
C ILE L 70 25.83 4.89 -15.91
N LEU L 71 27.07 4.90 -15.48
CA LEU L 71 27.42 5.63 -14.25
C LEU L 71 28.51 6.62 -14.68
N GLU L 72 28.36 7.89 -14.36
CA GLU L 72 29.39 8.88 -14.71
C GLU L 72 30.16 9.18 -13.44
N ILE L 73 31.47 9.22 -13.55
CA ILE L 73 32.28 9.40 -12.33
C ILE L 73 32.96 10.76 -12.41
N ASP L 74 33.02 11.51 -11.28
CA ASP L 74 33.69 12.83 -11.16
C ASP L 74 35.13 12.43 -10.95
N ASP L 75 36.07 13.30 -11.29
CA ASP L 75 37.53 12.99 -11.25
C ASP L 75 37.96 12.52 -9.85
N ASP L 76 37.44 13.15 -8.80
CA ASP L 76 37.85 12.83 -7.41
C ASP L 76 36.98 11.71 -6.82
N GLU L 77 36.07 11.09 -7.61
CA GLU L 77 35.00 10.16 -7.11
C GLU L 77 35.46 8.71 -7.19
N THR L 78 35.45 7.98 -6.06
CA THR L 78 35.96 6.57 -5.93
C THR L 78 34.78 5.59 -5.77
N ILE L 79 35.03 4.30 -5.91
CA ILE L 79 34.03 3.24 -5.64
C ILE L 79 34.19 2.84 -4.16
N ILE L 80 33.14 2.76 -3.35
CA ILE L 80 33.28 2.42 -1.90
C ILE L 80 32.55 1.09 -1.62
N GLY L 81 31.79 0.60 -2.61
CA GLY L 81 30.84 -0.50 -2.50
C GLY L 81 30.67 -1.06 -3.88
N SER L 82 30.77 -2.36 -4.03
CA SER L 82 30.95 -3.01 -5.34
C SER L 82 30.52 -4.45 -5.20
N VAL L 83 29.55 -4.89 -6.00
CA VAL L 83 28.99 -6.27 -5.99
C VAL L 83 28.74 -6.74 -7.41
N ILE L 84 29.43 -7.79 -7.84
CA ILE L 84 29.17 -8.46 -9.14
C ILE L 84 28.51 -9.80 -8.88
N GLY L 85 27.27 -9.96 -9.36
CA GLY L 85 26.57 -11.24 -9.49
C GLY L 85 27.09 -11.97 -10.71
N TYR L 86 27.18 -13.30 -10.60
CA TYR L 86 27.71 -14.19 -11.67
C TYR L 86 27.16 -15.61 -11.44
N LYS L 87 27.18 -16.41 -12.50
CA LYS L 87 27.10 -17.90 -12.45
C LYS L 87 28.52 -18.46 -12.49
N LYS L 88 28.87 -19.32 -11.54
CA LYS L 88 30.22 -19.92 -11.39
C LYS L 88 30.40 -21.09 -12.38
N GLY L 89 31.62 -21.60 -12.49
CA GLY L 89 31.93 -22.78 -13.32
C GLY L 89 32.53 -22.33 -14.61
N ASN L 90 33.15 -23.24 -15.38
CA ASN L 90 33.81 -22.97 -16.70
C ASN L 90 32.80 -22.35 -17.70
N ASP L 91 31.54 -22.82 -17.70
CA ASP L 91 30.42 -22.37 -18.58
C ASP L 91 29.74 -21.12 -17.94
N GLY L 92 30.46 -20.40 -17.08
CA GLY L 92 29.93 -19.30 -16.23
C GLY L 92 29.64 -18.04 -17.01
N ARG L 93 28.94 -17.10 -16.37
CA ARG L 93 28.49 -15.79 -16.95
C ARG L 93 28.42 -14.71 -15.86
N CYS L 94 28.67 -13.45 -16.23
CA CYS L 94 28.54 -12.28 -15.32
C CYS L 94 27.12 -11.69 -15.45
N THR L 95 26.32 -11.72 -14.38
CA THR L 95 24.83 -11.57 -14.44
C THR L 95 24.33 -10.23 -13.92
N GLY L 96 25.17 -9.46 -13.24
CA GLY L 96 24.69 -8.29 -12.47
C GLY L 96 25.86 -7.50 -11.93
N VAL L 97 25.64 -6.20 -11.69
CA VAL L 97 26.64 -5.27 -11.09
C VAL L 97 25.89 -4.17 -10.33
N LYS L 98 26.23 -3.96 -9.07
CA LYS L 98 25.78 -2.84 -8.21
C LYS L 98 27.06 -2.09 -7.80
N LEU L 99 27.20 -0.80 -8.13
CA LEU L 99 28.29 0.05 -7.61
C LEU L 99 27.70 1.19 -6.77
N THR L 100 28.40 1.60 -5.72
CA THR L 100 28.10 2.79 -4.90
C THR L 100 29.39 3.60 -4.78
N THR L 101 29.27 4.93 -4.79
CA THR L 101 30.42 5.85 -5.00
C THR L 101 30.70 6.57 -3.71
N SER L 102 31.84 7.28 -3.65
CA SER L 102 32.25 8.20 -2.56
C SER L 102 31.33 9.42 -2.51
N LYS L 103 30.45 9.62 -3.49
CA LYS L 103 29.53 10.77 -3.47
C LYS L 103 28.08 10.30 -3.36
N GLY L 104 27.83 9.03 -3.03
CA GLY L 104 26.48 8.52 -2.73
C GLY L 104 25.70 8.09 -3.96
N LYS L 105 26.28 8.28 -5.14
CA LYS L 105 25.75 7.78 -6.42
C LYS L 105 25.79 6.25 -6.39
N SER L 106 24.87 5.62 -7.10
CA SER L 106 24.87 4.15 -7.18
C SER L 106 24.11 3.71 -8.43
N ILE L 107 24.56 2.62 -9.08
CA ILE L 107 23.84 1.95 -10.20
C ILE L 107 23.59 0.51 -9.82
N MET L 108 22.66 -0.13 -10.54
CA MET L 108 22.23 -1.52 -10.30
C MET L 108 21.80 -2.09 -11.65
N ALA L 109 22.61 -2.98 -12.24
CA ALA L 109 22.39 -3.63 -13.54
C ALA L 109 22.20 -5.13 -13.36
N GLY L 110 21.16 -5.69 -13.98
CA GLY L 110 21.04 -7.15 -14.22
C GLY L 110 20.59 -7.85 -12.97
N TYR L 111 20.98 -9.13 -12.79
CA TYR L 111 20.44 -10.11 -11.79
C TYR L 111 21.54 -10.66 -10.86
N PHE L 112 21.13 -11.15 -9.67
CA PHE L 112 22.03 -11.54 -8.56
C PHE L 112 21.50 -12.82 -7.92
N GLU L 113 21.03 -13.77 -8.73
CA GLU L 113 20.28 -14.97 -8.26
C GLU L 113 21.20 -16.11 -7.79
N GLU L 114 22.50 -16.13 -8.11
CA GLU L 114 23.40 -17.29 -7.84
C GLU L 114 24.52 -16.94 -6.84
N SER L 115 25.54 -16.23 -7.30
CA SER L 115 26.85 -16.03 -6.64
C SER L 115 27.21 -14.54 -6.69
N LEU L 116 27.87 -14.01 -5.66
CA LEU L 116 28.29 -12.57 -5.61
C LEU L 116 29.78 -12.50 -5.29
N ILE L 117 30.45 -11.43 -5.73
CA ILE L 117 31.77 -11.02 -5.16
C ILE L 117 31.54 -9.60 -4.63
N THR L 118 32.00 -9.32 -3.42
CA THR L 118 32.16 -7.92 -2.92
C THR L 118 33.63 -7.58 -3.15
N THR L 119 33.90 -6.76 -4.16
CA THR L 119 35.27 -6.50 -4.67
C THR L 119 36.01 -5.59 -3.71
N TYR L 120 37.32 -5.48 -3.95
CA TYR L 120 38.18 -4.34 -3.55
C TYR L 120 37.51 -3.04 -3.98
N THR L 121 37.75 -2.01 -3.21
CA THR L 121 37.25 -0.65 -3.47
C THR L 121 38.43 0.15 -4.00
N GLY L 122 38.17 1.39 -4.43
CA GLY L 122 39.17 2.39 -4.87
C GLY L 122 38.72 3.21 -6.08
N LYS L 123 39.68 3.96 -6.64
CA LYS L 123 39.51 4.72 -7.89
C LYS L 123 39.53 3.71 -9.04
N LEU L 124 38.37 3.46 -9.66
CA LEU L 124 38.15 2.46 -10.74
C LEU L 124 38.98 2.89 -11.96
N ALA L 125 39.95 2.05 -12.41
CA ALA L 125 41.01 2.39 -13.40
C ALA L 125 40.84 1.65 -14.74
N GLY L 126 40.12 0.53 -14.74
CA GLY L 126 39.77 -0.15 -15.97
C GLY L 126 38.97 -1.41 -15.70
N ILE L 127 38.64 -2.16 -16.73
CA ILE L 127 38.03 -3.52 -16.60
C ILE L 127 38.81 -4.54 -17.45
N LYS L 128 38.50 -5.84 -17.27
CA LYS L 128 39.24 -7.01 -17.82
C LYS L 128 38.31 -8.21 -17.75
N GLY L 129 38.44 -9.19 -18.64
CA GLY L 129 37.54 -10.36 -18.62
C GLY L 129 37.33 -10.94 -19.99
N GLY L 130 36.24 -11.69 -20.20
CA GLY L 130 35.86 -12.28 -21.50
C GLY L 130 34.40 -12.06 -21.83
N ALA L 131 34.11 -11.69 -23.09
CA ALA L 131 32.75 -11.42 -23.62
C ALA L 131 32.60 -11.95 -25.06
N GLY L 132 31.40 -12.46 -25.38
CA GLY L 132 30.93 -12.78 -26.74
C GLY L 132 29.54 -12.25 -27.00
N SER L 133 28.53 -13.12 -27.06
CA SER L 133 27.09 -12.71 -27.03
C SER L 133 26.85 -12.04 -25.68
N ASP L 134 27.56 -12.54 -24.66
CA ASP L 134 27.39 -12.24 -23.22
C ASP L 134 28.72 -11.72 -22.63
N ILE L 135 28.67 -11.15 -21.43
CA ILE L 135 29.88 -10.97 -20.59
C ILE L 135 30.09 -12.31 -19.90
N ASP L 136 31.09 -13.07 -20.35
CA ASP L 136 31.41 -14.41 -19.77
C ASP L 136 32.01 -14.15 -18.39
N ARG L 137 32.81 -13.09 -18.28
CA ARG L 137 33.72 -12.91 -17.14
C ARG L 137 34.07 -11.41 -16.97
N LEU L 138 33.93 -10.88 -15.76
CA LEU L 138 34.29 -9.48 -15.50
C LEU L 138 35.18 -9.34 -14.27
N GLY L 139 36.24 -8.52 -14.36
CA GLY L 139 37.13 -8.22 -13.23
C GLY L 139 37.39 -6.74 -13.16
N LEU L 140 37.22 -6.14 -12.01
CA LEU L 140 37.43 -4.68 -11.91
C LEU L 140 38.95 -4.47 -11.76
N ILE L 141 39.44 -3.25 -12.01
CA ILE L 141 40.85 -2.78 -11.81
C ILE L 141 40.83 -1.42 -11.12
N PHE L 142 41.69 -1.19 -10.13
CA PHE L 142 41.71 0.03 -9.28
C PHE L 142 43.15 0.50 -9.17
N LEU L 143 43.36 1.72 -8.65
CA LEU L 143 44.67 2.31 -8.28
C LEU L 143 44.99 2.08 -6.77
N LYS L 144 46.25 2.22 -6.36
CA LYS L 144 46.74 1.73 -5.02
C LYS L 144 46.45 2.76 -3.92
N ASP M 5 7.98 44.63 26.84
CA ASP M 5 7.92 43.19 27.23
C ASP M 5 9.26 42.54 26.95
N ASN M 6 9.74 41.74 27.91
CA ASN M 6 10.84 40.76 27.72
C ASN M 6 10.23 39.48 27.11
N TYR M 7 9.03 39.57 26.49
CA TYR M 7 8.17 38.42 26.08
C TYR M 7 7.80 38.44 24.59
N ILE M 8 7.61 37.25 24.00
CA ILE M 8 7.02 36.99 22.66
C ILE M 8 5.58 36.44 22.83
N TYR M 9 4.58 36.99 22.15
CA TYR M 9 3.18 36.49 22.28
C TYR M 9 2.81 35.77 21.00
N SER M 10 2.68 34.45 21.03
CA SER M 10 2.20 33.67 19.86
C SER M 10 0.75 34.11 19.55
N THR M 11 0.31 34.00 18.32
CA THR M 11 -1.11 34.24 17.99
C THR M 11 -2.01 33.41 18.94
N GLU M 12 -2.94 34.05 19.63
CA GLU M 12 -4.07 33.33 20.27
C GLU M 12 -4.98 32.77 19.16
N VAL M 13 -5.24 31.46 19.10
CA VAL M 13 -6.12 30.85 18.05
C VAL M 13 -7.36 30.23 18.68
N GLY M 14 -8.45 30.22 17.89
CA GLY M 14 -9.81 29.73 18.21
C GLY M 14 -10.85 30.85 18.28
N GLY M 15 -11.76 30.82 19.25
CA GLY M 15 -12.92 31.74 19.29
C GLY M 15 -12.69 32.96 20.14
N VAL M 16 -13.69 33.82 20.19
CA VAL M 16 -13.72 35.05 21.04
C VAL M 16 -14.40 34.69 22.36
N GLY M 17 -14.99 33.49 22.47
CA GLY M 17 -15.82 33.06 23.60
C GLY M 17 -15.01 32.91 24.90
N GLY M 18 -15.76 32.62 25.98
CA GLY M 18 -15.29 32.30 27.35
C GLY M 18 -14.71 33.49 28.11
N THR M 19 -14.13 33.21 29.27
CA THR M 19 -13.60 34.21 30.22
C THR M 19 -12.10 34.32 29.96
N PRO M 20 -11.58 35.54 29.69
CA PRO M 20 -10.14 35.77 29.57
C PRO M 20 -9.32 35.20 30.73
N PHE M 21 -8.18 34.58 30.43
CA PHE M 21 -7.10 34.22 31.37
C PHE M 21 -5.76 34.74 30.83
N THR M 22 -4.86 35.07 31.75
CA THR M 22 -3.44 35.38 31.47
C THR M 22 -2.62 34.81 32.62
N PHE M 23 -1.88 33.72 32.40
CA PHE M 23 -0.95 33.11 33.37
C PHE M 23 0.51 33.49 33.01
N MET M 24 1.17 34.33 33.84
CA MET M 24 2.62 34.72 33.83
C MET M 24 3.10 35.00 35.26
N GLN M 25 4.41 34.89 35.56
CA GLN M 25 5.01 35.37 36.85
C GLN M 25 6.30 36.14 36.52
N GLU M 26 6.63 37.20 37.28
CA GLU M 26 7.61 38.26 36.88
C GLU M 26 8.86 37.63 36.27
N SER M 27 9.64 36.87 37.06
CA SER M 27 10.93 36.27 36.64
C SER M 27 10.79 34.75 36.57
N GLY M 28 9.74 34.27 35.89
CA GLY M 28 9.18 32.92 36.09
C GLY M 28 8.88 32.21 34.78
N THR M 29 8.96 30.87 34.80
CA THR M 29 8.75 29.99 33.63
C THR M 29 7.88 28.78 33.98
N ILE M 30 7.08 28.34 33.03
CA ILE M 30 6.17 27.20 33.21
C ILE M 30 7.04 25.98 33.49
N THR M 31 6.84 25.33 34.62
CA THR M 31 7.64 24.14 34.94
C THR M 31 6.74 22.95 34.64
N SER M 32 5.45 23.23 34.58
CA SER M 32 4.45 22.15 34.38
C SER M 32 3.21 22.67 33.66
N ILE M 33 2.63 21.85 32.80
CA ILE M 33 1.38 22.22 32.07
C ILE M 33 0.58 20.96 31.84
N LYS M 34 -0.71 21.06 32.00
CA LYS M 34 -1.65 19.92 31.85
C LYS M 34 -2.74 20.32 30.86
N PHE M 35 -3.07 19.44 29.94
CA PHE M 35 -4.17 19.60 28.95
C PHE M 35 -5.21 18.54 29.25
N ASN M 36 -6.47 18.90 29.42
CA ASN M 36 -7.55 17.90 29.61
C ASN M 36 -8.41 17.98 28.36
N TRP M 37 -8.71 16.85 27.69
CA TRP M 37 -9.66 16.91 26.54
C TRP M 37 -10.67 15.76 26.58
N SER M 38 -11.54 15.71 25.58
CA SER M 38 -12.66 14.73 25.45
C SER M 38 -12.75 14.16 24.03
N ASP M 39 -12.96 12.85 23.94
CA ASP M 39 -13.35 12.18 22.67
C ASP M 39 -14.74 12.63 22.26
N GLN M 40 -15.58 13.06 23.21
CA GLN M 40 -16.99 13.41 22.89
C GLN M 40 -17.02 14.66 22.01
N TYR M 41 -16.33 15.72 22.42
CA TYR M 41 -16.36 17.04 21.76
C TYR M 41 -15.10 17.28 20.92
N LYS M 42 -14.07 16.46 21.03
CA LYS M 42 -12.84 16.59 20.20
C LYS M 42 -12.23 17.98 20.42
N LEU M 43 -12.30 18.47 21.67
CA LEU M 43 -11.88 19.83 22.13
C LEU M 43 -10.99 19.71 23.36
N LEU M 44 -10.13 20.70 23.61
CA LEU M 44 -9.57 20.94 24.96
C LEU M 44 -10.67 21.59 25.81
N HIS M 45 -10.84 21.12 27.03
CA HIS M 45 -11.78 21.70 28.00
C HIS M 45 -11.05 22.45 29.12
N HIS M 46 -9.79 22.13 29.44
CA HIS M 46 -9.20 22.61 30.72
C HIS M 46 -7.68 22.56 30.65
N ILE M 47 -7.01 23.52 31.29
CA ILE M 47 -5.52 23.65 31.27
C ILE M 47 -5.05 24.06 32.68
N GLU M 48 -4.05 23.37 33.23
CA GLU M 48 -3.35 23.78 34.48
C GLU M 48 -1.88 24.03 34.22
N VAL M 49 -1.27 24.86 35.03
CA VAL M 49 0.08 25.42 34.77
C VAL M 49 0.72 25.65 36.12
N LYS M 50 1.87 25.07 36.42
CA LYS M 50 2.65 25.51 37.61
C LYS M 50 3.77 26.38 37.09
N PHE M 51 4.21 27.38 37.84
CA PHE M 51 5.47 28.12 37.60
C PHE M 51 6.56 27.63 38.56
N ILE M 52 7.80 27.78 38.11
CA ILE M 52 9.07 27.56 38.86
C ILE M 52 8.95 28.29 40.21
N ASN M 53 9.39 27.67 41.31
CA ASN M 53 9.42 28.28 42.69
C ASN M 53 8.00 28.72 43.11
N ASN M 54 6.95 27.92 42.83
CA ASN M 54 5.54 28.33 43.10
C ASN M 54 4.63 27.11 43.01
N ALA M 55 4.15 26.66 44.17
CA ALA M 55 3.37 25.42 44.38
C ALA M 55 1.94 25.61 43.88
N ASN M 56 1.58 26.84 43.52
CA ASN M 56 0.20 27.25 43.15
C ASN M 56 -0.09 26.79 41.72
N ILE M 57 -1.20 26.07 41.57
CA ILE M 57 -1.80 25.57 40.29
C ILE M 57 -2.80 26.58 39.73
N TYR M 58 -2.53 27.13 38.54
CA TYR M 58 -3.33 28.14 37.80
C TYR M 58 -4.18 27.39 36.76
N ALA M 59 -5.47 27.22 37.02
CA ALA M 59 -6.38 26.42 36.18
C ALA M 59 -7.29 27.37 35.40
N THR M 60 -7.80 26.89 34.27
CA THR M 60 -8.85 27.57 33.48
C THR M 60 -9.64 26.57 32.64
N GLY M 61 -10.91 26.83 32.38
CA GLY M 61 -11.77 25.84 31.72
C GLY M 61 -12.30 24.80 32.70
N ASP M 62 -13.30 24.04 32.27
CA ASP M 62 -14.02 23.02 33.06
C ASP M 62 -13.39 21.64 32.79
N PRO M 63 -12.85 20.95 33.82
CA PRO M 63 -12.15 19.69 33.57
C PRO M 63 -13.16 18.56 33.38
N LYS M 64 -13.90 18.55 32.27
CA LYS M 64 -14.88 17.46 31.96
C LYS M 64 -14.28 16.35 31.08
N GLY M 65 -13.06 16.44 30.57
CA GLY M 65 -12.56 15.44 29.60
C GLY M 65 -12.34 14.02 30.15
N ASN M 66 -12.13 13.05 29.28
CA ASN M 66 -11.82 11.65 29.67
C ASN M 66 -10.30 11.38 29.56
N HIS M 67 -9.51 12.35 29.06
CA HIS M 67 -8.03 12.22 28.92
C HIS M 67 -7.33 13.40 29.57
N GLU M 68 -6.09 13.23 30.00
CA GLU M 68 -5.21 14.39 30.34
C GLU M 68 -3.76 14.04 30.04
N VAL M 69 -2.93 15.02 29.76
CA VAL M 69 -1.46 14.82 29.69
C VAL M 69 -0.83 15.94 30.49
N ILE M 70 0.35 15.67 31.01
CA ILE M 70 1.14 16.67 31.76
C ILE M 70 2.51 16.69 31.13
N LEU M 71 3.03 17.88 30.88
CA LEU M 71 4.44 17.97 30.43
C LEU M 71 5.17 18.71 31.55
N GLU M 72 6.29 18.15 32.05
CA GLU M 72 7.14 18.79 33.10
C GLU M 72 8.38 19.29 32.39
N ILE M 73 8.76 20.53 32.64
CA ILE M 73 9.84 21.21 31.90
C ILE M 73 10.99 21.48 32.88
N ASP M 74 12.14 20.83 32.65
CA ASP M 74 13.37 21.10 33.43
C ASP M 74 13.65 22.61 33.30
N ASP M 75 14.48 23.17 34.16
CA ASP M 75 14.66 24.65 34.23
C ASP M 75 15.44 25.09 32.98
N ASP M 76 16.27 24.21 32.43
CA ASP M 76 17.10 24.49 31.21
C ASP M 76 16.42 23.95 29.95
N GLU M 77 15.19 23.41 30.03
CA GLU M 77 14.47 22.80 28.87
C GLU M 77 13.61 23.84 28.13
N THR M 78 13.73 23.93 26.79
CA THR M 78 12.95 24.88 25.92
C THR M 78 12.00 24.12 24.99
N ILE M 79 10.95 24.80 24.53
CA ILE M 79 10.08 24.27 23.43
C ILE M 79 10.75 24.56 22.09
N ILE M 80 10.98 23.51 21.30
CA ILE M 80 11.63 23.57 19.96
C ILE M 80 10.62 23.15 18.91
N GLY M 81 9.43 22.74 19.32
CA GLY M 81 8.37 22.26 18.42
C GLY M 81 7.04 22.47 19.08
N SER M 82 6.14 23.21 18.48
CA SER M 82 4.84 23.54 19.10
C SER M 82 3.76 23.59 18.02
N VAL M 83 2.67 22.85 18.18
CA VAL M 83 1.54 22.90 17.19
C VAL M 83 0.25 23.00 18.00
N ILE M 84 -0.58 24.02 17.79
CA ILE M 84 -1.95 24.04 18.41
C ILE M 84 -2.97 23.81 17.32
N GLY M 85 -3.84 22.80 17.50
CA GLY M 85 -5.05 22.56 16.69
C GLY M 85 -6.16 23.43 17.20
N TYR M 86 -6.96 24.03 16.32
CA TYR M 86 -8.15 24.83 16.70
C TYR M 86 -9.18 24.85 15.58
N LYS M 87 -10.41 25.23 15.90
CA LYS M 87 -11.46 25.57 14.91
C LYS M 87 -11.49 27.09 14.82
N LYS M 88 -11.27 27.62 13.60
CA LYS M 88 -11.22 29.08 13.29
C LYS M 88 -12.62 29.69 13.35
N GLY M 89 -12.69 31.01 13.43
CA GLY M 89 -13.97 31.74 13.47
C GLY M 89 -14.29 32.24 14.86
N ASN M 90 -15.25 33.17 14.96
CA ASN M 90 -15.73 33.78 16.23
C ASN M 90 -16.28 32.69 17.18
N ASP M 91 -17.02 31.67 16.67
CA ASP M 91 -17.64 30.53 17.42
C ASP M 91 -16.58 29.43 17.57
N GLY M 92 -15.30 29.83 17.56
CA GLY M 92 -14.14 28.92 17.43
C GLY M 92 -13.68 28.32 18.76
N ARG M 93 -12.84 27.29 18.67
CA ARG M 93 -12.40 26.49 19.84
C ARG M 93 -10.96 26.01 19.65
N CYS M 94 -10.24 25.76 20.72
CA CYS M 94 -8.87 25.23 20.65
C CYS M 94 -8.96 23.72 20.88
N THR M 95 -8.45 22.88 19.99
CA THR M 95 -8.86 21.44 19.95
C THR M 95 -7.74 20.46 20.34
N GLY M 96 -6.47 20.91 20.29
CA GLY M 96 -5.31 20.00 20.36
C GLY M 96 -4.03 20.77 20.57
N VAL M 97 -2.98 20.13 21.09
CA VAL M 97 -1.64 20.73 21.34
C VAL M 97 -0.61 19.60 21.32
N LYS M 98 0.41 19.70 20.46
CA LYS M 98 1.64 18.88 20.40
C LYS M 98 2.75 19.82 20.86
N LEU M 99 3.60 19.40 21.79
CA LEU M 99 4.83 20.14 22.15
C LEU M 99 6.02 19.18 22.12
N THR M 100 7.17 19.65 21.66
CA THR M 100 8.43 18.86 21.67
C THR M 100 9.50 19.75 22.29
N THR M 101 10.36 19.19 23.13
CA THR M 101 11.29 20.00 23.95
C THR M 101 12.72 19.83 23.44
N SER M 102 13.63 20.66 23.99
CA SER M 102 15.08 20.69 23.67
C SER M 102 15.74 19.36 24.05
N LYS M 103 15.05 18.51 24.78
CA LYS M 103 15.59 17.26 25.33
C LYS M 103 14.79 16.11 24.73
N GLY M 104 13.94 16.37 23.77
CA GLY M 104 13.28 15.25 23.09
C GLY M 104 12.02 14.80 23.79
N LYS M 105 11.59 15.47 24.84
CA LYS M 105 10.23 15.21 25.38
C LYS M 105 9.18 15.74 24.41
N SER M 106 8.07 15.05 24.31
CA SER M 106 6.96 15.46 23.42
C SER M 106 5.64 15.12 24.08
N ILE M 107 4.63 15.92 23.82
CA ILE M 107 3.25 15.53 24.22
C ILE M 107 2.32 15.81 23.05
N MET M 108 1.24 15.05 23.06
CA MET M 108 0.13 15.04 22.09
C MET M 108 -1.13 15.14 22.95
N ALA M 109 -1.94 16.16 22.74
CA ALA M 109 -3.25 16.29 23.41
C ALA M 109 -4.24 16.66 22.34
N GLY M 110 -5.35 15.95 22.31
CA GLY M 110 -6.53 16.48 21.62
C GLY M 110 -6.51 16.05 20.20
N TYR M 111 -7.02 16.89 19.32
CA TYR M 111 -7.41 16.55 17.94
C TYR M 111 -6.93 17.69 17.07
N PHE M 112 -6.61 17.37 15.80
CA PHE M 112 -6.01 18.26 14.80
C PHE M 112 -6.72 18.07 13.47
N GLU M 113 -8.04 18.18 13.45
CA GLU M 113 -8.87 17.89 12.26
C GLU M 113 -9.16 19.14 11.39
N GLU M 114 -8.98 20.38 11.84
CA GLU M 114 -9.38 21.55 11.01
C GLU M 114 -8.18 22.46 10.74
N SER M 115 -7.79 23.31 11.70
CA SER M 115 -6.78 24.38 11.56
C SER M 115 -5.62 24.16 12.53
N LEU M 116 -4.42 24.63 12.18
CA LEU M 116 -3.16 24.39 12.94
C LEU M 116 -2.39 25.72 13.01
N ILE M 117 -1.69 25.98 14.10
CA ILE M 117 -0.56 26.93 14.08
C ILE M 117 0.73 26.23 14.56
N THR M 118 1.79 26.36 13.80
CA THR M 118 3.18 26.12 14.22
C THR M 118 3.75 27.41 14.77
N THR M 119 3.70 27.55 16.08
CA THR M 119 4.05 28.77 16.84
C THR M 119 5.53 29.14 16.79
N TYR M 120 5.84 30.29 17.35
CA TYR M 120 7.21 30.63 17.79
C TYR M 120 7.63 29.53 18.78
N THR M 121 8.96 29.42 18.96
CA THR M 121 9.65 28.47 19.88
C THR M 121 10.49 29.26 20.86
N GLY M 122 10.88 28.59 21.95
CA GLY M 122 11.77 29.10 23.01
C GLY M 122 11.32 28.62 24.38
N LYS M 123 11.78 29.31 25.43
CA LYS M 123 11.47 29.00 26.85
C LYS M 123 10.01 29.42 27.13
N LEU M 124 9.12 28.44 27.28
CA LEU M 124 7.70 28.69 27.59
C LEU M 124 7.61 29.42 28.93
N ALA M 125 6.94 30.58 28.94
CA ALA M 125 6.86 31.53 30.08
C ALA M 125 5.44 31.75 30.56
N GLY M 126 4.43 31.72 29.68
CA GLY M 126 3.02 31.85 30.12
C GLY M 126 2.05 31.29 29.10
N ILE M 127 0.77 31.27 29.42
CA ILE M 127 -0.33 31.12 28.43
C ILE M 127 -1.43 32.19 28.69
N LYS M 128 -2.37 32.30 27.75
CA LYS M 128 -3.21 33.48 27.46
C LYS M 128 -4.33 32.99 26.53
N GLY M 129 -5.56 33.34 26.84
CA GLY M 129 -6.67 32.84 26.04
C GLY M 129 -7.98 33.16 26.72
N GLY M 130 -9.01 32.42 26.35
CA GLY M 130 -10.33 32.45 26.99
C GLY M 130 -10.95 31.07 26.99
N ALA M 131 -11.58 30.75 28.13
CA ALA M 131 -12.15 29.43 28.47
C ALA M 131 -13.44 29.57 29.27
N GLY M 132 -14.36 28.64 29.02
CA GLY M 132 -15.57 28.34 29.82
C GLY M 132 -15.72 26.84 30.06
N SER M 133 -16.72 26.21 29.46
CA SER M 133 -16.84 24.74 29.31
C SER M 133 -15.64 24.16 28.55
N ASP M 134 -15.09 24.92 27.59
CA ASP M 134 -13.97 24.55 26.70
C ASP M 134 -12.80 25.58 26.81
N ILE M 135 -11.68 25.29 26.16
CA ILE M 135 -10.64 26.29 25.82
C ILE M 135 -11.08 26.94 24.50
N ASP M 136 -11.58 28.17 24.55
CA ASP M 136 -12.14 28.88 23.38
C ASP M 136 -10.97 29.26 22.49
N ARG M 137 -9.87 29.62 23.12
CA ARG M 137 -8.78 30.38 22.46
C ARG M 137 -7.56 30.25 23.37
N LEU M 138 -6.41 29.94 22.75
CA LEU M 138 -5.13 29.72 23.46
C LEU M 138 -3.99 30.32 22.64
N GLY M 139 -3.12 31.05 23.32
CA GLY M 139 -1.90 31.59 22.76
C GLY M 139 -0.79 31.35 23.74
N LEU M 140 0.37 30.94 23.25
CA LEU M 140 1.57 30.71 24.08
C LEU M 140 2.38 31.99 24.19
N ILE M 141 3.28 32.03 25.17
CA ILE M 141 4.11 33.22 25.51
C ILE M 141 5.52 32.70 25.73
N PHE M 142 6.54 33.24 25.08
CA PHE M 142 7.94 32.83 25.37
C PHE M 142 8.81 34.04 25.78
N LEU M 143 9.97 33.77 26.42
CA LEU M 143 11.08 34.76 26.67
C LEU M 143 11.83 35.04 25.38
N LYS M 144 12.43 36.23 25.25
CA LYS M 144 13.14 36.67 24.01
C LYS M 144 14.54 36.05 23.90
N ASP N 5 15.24 22.09 49.73
CA ASP N 5 15.45 20.78 49.08
C ASP N 5 16.46 20.96 47.94
N ASN N 6 17.27 19.92 47.69
CA ASN N 6 18.19 19.78 46.52
C ASN N 6 17.54 18.82 45.50
N TYR N 7 16.24 18.55 45.70
CA TYR N 7 15.42 17.52 45.01
C TYR N 7 14.34 18.14 44.10
N ILE N 8 14.04 17.53 42.95
CA ILE N 8 12.92 17.91 42.04
C ILE N 8 11.77 16.90 42.26
N TYR N 9 10.57 17.31 42.69
CA TYR N 9 9.45 16.36 42.89
C TYR N 9 8.56 16.36 41.65
N SER N 10 8.58 15.29 40.87
CA SER N 10 7.63 15.10 39.75
C SER N 10 6.22 14.95 40.33
N THR N 11 5.23 15.34 39.57
CA THR N 11 3.81 15.15 39.92
C THR N 11 3.55 13.67 40.26
N GLU N 12 3.05 13.41 41.45
CA GLU N 12 2.46 12.11 41.81
C GLU N 12 1.18 12.03 41.02
N VAL N 13 0.98 10.96 40.25
CA VAL N 13 -0.18 10.79 39.33
C VAL N 13 -0.85 9.47 39.68
N GLY N 14 -2.18 9.50 39.70
CA GLY N 14 -3.09 8.38 39.95
C GLY N 14 -4.16 8.74 40.97
N GLY N 15 -4.55 7.79 41.81
CA GLY N 15 -5.55 7.97 42.87
C GLY N 15 -4.98 8.52 44.16
N VAL N 16 -5.89 8.83 45.10
CA VAL N 16 -5.62 9.16 46.54
C VAL N 16 -5.61 7.86 47.37
N GLY N 17 -6.04 6.74 46.78
CA GLY N 17 -6.10 5.41 47.44
C GLY N 17 -4.76 4.93 48.00
N GLY N 18 -4.82 3.86 48.82
CA GLY N 18 -3.67 3.09 49.34
C GLY N 18 -2.87 3.86 50.38
N THR N 19 -1.78 3.26 50.82
CA THR N 19 -0.94 3.80 51.92
C THR N 19 0.23 4.61 51.36
N PRO N 20 0.50 5.82 51.85
CA PRO N 20 1.62 6.61 51.35
C PRO N 20 3.00 5.97 51.56
N PHE N 21 3.88 6.13 50.58
CA PHE N 21 5.27 5.61 50.66
C PHE N 21 6.23 6.70 50.22
N THR N 22 7.46 6.68 50.72
CA THR N 22 8.52 7.64 50.34
C THR N 22 9.83 6.91 50.51
N PHE N 23 10.53 6.66 49.41
CA PHE N 23 11.84 5.98 49.41
C PHE N 23 12.88 7.00 48.97
N MET N 24 13.78 7.39 49.86
CA MET N 24 14.87 8.37 49.56
C MET N 24 15.94 8.21 50.63
N GLN N 25 17.20 8.57 50.38
CA GLN N 25 18.22 8.43 51.46
C GLN N 25 19.19 9.61 51.34
N GLU N 26 19.65 10.12 52.48
CA GLU N 26 20.59 11.28 52.48
C GLU N 26 21.79 10.99 51.57
N SER N 27 22.05 11.90 50.63
CA SER N 27 23.15 11.76 49.64
C SER N 27 23.08 10.39 48.97
N GLY N 28 21.90 9.97 48.50
CA GLY N 28 21.81 8.62 47.92
C GLY N 28 20.88 8.58 46.75
N THR N 29 21.28 7.88 45.70
CA THR N 29 20.48 7.71 44.46
C THR N 29 20.05 6.26 44.29
N ILE N 30 18.92 6.01 43.61
CA ILE N 30 18.41 4.65 43.28
C ILE N 30 19.45 3.95 42.41
N THR N 31 19.85 2.72 42.71
CA THR N 31 20.75 1.94 41.82
C THR N 31 19.98 0.75 41.22
N SER N 32 18.74 0.54 41.63
CA SER N 32 17.86 -0.52 41.08
C SER N 32 16.42 -0.11 41.33
N ILE N 33 15.52 -0.42 40.40
CA ILE N 33 14.06 -0.20 40.60
C ILE N 33 13.33 -1.30 39.84
N LYS N 34 12.29 -1.85 40.43
CA LYS N 34 11.60 -3.03 39.87
C LYS N 34 10.14 -2.70 39.73
N PHE N 35 9.50 -3.07 38.64
CA PHE N 35 8.07 -2.79 38.41
C PHE N 35 7.42 -4.13 38.16
N ASN N 36 6.41 -4.47 38.95
CA ASN N 36 5.57 -5.69 38.83
C ASN N 36 4.18 -5.23 38.39
N TRP N 37 3.67 -5.77 37.29
CA TRP N 37 2.31 -5.42 36.80
C TRP N 37 1.60 -6.69 36.40
N SER N 38 0.30 -6.61 36.07
CA SER N 38 -0.53 -7.75 35.65
C SER N 38 -1.18 -7.46 34.30
N ASP N 39 -1.33 -8.47 33.46
CA ASP N 39 -2.19 -8.37 32.24
C ASP N 39 -3.64 -8.35 32.69
N GLN N 40 -3.94 -8.91 33.85
CA GLN N 40 -5.34 -9.06 34.34
C GLN N 40 -5.98 -7.68 34.51
N TYR N 41 -5.41 -6.81 35.34
CA TYR N 41 -5.95 -5.48 35.73
C TYR N 41 -5.30 -4.36 34.91
N LYS N 42 -4.20 -4.66 34.19
CA LYS N 42 -3.47 -3.72 33.31
C LYS N 42 -2.88 -2.55 34.13
N LEU N 43 -2.43 -2.87 35.35
CA LEU N 43 -2.04 -1.94 36.43
C LEU N 43 -0.65 -2.32 36.92
N LEU N 44 0.12 -1.37 37.42
CA LEU N 44 1.24 -1.69 38.33
C LEU N 44 0.66 -2.17 39.68
N HIS N 45 1.30 -3.16 40.32
CA HIS N 45 0.93 -3.69 41.67
C HIS N 45 1.99 -3.36 42.73
N HIS N 46 3.26 -3.42 42.38
CA HIS N 46 4.35 -3.55 43.38
C HIS N 46 5.61 -2.90 42.79
N ILE N 47 6.38 -2.22 43.61
CA ILE N 47 7.63 -1.52 43.19
C ILE N 47 8.71 -1.79 44.23
N GLU N 48 9.92 -2.14 43.79
CA GLU N 48 11.05 -2.26 44.75
C GLU N 48 12.16 -1.31 44.31
N VAL N 49 12.99 -0.86 45.24
CA VAL N 49 14.04 0.16 45.04
C VAL N 49 15.22 -0.23 45.95
N LYS N 50 16.45 -0.29 45.45
CA LYS N 50 17.66 -0.40 46.28
C LYS N 50 18.32 0.96 46.09
N PHE N 51 19.20 1.37 46.99
CA PHE N 51 19.95 2.65 46.88
C PHE N 51 21.45 2.34 46.88
N ILE N 52 22.21 3.22 46.27
CA ILE N 52 23.70 3.12 46.24
C ILE N 52 24.22 3.01 47.67
N ASN N 53 25.14 2.05 47.95
CA ASN N 53 25.78 1.79 49.27
C ASN N 53 24.78 1.28 50.32
N ASN N 54 23.82 0.41 49.95
CA ASN N 54 22.76 -0.06 50.86
C ASN N 54 22.08 -1.30 50.28
N ALA N 55 22.28 -2.44 50.94
CA ALA N 55 21.80 -3.78 50.52
C ALA N 55 20.28 -3.87 50.71
N ASN N 56 19.70 -2.97 51.51
CA ASN N 56 18.26 -2.97 51.87
C ASN N 56 17.37 -2.75 50.63
N ILE N 57 16.36 -3.61 50.49
CA ILE N 57 15.26 -3.60 49.47
C ILE N 57 14.02 -2.93 50.09
N TYR N 58 13.69 -1.70 49.67
CA TYR N 58 12.48 -0.95 50.04
C TYR N 58 11.35 -1.30 49.07
N ALA N 59 10.29 -1.94 49.55
CA ALA N 59 9.18 -2.42 48.72
C ALA N 59 7.90 -1.70 49.15
N THR N 60 6.90 -1.67 48.26
CA THR N 60 5.54 -1.15 48.49
C THR N 60 4.57 -1.85 47.54
N GLY N 61 3.29 -1.92 47.88
CA GLY N 61 2.27 -2.56 47.03
C GLY N 61 2.36 -4.08 47.06
N ASP N 62 1.34 -4.75 46.55
CA ASP N 62 1.22 -6.21 46.69
C ASP N 62 1.78 -6.83 45.43
N PRO N 63 2.84 -7.67 45.50
CA PRO N 63 3.39 -8.31 44.29
C PRO N 63 2.54 -9.47 43.75
N LYS N 64 1.40 -9.17 43.14
CA LYS N 64 0.44 -10.18 42.57
C LYS N 64 0.50 -10.22 41.02
N GLY N 65 1.32 -9.40 40.38
CA GLY N 65 1.40 -9.30 38.91
C GLY N 65 2.15 -10.48 38.33
N ASN N 66 1.86 -10.87 37.08
CA ASN N 66 2.55 -11.99 36.37
C ASN N 66 3.81 -11.51 35.58
N HIS N 67 4.24 -10.26 35.71
CA HIS N 67 5.39 -9.70 34.96
C HIS N 67 6.19 -8.85 35.92
N GLU N 68 7.51 -8.79 35.78
CA GLU N 68 8.33 -7.79 36.52
C GLU N 68 9.42 -7.33 35.57
N VAL N 69 9.88 -6.10 35.72
CA VAL N 69 11.12 -5.66 35.06
C VAL N 69 11.89 -4.89 36.13
N ILE N 70 13.21 -5.04 36.07
CA ILE N 70 14.17 -4.32 36.93
C ILE N 70 15.02 -3.48 35.98
N LEU N 71 15.37 -2.25 36.37
CA LEU N 71 16.45 -1.48 35.73
C LEU N 71 17.55 -1.14 36.76
N GLU N 72 18.77 -1.58 36.52
CA GLU N 72 19.94 -1.16 37.33
C GLU N 72 20.50 0.15 36.73
N ILE N 73 20.94 1.05 37.59
CA ILE N 73 21.46 2.36 37.14
C ILE N 73 22.90 2.47 37.63
N ASP N 74 23.86 2.58 36.69
CA ASP N 74 25.30 2.80 36.98
C ASP N 74 25.37 4.10 37.78
N ASP N 75 26.49 4.39 38.43
CA ASP N 75 26.59 5.56 39.35
C ASP N 75 26.52 6.89 38.56
N ASP N 76 26.86 6.89 37.28
CA ASP N 76 26.95 8.15 36.48
C ASP N 76 25.78 8.25 35.47
N GLU N 77 24.84 7.31 35.50
CA GLU N 77 23.73 7.17 34.51
C GLU N 77 22.49 7.90 34.99
N THR N 78 21.86 8.70 34.12
CA THR N 78 20.69 9.56 34.44
C THR N 78 19.43 9.10 33.67
N ILE N 79 18.25 9.54 34.09
CA ILE N 79 17.00 9.30 33.29
C ILE N 79 16.82 10.49 32.34
N ILE N 80 16.82 10.25 31.03
CA ILE N 80 16.71 11.32 30.01
C ILE N 80 15.32 11.26 29.39
N GLY N 81 14.55 10.23 29.67
CA GLY N 81 13.20 10.09 29.10
C GLY N 81 12.34 9.29 30.05
N SER N 82 11.13 9.75 30.33
CA SER N 82 10.30 9.12 31.40
C SER N 82 8.84 9.42 31.13
N VAL N 83 8.02 8.38 31.10
CA VAL N 83 6.56 8.50 30.83
C VAL N 83 5.84 7.58 31.80
N ILE N 84 4.97 8.13 32.65
CA ILE N 84 4.09 7.28 33.49
C ILE N 84 2.69 7.31 32.89
N GLY N 85 2.14 6.14 32.58
CA GLY N 85 0.69 5.93 32.33
C GLY N 85 -0.08 5.89 33.65
N TYR N 86 -1.26 6.51 33.69
CA TYR N 86 -2.16 6.46 34.88
C TYR N 86 -3.63 6.65 34.50
N LYS N 87 -4.56 6.07 35.26
CA LYS N 87 -5.99 6.45 35.31
C LYS N 87 -6.13 7.64 36.25
N LYS N 88 -6.64 8.77 35.76
CA LYS N 88 -6.77 10.03 36.53
C LYS N 88 -7.94 9.90 37.51
N GLY N 89 -8.10 10.90 38.40
CA GLY N 89 -9.24 11.03 39.33
C GLY N 89 -8.92 10.45 40.69
N ASN N 90 -9.84 10.58 41.64
CA ASN N 90 -9.68 10.18 43.07
C ASN N 90 -9.48 8.66 43.16
N ASP N 91 -10.22 7.88 42.37
CA ASP N 91 -10.16 6.40 42.30
C ASP N 91 -9.13 5.98 41.24
N GLY N 92 -8.13 6.82 41.00
CA GLY N 92 -7.13 6.56 39.94
C GLY N 92 -6.11 5.49 40.34
N ARG N 93 -5.28 5.11 39.39
CA ARG N 93 -4.23 4.09 39.60
C ARG N 93 -3.08 4.39 38.65
N CYS N 94 -1.88 3.96 39.01
CA CYS N 94 -0.69 4.07 38.11
C CYS N 94 -0.73 2.82 37.23
N THR N 95 -0.69 2.98 35.90
CA THR N 95 -0.85 1.79 35.03
C THR N 95 0.42 1.30 34.34
N GLY N 96 1.37 2.18 34.11
CA GLY N 96 2.63 1.85 33.41
C GLY N 96 3.73 2.87 33.59
N VAL N 97 4.94 2.48 33.21
CA VAL N 97 6.16 3.34 33.31
C VAL N 97 7.12 2.88 32.20
N LYS N 98 7.68 3.86 31.50
CA LYS N 98 8.63 3.80 30.36
C LYS N 98 9.77 4.69 30.87
N LEU N 99 10.97 4.16 31.14
CA LEU N 99 12.17 4.96 31.44
C LEU N 99 13.20 4.70 30.34
N THR N 100 14.01 5.72 30.01
CA THR N 100 15.20 5.67 29.11
C THR N 100 16.36 6.40 29.79
N THR N 101 17.60 5.93 29.65
CA THR N 101 18.77 6.41 30.43
C THR N 101 19.76 7.13 29.52
N SER N 102 20.76 7.79 30.11
CA SER N 102 21.86 8.48 29.39
C SER N 102 22.75 7.47 28.65
N LYS N 103 22.52 6.16 28.83
CA LYS N 103 23.41 5.07 28.33
C LYS N 103 22.67 4.20 27.36
N GLY N 104 21.42 4.54 27.00
CA GLY N 104 20.63 3.85 25.95
C GLY N 104 19.79 2.71 26.51
N LYS N 105 19.86 2.48 27.82
CA LYS N 105 19.06 1.45 28.48
C LYS N 105 17.67 2.02 28.55
N SER N 106 16.71 1.12 28.40
CA SER N 106 15.29 1.45 28.50
C SER N 106 14.53 0.27 29.09
N ILE N 107 13.41 0.57 29.78
CA ILE N 107 12.42 -0.43 30.28
C ILE N 107 11.03 0.11 29.99
N MET N 108 10.08 -0.80 30.02
CA MET N 108 8.65 -0.61 29.72
C MET N 108 7.97 -1.60 30.67
N ALA N 109 7.22 -1.08 31.66
CA ALA N 109 6.30 -1.88 32.51
C ALA N 109 4.86 -1.41 32.29
N GLY N 110 3.95 -2.38 32.09
CA GLY N 110 2.48 -2.19 32.13
C GLY N 110 1.94 -1.48 30.90
N TYR N 111 0.90 -0.68 31.10
CA TYR N 111 -0.08 -0.27 30.05
C TYR N 111 -0.21 1.25 30.06
N PHE N 112 -0.45 1.82 28.89
CA PHE N 112 -0.53 3.30 28.71
C PHE N 112 -1.81 3.58 27.93
N GLU N 113 -2.97 3.28 28.51
CA GLU N 113 -4.22 3.42 27.73
C GLU N 113 -5.12 4.57 28.18
N GLU N 114 -4.61 5.58 28.87
CA GLU N 114 -5.55 6.68 29.22
C GLU N 114 -4.84 8.03 29.28
N SER N 115 -4.24 8.32 30.42
CA SER N 115 -3.49 9.58 30.66
C SER N 115 -1.99 9.27 30.76
N LEU N 116 -1.13 10.24 30.42
CA LEU N 116 0.34 10.09 30.47
C LEU N 116 0.92 11.33 31.12
N ILE N 117 2.03 11.22 31.82
CA ILE N 117 2.89 12.39 32.14
C ILE N 117 4.28 12.05 31.59
N THR N 118 4.90 12.98 30.88
CA THR N 118 6.35 12.98 30.58
C THR N 118 6.97 13.81 31.70
N THR N 119 7.77 13.21 32.55
CA THR N 119 8.26 13.84 33.80
C THR N 119 9.50 14.69 33.54
N TYR N 120 9.97 15.34 34.59
CA TYR N 120 11.31 15.94 34.69
C TYR N 120 12.31 14.82 34.42
N THR N 121 13.54 15.19 34.13
CA THR N 121 14.63 14.23 33.87
C THR N 121 15.78 14.56 34.81
N GLY N 122 16.82 13.71 34.81
CA GLY N 122 18.05 13.77 35.64
C GLY N 122 18.31 12.48 36.42
N LYS N 123 19.10 12.63 37.50
CA LYS N 123 19.60 11.51 38.36
C LYS N 123 18.49 11.09 39.33
N LEU N 124 17.88 9.92 39.08
CA LEU N 124 16.73 9.42 39.88
C LEU N 124 17.20 9.16 41.32
N ALA N 125 16.58 9.87 42.26
CA ALA N 125 16.97 9.95 43.68
C ALA N 125 15.98 9.20 44.55
N GLY N 126 14.72 9.04 44.10
CA GLY N 126 13.70 8.34 44.90
C GLY N 126 12.35 8.24 44.21
N ILE N 127 11.35 7.78 44.96
CA ILE N 127 9.93 7.74 44.53
C ILE N 127 9.04 7.91 45.77
N LYS N 128 7.82 8.37 45.56
CA LYS N 128 6.85 8.82 46.59
C LYS N 128 5.49 8.52 45.96
N GLY N 129 4.53 8.02 46.70
CA GLY N 129 3.28 7.55 46.07
C GLY N 129 2.35 6.88 47.04
N GLY N 130 1.44 6.09 46.52
CA GLY N 130 0.45 5.40 47.35
C GLY N 130 0.14 4.05 46.75
N ALA N 131 0.01 3.04 47.61
CA ALA N 131 -0.06 1.63 47.20
C ALA N 131 -0.75 0.80 48.29
N GLY N 132 -1.58 -0.14 47.84
CA GLY N 132 -2.17 -1.25 48.60
C GLY N 132 -2.12 -2.51 47.75
N SER N 133 -3.25 -2.97 47.20
CA SER N 133 -3.24 -4.07 46.22
C SER N 133 -2.46 -3.63 44.96
N ASP N 134 -2.62 -2.35 44.58
CA ASP N 134 -2.12 -1.73 43.33
C ASP N 134 -1.16 -0.57 43.67
N ILE N 135 -0.39 -0.10 42.70
CA ILE N 135 0.23 1.25 42.80
C ILE N 135 -0.84 2.28 42.42
N ASP N 136 -1.38 2.95 43.45
CA ASP N 136 -2.48 3.93 43.32
C ASP N 136 -1.92 5.19 42.68
N ARG N 137 -0.64 5.50 42.92
CA ARG N 137 -0.13 6.83 42.62
C ARG N 137 1.40 6.73 42.71
N LEU N 138 2.08 7.37 41.78
CA LEU N 138 3.56 7.31 41.74
C LEU N 138 4.08 8.67 41.32
N GLY N 139 5.04 9.26 42.03
CA GLY N 139 5.80 10.43 41.56
C GLY N 139 7.28 10.16 41.71
N LEU N 140 8.07 10.44 40.69
CA LEU N 140 9.54 10.28 40.76
C LEU N 140 10.14 11.49 41.47
N ILE N 141 11.41 11.38 41.83
CA ILE N 141 12.20 12.43 42.55
C ILE N 141 13.61 12.39 41.99
N PHE N 142 14.22 13.55 41.67
CA PHE N 142 15.52 13.68 40.97
C PHE N 142 16.39 14.66 41.74
N LEU N 143 17.70 14.72 41.49
CA LEU N 143 18.63 15.77 42.03
C LEU N 143 18.72 17.00 41.11
N LYS N 144 18.96 18.19 41.68
CA LYS N 144 18.91 19.49 40.94
C LYS N 144 20.10 19.62 39.99
#